data_7BLR
#
_entry.id   7BLR
#
_cell.length_a   1.00
_cell.length_b   1.00
_cell.length_c   1.00
_cell.angle_alpha   90.00
_cell.angle_beta   90.00
_cell.angle_gamma   90.00
#
_symmetry.space_group_name_H-M   'P 1'
#
loop_
_entity.id
_entity.type
_entity.pdbx_description
1 polymer 'Vacuolar protein sorting-associated protein 35'
2 polymer 'Vacuolar protein sorting-associated protein 29'
#
loop_
_entity_poly.entity_id
_entity_poly.type
_entity_poly.pdbx_seq_one_letter_code
_entity_poly.pdbx_strand_id
1 'polypeptide(L)'
;MSTPAPPEEQARLLEDALIAVRQQTAMMRKFLDTPGKLMDALKCCSTLVSELRTSSLSPKQYYELYMAVFDALRYLSAHL
RENHPVNHLADLYELVQYAGNIIPRLYLMITVGTAYMSIDGAPVKELMKDMMDMSRGVQHPVRGLFLRYYLSGQARDYLP
TGDSDGPEGNLQDSINFILTNFVEMNKLWVRLQHQGHSRERDLRTQERRELQLLVGSNIVRLSQLVDLPTYRDSILGPLL
EQIVQCRDILAQEYLLEVITQVFPDEYHLHTLDQFLGAVSRLNPHVNVKAIVIGMMNRLSDYAERESQNEPEEDRAKLEE
EALAKLLEKTKLGQNSELEPQNGDHPDTEVSSTTDSAQAPSTADSDTTAVNGEEEPVRKRRGIPVNVPLYDIFFDQVQHL
VQAQHLPIQDTIALCCSLANLSLNIYPERLDYVDGILAYALAKVKEHANSADLHSQPAQQSLLSLLQSPLRRYVSIFTAL
SLPTYVSLFQAQTYPTRRAIAGEIVRTLLKNQTLISTPAHLENVLEILKVLIKEGSQPPAGYPGVVQPRARPLETDETME
EQGWLARLVHLIHSDDNDTQFRLLQMTRKAYAEGNERIRTTTPPLITAGLKLARRFKAREHYDDNWSSQSSSLFKFLHSA
ISTLYTRVNGPGVADLCLRLFCSCGQVADMTEFEEVAYEFFAQAFTVYEESISDSKAQFQAVCVIASALHRTRNFGRENY
DTLITKCAQHASKLLRKPDQCRAVYLASHLWWATPIAARGETEDTELYRDGKRVLECLQRALRVADSCMETATSIELFVE
ILDRYVYYFDQRNESVTTKYLNGLIELIHSNLAGNQQDSASVEASRKHFIQTLEMIQSKEFEGIVVAPK
;
A,C
2 'polypeptide(L)'
;SMAFLILVIGNLHIPDRALDIPPKFKKLLSPGKISQTLCLGNLTDRATYDYLRSISPDLKIVRGRMDVEATSLPLMQVVT
HGSLRIGFLEGFTLVSEEPDVLLAEANKLDVDVLCWAGGSHRFECFEYMDKFFVNPGSATGAFTTDWLAEGEEVVPSFCL
MDVQGISLTLYVYQLRKDENGTENVAVEKVTYTKPVEPTGAS
;
B,D
#
# COMPACT_ATOMS: atom_id res chain seq x y z
N ARG A 12 69.69 -44.84 -0.98
CA ARG A 12 68.91 -45.82 -1.72
C ARG A 12 69.80 -46.76 -2.51
N LEU A 13 69.23 -47.88 -2.95
CA LEU A 13 69.89 -48.77 -3.88
C LEU A 13 70.25 -48.02 -5.15
N LEU A 14 69.42 -47.04 -5.51
CA LEU A 14 69.69 -46.23 -6.69
C LEU A 14 71.01 -45.48 -6.55
N GLU A 15 71.22 -44.83 -5.40
CA GLU A 15 72.44 -44.06 -5.20
C GLU A 15 73.67 -44.95 -5.23
N ASP A 16 73.62 -46.08 -4.53
CA ASP A 16 74.76 -46.99 -4.51
C ASP A 16 75.05 -47.55 -5.90
N ALA A 17 74.01 -47.95 -6.62
CA ALA A 17 74.19 -48.50 -7.96
C ALA A 17 74.72 -47.42 -8.91
N LEU A 18 74.24 -46.19 -8.76
CA LEU A 18 74.72 -45.10 -9.60
C LEU A 18 76.19 -44.82 -9.32
N ILE A 19 76.58 -44.84 -8.05
CA ILE A 19 77.99 -44.61 -7.70
C ILE A 19 78.87 -45.72 -8.27
N ALA A 20 78.42 -46.96 -8.12
CA ALA A 20 79.19 -48.09 -8.63
C ALA A 20 79.34 -48.03 -10.14
N VAL A 21 78.23 -47.82 -10.84
CA VAL A 21 78.28 -47.76 -12.30
C VAL A 21 79.02 -46.51 -12.76
N ARG A 22 79.06 -45.48 -11.91
CA ARG A 22 79.81 -44.28 -12.25
C ARG A 22 81.31 -44.53 -12.19
N GLN A 23 81.77 -45.22 -11.15
CA GLN A 23 83.17 -45.63 -11.10
C GLN A 23 83.46 -46.61 -12.23
N GLN A 24 82.47 -47.44 -12.58
CA GLN A 24 82.62 -48.40 -13.66
C GLN A 24 82.83 -47.69 -15.00
N THR A 25 82.02 -46.66 -15.29
CA THR A 25 82.20 -45.93 -16.54
C THR A 25 83.43 -45.04 -16.47
N ALA A 26 83.85 -44.64 -15.27
CA ALA A 26 85.12 -43.92 -15.14
C ALA A 26 86.29 -44.80 -15.57
N MET A 27 86.35 -46.03 -15.06
CA MET A 27 87.41 -46.93 -15.52
C MET A 27 87.19 -47.34 -16.97
N MET A 28 85.94 -47.36 -17.43
CA MET A 28 85.68 -47.61 -18.84
C MET A 28 86.24 -46.49 -19.71
N ARG A 29 86.20 -45.25 -19.21
CA ARG A 29 86.83 -44.15 -19.92
C ARG A 29 88.35 -44.27 -19.87
N LYS A 30 88.89 -44.68 -18.71
CA LYS A 30 90.31 -44.98 -18.63
C LYS A 30 90.69 -46.02 -19.67
N PHE A 31 89.75 -46.92 -20.00
CA PHE A 31 89.98 -47.93 -21.02
C PHE A 31 89.92 -47.33 -22.42
N LEU A 32 88.88 -46.54 -22.70
CA LEU A 32 88.59 -46.18 -24.09
C LEU A 32 89.40 -44.98 -24.55
N ASP A 33 89.62 -43.99 -23.68
CA ASP A 33 90.41 -42.82 -24.07
C ASP A 33 91.86 -43.22 -24.35
N THR A 34 92.37 -44.21 -23.63
CA THR A 34 93.69 -44.75 -23.92
C THR A 34 93.55 -46.06 -24.67
N PRO A 35 93.69 -46.06 -26.00
CA PRO A 35 93.40 -47.27 -26.79
C PRO A 35 94.33 -48.44 -26.47
N GLY A 36 94.03 -49.60 -27.07
CA GLY A 36 94.79 -50.81 -26.80
C GLY A 36 94.22 -51.68 -25.69
N LYS A 37 93.29 -51.16 -24.90
CA LYS A 37 92.68 -51.89 -23.79
C LYS A 37 91.30 -52.42 -24.15
N LEU A 38 91.12 -52.91 -25.38
CA LEU A 38 89.78 -53.28 -25.85
C LEU A 38 89.20 -54.43 -25.05
N MET A 39 90.05 -55.35 -24.59
CA MET A 39 89.54 -56.53 -23.90
C MET A 39 88.95 -56.17 -22.54
N ASP A 40 89.70 -55.44 -21.72
CA ASP A 40 89.18 -55.03 -20.42
C ASP A 40 88.02 -54.05 -20.59
N ALA A 41 88.01 -53.27 -21.67
CA ALA A 41 86.88 -52.38 -21.91
C ALA A 41 85.61 -53.15 -22.23
N LEU A 42 85.73 -54.18 -23.07
CA LEU A 42 84.57 -55.04 -23.34
C LEU A 42 84.10 -55.74 -22.08
N LYS A 43 85.05 -56.22 -21.26
CA LYS A 43 84.67 -56.86 -20.01
C LYS A 43 83.98 -55.87 -19.07
N CYS A 44 84.44 -54.62 -19.07
CA CYS A 44 83.80 -53.59 -18.26
C CYS A 44 82.39 -53.31 -18.72
N CYS A 45 82.19 -53.22 -20.04
CA CYS A 45 80.83 -53.04 -20.57
C CYS A 45 79.94 -54.21 -20.19
N SER A 46 80.47 -55.43 -20.29
CA SER A 46 79.68 -56.61 -19.96
C SER A 46 79.28 -56.61 -18.49
N THR A 47 80.23 -56.32 -17.58
CA THR A 47 79.89 -56.32 -16.17
C THR A 47 79.03 -55.11 -15.79
N LEU A 48 79.11 -54.04 -16.59
CA LEU A 48 78.26 -52.89 -16.35
C LEU A 48 76.81 -53.20 -16.72
N VAL A 49 76.62 -53.93 -17.82
CA VAL A 49 75.28 -54.36 -18.19
C VAL A 49 74.82 -55.53 -17.33
N SER A 50 75.75 -56.20 -16.66
CA SER A 50 75.37 -57.18 -15.65
C SER A 50 74.56 -56.54 -14.53
N GLU A 51 74.91 -55.30 -14.15
CA GLU A 51 74.08 -54.57 -13.20
C GLU A 51 72.79 -54.09 -13.86
N LEU A 52 72.78 -53.96 -15.18
CA LEU A 52 71.56 -53.59 -15.88
C LEU A 52 70.54 -54.72 -15.93
N ARG A 53 70.98 -55.97 -15.89
CA ARG A 53 70.03 -57.05 -15.67
C ARG A 53 69.53 -57.08 -14.23
N THR A 54 70.36 -56.69 -13.28
CA THR A 54 69.89 -56.48 -11.92
C THR A 54 68.85 -55.37 -11.90
N SER A 55 67.61 -55.76 -11.66
CA SER A 55 66.50 -54.81 -11.66
C SER A 55 66.14 -54.33 -10.27
N SER A 56 67.10 -54.32 -9.34
CA SER A 56 66.89 -53.76 -8.02
C SER A 56 66.63 -52.27 -8.06
N LEU A 57 66.91 -51.62 -9.18
CA LEU A 57 66.56 -50.23 -9.39
C LEU A 57 65.09 -50.13 -9.78
N SER A 58 64.33 -49.39 -8.98
CA SER A 58 62.94 -49.16 -9.30
C SER A 58 62.84 -48.47 -10.65
N PRO A 59 61.75 -48.70 -11.39
CA PRO A 59 61.65 -48.17 -12.76
C PRO A 59 61.97 -46.69 -12.89
N LYS A 60 61.72 -45.90 -11.85
CA LYS A 60 62.20 -44.52 -11.87
C LYS A 60 63.69 -44.45 -11.56
N GLN A 61 64.13 -45.15 -10.51
CA GLN A 61 65.57 -45.27 -10.26
C GLN A 61 66.27 -45.94 -11.43
N TYR A 62 65.66 -47.01 -11.95
CA TYR A 62 66.22 -47.67 -13.13
C TYR A 62 66.25 -46.73 -14.32
N TYR A 63 65.25 -45.86 -14.45
CA TYR A 63 65.25 -44.89 -15.52
C TYR A 63 66.39 -43.90 -15.39
N GLU A 64 66.60 -43.39 -14.18
CA GLU A 64 67.70 -42.45 -13.96
C GLU A 64 69.04 -43.09 -14.24
N LEU A 65 69.25 -44.31 -13.72
CA LEU A 65 70.51 -45.00 -13.98
C LEU A 65 70.65 -45.32 -15.46
N TYR A 66 69.55 -45.62 -16.13
CA TYR A 66 69.60 -45.93 -17.55
C TYR A 66 69.92 -44.69 -18.36
N MET A 67 69.44 -43.52 -17.92
CA MET A 67 69.81 -42.28 -18.60
C MET A 67 71.28 -41.96 -18.38
N ALA A 68 71.77 -42.19 -17.16
CA ALA A 68 73.20 -42.02 -16.90
C ALA A 68 74.03 -42.91 -17.81
N VAL A 69 73.73 -44.21 -17.81
CA VAL A 69 74.49 -45.13 -18.63
C VAL A 69 74.23 -44.89 -20.10
N PHE A 70 73.13 -44.22 -20.44
CA PHE A 70 72.83 -43.96 -21.84
C PHE A 70 73.64 -42.77 -22.36
N ASP A 71 73.78 -41.73 -21.54
CA ASP A 71 74.67 -40.63 -21.93
C ASP A 71 76.12 -41.09 -21.94
N ALA A 72 76.49 -42.00 -21.02
CA ALA A 72 77.82 -42.59 -21.09
C ALA A 72 77.96 -43.52 -22.28
N LEU A 73 76.85 -44.13 -22.70
CA LEU A 73 76.85 -45.10 -23.78
C LEU A 73 76.91 -44.41 -25.13
N ARG A 74 76.45 -43.17 -25.20
CA ARG A 74 76.70 -42.38 -26.40
C ARG A 74 78.19 -42.17 -26.63
N TYR A 75 78.93 -41.92 -25.55
CA TYR A 75 80.38 -41.84 -25.65
C TYR A 75 80.99 -43.20 -25.93
N LEU A 76 80.39 -44.26 -25.37
CA LEU A 76 80.80 -45.61 -25.73
C LEU A 76 80.65 -45.84 -27.23
N SER A 77 79.57 -45.33 -27.81
CA SER A 77 79.35 -45.50 -29.24
C SER A 77 80.28 -44.61 -30.06
N ALA A 78 80.66 -43.47 -29.49
CA ALA A 78 81.70 -42.66 -30.12
C ALA A 78 83.01 -43.43 -30.17
N HIS A 79 83.42 -44.01 -29.05
CA HIS A 79 84.60 -44.87 -29.04
C HIS A 79 84.44 -46.05 -29.98
N LEU A 80 83.21 -46.55 -30.11
CA LEU A 80 82.92 -47.58 -31.10
C LEU A 80 83.30 -47.11 -32.49
N ARG A 81 82.65 -46.05 -32.98
CA ARG A 81 82.93 -45.47 -34.28
C ARG A 81 84.39 -45.07 -34.47
N GLU A 82 85.12 -44.84 -33.39
CA GLU A 82 86.51 -44.40 -33.49
C GLU A 82 87.51 -45.56 -33.50
N ASN A 83 87.17 -46.70 -32.88
CA ASN A 83 88.17 -47.76 -32.74
C ASN A 83 87.74 -49.02 -33.48
N HIS A 84 86.50 -49.47 -33.28
CA HIS A 84 86.03 -50.76 -33.78
C HIS A 84 85.96 -50.92 -35.29
N PRO A 85 85.81 -49.85 -36.09
CA PRO A 85 85.78 -50.03 -37.55
C PRO A 85 87.05 -50.61 -38.16
N VAL A 86 88.02 -51.04 -37.36
CA VAL A 86 89.31 -51.45 -37.90
C VAL A 86 89.25 -52.79 -38.61
N ASN A 87 89.04 -53.89 -37.89
CA ASN A 87 88.92 -55.17 -38.59
C ASN A 87 87.63 -55.96 -38.34
N HIS A 88 87.38 -56.34 -37.09
CA HIS A 88 86.38 -57.37 -36.79
C HIS A 88 86.28 -57.66 -35.29
N LEU A 89 85.24 -58.39 -34.89
CA LEU A 89 85.17 -59.05 -33.59
C LEU A 89 84.51 -60.41 -33.80
N ALA A 90 85.20 -61.47 -33.43
CA ALA A 90 84.81 -62.80 -33.88
C ALA A 90 84.09 -63.59 -32.79
N ASP A 91 82.77 -63.67 -32.94
CA ASP A 91 81.89 -64.65 -32.28
C ASP A 91 82.20 -64.87 -30.80
N LEU A 92 82.46 -63.79 -30.04
CA LEU A 92 82.58 -63.97 -28.60
C LEU A 92 81.24 -64.38 -27.98
N TYR A 93 80.13 -64.05 -28.65
CA TYR A 93 78.82 -64.46 -28.16
C TYR A 93 78.73 -65.97 -27.98
N GLU A 94 79.01 -66.73 -29.03
CA GLU A 94 78.93 -68.19 -28.92
C GLU A 94 80.06 -68.74 -28.07
N LEU A 95 81.19 -68.04 -28.01
CA LEU A 95 82.32 -68.52 -27.22
C LEU A 95 82.05 -68.43 -25.73
N VAL A 96 81.31 -67.42 -25.29
CA VAL A 96 80.96 -67.31 -23.88
C VAL A 96 79.55 -67.82 -23.59
N GLN A 97 79.00 -68.63 -24.47
CA GLN A 97 77.62 -69.12 -24.37
C GLN A 97 77.44 -70.23 -23.35
N TYR A 98 78.50 -70.60 -22.63
CA TYR A 98 78.47 -71.77 -21.74
C TYR A 98 77.42 -71.67 -20.65
N ALA A 99 77.07 -70.47 -20.17
CA ALA A 99 76.13 -70.36 -19.07
C ALA A 99 74.71 -70.34 -19.59
N GLY A 100 73.77 -70.78 -18.75
CA GLY A 100 72.37 -70.78 -19.13
C GLY A 100 71.78 -69.39 -19.24
N ASN A 101 72.49 -68.38 -18.73
CA ASN A 101 72.03 -67.01 -18.79
C ASN A 101 72.00 -66.52 -20.23
N ILE A 102 71.38 -65.36 -20.44
CA ILE A 102 71.35 -64.81 -21.79
C ILE A 102 71.94 -63.40 -21.82
N ILE A 103 71.59 -62.56 -20.84
CA ILE A 103 71.79 -61.11 -20.97
C ILE A 103 73.27 -60.71 -21.09
N PRO A 104 74.21 -61.31 -20.35
CA PRO A 104 75.62 -60.87 -20.50
C PRO A 104 76.16 -61.00 -21.92
N ARG A 105 76.17 -62.21 -22.47
CA ARG A 105 76.65 -62.41 -23.84
C ARG A 105 75.74 -61.69 -24.83
N LEU A 106 74.45 -61.60 -24.50
CA LEU A 106 73.52 -60.76 -25.24
C LEU A 106 74.09 -59.38 -25.46
N TYR A 107 74.36 -58.63 -24.38
CA TYR A 107 74.82 -57.26 -24.56
C TYR A 107 76.25 -57.22 -25.09
N LEU A 108 77.04 -58.25 -24.82
CA LEU A 108 78.36 -58.31 -25.44
C LEU A 108 78.25 -58.24 -26.96
N MET A 109 77.53 -59.20 -27.55
CA MET A 109 77.36 -59.20 -29.00
C MET A 109 76.54 -58.00 -29.46
N ILE A 110 75.77 -57.39 -28.56
CA ILE A 110 75.04 -56.19 -28.90
C ILE A 110 75.98 -55.01 -29.08
N THR A 111 76.94 -54.87 -28.18
CA THR A 111 77.99 -53.86 -28.34
C THR A 111 78.76 -54.12 -29.62
N VAL A 112 79.02 -55.40 -29.91
CA VAL A 112 79.69 -55.76 -31.16
C VAL A 112 78.87 -55.29 -32.36
N GLY A 113 77.56 -55.49 -32.32
CA GLY A 113 76.71 -55.10 -33.43
C GLY A 113 76.59 -53.60 -33.57
N THR A 114 76.59 -52.90 -32.43
CA THR A 114 76.60 -51.44 -32.47
C THR A 114 77.90 -50.93 -33.11
N ALA A 115 79.02 -51.58 -32.81
CA ALA A 115 80.26 -51.27 -33.51
C ALA A 115 80.13 -51.51 -35.00
N TYR A 116 79.57 -52.66 -35.39
CA TYR A 116 79.49 -53.00 -36.81
C TYR A 116 78.57 -52.05 -37.56
N MET A 117 77.47 -51.63 -36.93
CA MET A 117 76.60 -50.65 -37.56
C MET A 117 77.23 -49.27 -37.55
N SER A 118 78.12 -49.01 -36.58
CA SER A 118 78.85 -47.76 -36.58
C SER A 118 79.79 -47.68 -37.78
N ILE A 119 80.39 -48.81 -38.16
CA ILE A 119 81.24 -48.80 -39.36
C ILE A 119 80.41 -49.02 -40.62
N ASP A 120 79.74 -50.17 -40.73
CA ASP A 120 79.19 -50.62 -42.01
C ASP A 120 77.68 -50.73 -41.90
N GLY A 121 76.98 -50.21 -42.92
CA GLY A 121 75.54 -50.33 -42.96
C GLY A 121 75.04 -51.70 -43.38
N ALA A 122 75.86 -52.46 -44.09
CA ALA A 122 75.42 -53.76 -44.56
C ALA A 122 75.13 -54.77 -43.44
N PRO A 123 76.00 -55.02 -42.47
CA PRO A 123 75.77 -56.10 -41.50
C PRO A 123 74.66 -55.83 -40.50
N VAL A 124 73.91 -54.73 -40.62
CA VAL A 124 73.01 -54.33 -39.55
C VAL A 124 71.84 -55.31 -39.41
N LYS A 125 71.15 -55.62 -40.51
CA LYS A 125 69.94 -56.42 -40.41
C LYS A 125 70.26 -57.84 -39.98
N GLU A 126 71.41 -58.35 -40.42
CA GLU A 126 71.82 -59.68 -40.01
C GLU A 126 71.92 -59.80 -38.49
N LEU A 127 72.72 -58.95 -37.87
CA LEU A 127 72.89 -59.05 -36.43
C LEU A 127 71.63 -58.62 -35.69
N MET A 128 70.83 -57.75 -36.30
CA MET A 128 69.59 -57.33 -35.64
C MET A 128 68.58 -58.46 -35.59
N LYS A 129 68.40 -59.19 -36.70
CA LYS A 129 67.55 -60.35 -36.67
C LYS A 129 68.15 -61.44 -35.79
N ASP A 130 69.48 -61.50 -35.71
CA ASP A 130 70.12 -62.41 -34.76
C ASP A 130 69.69 -62.09 -33.33
N MET A 131 69.78 -60.81 -32.95
CA MET A 131 69.38 -60.39 -31.61
C MET A 131 67.91 -60.70 -31.37
N MET A 132 67.07 -60.47 -32.38
CA MET A 132 65.64 -60.66 -32.21
C MET A 132 65.28 -62.13 -32.12
N ASP A 133 66.00 -62.99 -32.85
CA ASP A 133 65.73 -64.42 -32.80
C ASP A 133 66.23 -65.03 -31.50
N MET A 134 67.48 -64.76 -31.13
CA MET A 134 68.00 -65.31 -29.90
C MET A 134 67.36 -64.67 -28.67
N SER A 135 66.52 -63.64 -28.86
CA SER A 135 65.82 -63.02 -27.75
C SER A 135 64.66 -63.86 -27.23
N ARG A 136 64.40 -65.02 -27.82
CA ARG A 136 63.37 -65.92 -27.31
C ARG A 136 63.66 -66.38 -25.88
N GLY A 137 64.93 -66.47 -25.50
CA GLY A 137 65.28 -66.87 -24.15
C GLY A 137 65.06 -65.80 -23.11
N VAL A 138 64.97 -64.54 -23.54
CA VAL A 138 64.73 -63.42 -22.63
C VAL A 138 63.24 -63.40 -22.31
N GLN A 139 62.87 -64.01 -21.18
CA GLN A 139 61.51 -63.92 -20.69
C GLN A 139 61.27 -62.64 -19.89
N HIS A 140 62.33 -61.91 -19.57
CA HIS A 140 62.19 -60.63 -18.88
C HIS A 140 61.74 -59.57 -19.88
N PRO A 141 60.51 -59.05 -19.78
CA PRO A 141 60.07 -58.08 -20.78
C PRO A 141 60.61 -56.68 -20.53
N VAL A 142 60.96 -56.37 -19.29
CA VAL A 142 61.51 -55.06 -18.97
C VAL A 142 62.89 -54.90 -19.59
N ARG A 143 63.75 -55.90 -19.40
CA ARG A 143 65.06 -55.88 -20.04
C ARG A 143 64.93 -55.87 -21.55
N GLY A 144 63.94 -56.59 -22.08
CA GLY A 144 63.71 -56.56 -23.52
C GLY A 144 63.39 -55.17 -24.03
N LEU A 145 62.48 -54.48 -23.36
CA LEU A 145 62.13 -53.12 -23.78
C LEU A 145 63.32 -52.17 -23.65
N PHE A 146 64.02 -52.23 -22.52
CA PHE A 146 65.19 -51.36 -22.35
C PHE A 146 66.21 -51.60 -23.45
N LEU A 147 66.47 -52.87 -23.77
CA LEU A 147 67.42 -53.22 -24.81
C LEU A 147 66.97 -52.70 -26.16
N ARG A 148 65.73 -52.98 -26.55
CA ARG A 148 65.27 -52.56 -27.87
C ARG A 148 65.21 -51.05 -27.98
N TYR A 149 64.90 -50.35 -26.88
CA TYR A 149 64.97 -48.90 -26.91
C TYR A 149 66.39 -48.41 -27.10
N TYR A 150 67.35 -49.07 -26.42
CA TYR A 150 68.74 -48.76 -26.66
C TYR A 150 69.11 -48.95 -28.13
N LEU A 151 68.66 -50.05 -28.72
CA LEU A 151 68.95 -50.32 -30.12
C LEU A 151 68.35 -49.25 -31.02
N SER A 152 67.09 -48.89 -30.77
CA SER A 152 66.43 -47.90 -31.59
C SER A 152 67.12 -46.55 -31.51
N GLY A 153 67.36 -46.06 -30.29
CA GLY A 153 68.08 -44.80 -30.13
C GLY A 153 69.47 -44.87 -30.73
N GLN A 154 70.08 -46.05 -30.73
CA GLN A 154 71.37 -46.21 -31.38
C GLN A 154 71.22 -46.27 -32.90
N ALA A 155 70.50 -47.28 -33.40
CA ALA A 155 70.29 -47.43 -34.84
C ALA A 155 69.43 -46.32 -35.42
N ARG A 156 68.97 -45.39 -34.59
CA ARG A 156 68.29 -44.20 -35.10
C ARG A 156 69.18 -43.49 -36.12
N ASP A 157 70.47 -43.45 -35.86
CA ASP A 157 71.44 -42.92 -36.79
C ASP A 157 71.96 -43.99 -37.75
N TYR A 158 71.46 -45.21 -37.65
CA TYR A 158 71.91 -46.32 -38.47
C TYR A 158 70.76 -47.06 -39.12
N LEU A 159 69.56 -46.56 -39.00
CA LEU A 159 68.57 -47.32 -39.74
C LEU A 159 68.35 -46.72 -41.12
N PRO A 160 68.45 -47.56 -42.16
CA PRO A 160 68.44 -47.05 -43.52
C PRO A 160 67.14 -46.37 -43.89
N THR A 161 67.17 -45.71 -45.05
CA THR A 161 66.11 -44.80 -45.45
C THR A 161 65.98 -44.86 -46.97
N GLY A 162 65.38 -43.85 -47.59
CA GLY A 162 65.14 -43.82 -49.04
C GLY A 162 66.32 -44.25 -49.90
N ASP A 163 67.51 -44.30 -49.32
CA ASP A 163 68.67 -44.91 -49.98
C ASP A 163 68.60 -46.43 -49.93
N SER A 164 67.42 -46.98 -49.63
CA SER A 164 67.22 -48.42 -49.62
C SER A 164 67.62 -49.02 -50.96
N ASP A 165 68.68 -49.82 -50.94
CA ASP A 165 69.29 -50.32 -52.15
C ASP A 165 69.40 -51.84 -52.20
N GLY A 166 69.12 -52.54 -51.11
CA GLY A 166 69.15 -53.99 -51.13
C GLY A 166 70.06 -54.69 -50.14
N PRO A 167 71.14 -54.03 -49.68
CA PRO A 167 71.90 -54.59 -48.55
C PRO A 167 71.02 -54.78 -47.33
N GLU A 168 71.45 -55.67 -46.43
CA GLU A 168 70.71 -55.94 -45.22
C GLU A 168 70.48 -54.65 -44.44
N GLY A 169 69.21 -54.26 -44.33
CA GLY A 169 68.87 -52.97 -43.79
C GLY A 169 68.44 -52.01 -44.88
N ASN A 170 67.15 -51.75 -44.98
CA ASN A 170 66.59 -50.76 -45.90
C ASN A 170 65.34 -50.16 -45.25
N LEU A 171 64.66 -49.27 -45.98
CA LEU A 171 63.37 -48.79 -45.50
C LEU A 171 62.48 -49.92 -45.03
N GLN A 172 62.32 -50.95 -45.87
CA GLN A 172 61.54 -52.11 -45.45
C GLN A 172 62.17 -52.78 -44.23
N ASP A 173 63.48 -53.02 -44.29
CA ASP A 173 64.12 -53.73 -43.19
C ASP A 173 64.25 -52.85 -41.95
N SER A 174 64.56 -51.57 -42.14
CA SER A 174 64.63 -50.69 -40.98
C SER A 174 63.27 -50.54 -40.34
N ILE A 175 62.21 -50.45 -41.15
CA ILE A 175 60.88 -50.33 -40.58
C ILE A 175 60.47 -51.64 -39.93
N ASN A 176 60.99 -52.76 -40.45
CA ASN A 176 60.75 -54.05 -39.81
C ASN A 176 61.39 -54.08 -38.44
N PHE A 177 62.67 -53.74 -38.37
CA PHE A 177 63.39 -53.74 -37.10
C PHE A 177 62.74 -52.80 -36.10
N ILE A 178 62.45 -51.57 -36.54
CA ILE A 178 61.88 -50.58 -35.64
C ILE A 178 60.47 -51.00 -35.22
N LEU A 179 59.74 -51.68 -36.11
CA LEU A 179 58.37 -52.05 -35.81
C LEU A 179 58.34 -53.22 -34.84
N THR A 180 59.21 -54.20 -35.03
CA THR A 180 59.24 -55.34 -34.10
C THR A 180 59.74 -54.91 -32.73
N ASN A 181 60.79 -54.07 -32.70
CA ASN A 181 61.22 -53.53 -31.42
C ASN A 181 60.08 -52.74 -30.78
N PHE A 182 59.40 -51.93 -31.57
CA PHE A 182 58.28 -51.14 -31.09
C PHE A 182 57.20 -52.01 -30.47
N VAL A 183 56.84 -53.09 -31.16
CA VAL A 183 55.71 -53.89 -30.71
C VAL A 183 56.11 -54.76 -29.53
N GLU A 184 57.36 -55.20 -29.48
CA GLU A 184 57.80 -55.97 -28.32
C GLU A 184 57.98 -55.10 -27.10
N MET A 185 58.46 -53.87 -27.30
CA MET A 185 58.47 -52.90 -26.22
C MET A 185 57.04 -52.56 -25.82
N ASN A 186 56.11 -52.62 -26.77
CA ASN A 186 54.70 -52.52 -26.43
C ASN A 186 54.26 -53.69 -25.57
N LYS A 187 54.77 -54.88 -25.87
CA LYS A 187 54.38 -56.06 -25.09
C LYS A 187 54.86 -55.91 -23.65
N LEU A 188 56.09 -55.46 -23.46
CA LEU A 188 56.46 -55.05 -22.11
C LEU A 188 55.50 -53.99 -21.60
N TRP A 189 55.47 -52.83 -22.27
CA TRP A 189 54.68 -51.69 -21.80
C TRP A 189 53.30 -52.12 -21.32
N VAL A 190 52.76 -53.20 -21.89
CA VAL A 190 51.55 -53.80 -21.36
C VAL A 190 51.85 -54.57 -20.09
N ARG A 191 52.70 -55.60 -20.17
CA ARG A 191 52.93 -56.46 -19.00
C ARG A 191 53.53 -55.68 -17.83
N LEU A 192 54.36 -54.69 -18.12
CA LEU A 192 54.90 -53.76 -17.15
C LEU A 192 53.83 -53.20 -16.24
N GLN A 193 52.62 -52.99 -16.77
CA GLN A 193 51.52 -52.57 -15.93
C GLN A 193 51.07 -53.70 -15.01
N HIS A 194 51.45 -54.93 -15.32
CA HIS A 194 50.91 -56.11 -14.66
C HIS A 194 51.97 -57.11 -14.22
N GLN A 195 53.23 -56.95 -14.64
CA GLN A 195 54.25 -57.90 -14.26
C GLN A 195 54.78 -57.60 -12.86
N GLY A 196 54.80 -58.65 -12.04
CA GLY A 196 55.09 -58.48 -10.63
C GLY A 196 53.88 -58.84 -9.80
N HIS A 197 53.83 -58.27 -8.60
CA HIS A 197 52.70 -58.50 -7.72
C HIS A 197 51.49 -57.70 -8.20
N SER A 198 50.31 -58.31 -8.04
CA SER A 198 49.08 -57.70 -8.54
C SER A 198 48.82 -56.33 -7.91
N ARG A 199 49.17 -56.15 -6.64
CA ARG A 199 48.97 -54.87 -5.97
C ARG A 199 49.91 -53.79 -6.46
N GLU A 200 50.93 -54.14 -7.25
CA GLU A 200 51.88 -53.17 -7.78
C GLU A 200 51.33 -52.45 -9.01
N ARG A 201 50.03 -52.61 -9.29
CA ARG A 201 49.50 -52.14 -10.57
C ARG A 201 49.53 -50.63 -10.67
N ASP A 202 49.42 -49.92 -9.54
CA ASP A 202 49.47 -48.47 -9.59
C ASP A 202 50.85 -47.96 -10.02
N LEU A 203 51.88 -48.36 -9.28
CA LEU A 203 53.25 -48.02 -9.66
C LEU A 203 53.58 -48.58 -11.04
N ARG A 204 52.89 -49.64 -11.46
CA ARG A 204 53.18 -50.24 -12.75
C ARG A 204 52.58 -49.44 -13.89
N THR A 205 51.37 -48.90 -13.70
CA THR A 205 50.84 -47.90 -14.61
C THR A 205 51.74 -46.67 -14.63
N GLN A 206 52.32 -46.33 -13.47
CA GLN A 206 53.31 -45.26 -13.44
C GLN A 206 54.48 -45.57 -14.35
N GLU A 207 55.01 -46.79 -14.28
CA GLU A 207 56.08 -47.22 -15.18
C GLU A 207 55.67 -47.10 -16.63
N ARG A 208 54.46 -47.60 -16.95
CA ARG A 208 53.93 -47.51 -18.29
C ARG A 208 53.94 -46.08 -18.80
N ARG A 209 53.39 -45.16 -18.01
CA ARG A 209 53.34 -43.76 -18.40
C ARG A 209 54.74 -43.16 -18.47
N GLU A 210 55.67 -43.65 -17.65
CA GLU A 210 57.02 -43.11 -17.66
C GLU A 210 57.77 -43.55 -18.91
N LEU A 211 57.45 -44.72 -19.44
CA LEU A 211 58.23 -45.28 -20.53
C LEU A 211 57.50 -45.29 -21.87
N GLN A 212 56.31 -44.68 -21.94
CA GLN A 212 55.63 -44.56 -23.24
C GLN A 212 56.50 -43.85 -24.27
N LEU A 213 57.21 -42.79 -23.88
CA LEU A 213 57.99 -42.04 -24.86
C LEU A 213 59.19 -42.83 -25.34
N LEU A 214 59.73 -43.71 -24.49
CA LEU A 214 60.83 -44.55 -24.91
C LEU A 214 60.41 -45.48 -26.05
N VAL A 215 59.10 -45.74 -26.16
CA VAL A 215 58.62 -46.57 -27.25
C VAL A 215 58.17 -45.68 -28.41
N GLY A 216 57.61 -44.51 -28.11
CA GLY A 216 57.25 -43.58 -29.15
C GLY A 216 58.43 -43.08 -29.94
N SER A 217 59.63 -43.13 -29.37
CA SER A 217 60.85 -42.80 -30.11
C SER A 217 60.94 -43.59 -31.40
N ASN A 218 60.40 -44.81 -31.42
CA ASN A 218 60.32 -45.57 -32.67
C ASN A 218 59.58 -44.77 -33.74
N ILE A 219 58.38 -44.30 -33.42
CA ILE A 219 57.63 -43.51 -34.39
C ILE A 219 58.36 -42.21 -34.70
N VAL A 220 58.98 -41.63 -33.69
CA VAL A 220 59.77 -40.41 -33.89
C VAL A 220 60.80 -40.63 -34.99
N ARG A 221 61.47 -41.78 -34.98
CA ARG A 221 62.36 -42.09 -36.08
C ARG A 221 61.59 -42.42 -37.35
N LEU A 222 60.37 -42.95 -37.20
CA LEU A 222 59.55 -43.22 -38.37
C LEU A 222 59.17 -41.93 -39.08
N SER A 223 59.32 -40.79 -38.41
CA SER A 223 58.99 -39.50 -38.99
C SER A 223 59.64 -39.26 -40.34
N GLN A 224 60.91 -39.68 -40.50
CA GLN A 224 61.70 -39.32 -41.67
C GLN A 224 61.69 -40.46 -42.68
N LEU A 225 60.56 -41.13 -42.83
CA LEU A 225 60.53 -42.46 -43.40
C LEU A 225 59.36 -42.56 -44.38
N VAL A 226 58.94 -43.81 -44.63
CA VAL A 226 58.19 -44.25 -45.80
C VAL A 226 57.05 -43.31 -46.20
N ASP A 227 56.89 -43.13 -47.51
CA ASP A 227 55.88 -42.27 -48.08
C ASP A 227 54.52 -42.94 -47.98
N LEU A 228 53.50 -42.18 -48.38
CA LEU A 228 52.11 -42.57 -48.15
C LEU A 228 51.78 -44.01 -48.56
N PRO A 229 52.11 -44.50 -49.76
CA PRO A 229 51.76 -45.89 -50.06
C PRO A 229 52.46 -46.86 -49.14
N THR A 230 53.78 -46.79 -49.09
CA THR A 230 54.54 -47.56 -48.12
C THR A 230 54.04 -47.30 -46.71
N TYR A 231 53.76 -46.05 -46.38
CA TYR A 231 53.19 -45.70 -45.09
C TYR A 231 51.99 -46.57 -44.76
N ARG A 232 50.93 -46.45 -45.56
CA ARG A 232 49.70 -47.15 -45.24
C ARG A 232 49.93 -48.65 -45.21
N ASP A 233 50.59 -49.17 -46.25
CA ASP A 233 50.78 -50.60 -46.30
C ASP A 233 51.52 -51.11 -45.08
N SER A 234 52.72 -50.59 -44.85
CA SER A 234 53.57 -51.03 -43.76
C SER A 234 53.01 -50.73 -42.37
N ILE A 235 52.02 -49.87 -42.25
CA ILE A 235 51.52 -49.46 -40.95
C ILE A 235 50.10 -49.94 -40.71
N LEU A 236 49.26 -49.91 -41.75
CA LEU A 236 47.86 -50.30 -41.55
C LEU A 236 47.74 -51.68 -40.92
N GLY A 237 48.47 -52.66 -41.42
CA GLY A 237 48.44 -53.97 -40.81
C GLY A 237 49.00 -54.01 -39.38
N PRO A 238 50.32 -53.91 -39.28
CA PRO A 238 50.99 -54.46 -38.07
C PRO A 238 50.61 -53.75 -36.79
N LEU A 239 50.72 -52.43 -36.77
CA LEU A 239 50.49 -51.72 -35.52
C LEU A 239 49.01 -51.75 -35.16
N LEU A 240 48.13 -51.74 -36.15
CA LEU A 240 46.71 -51.89 -35.87
C LEU A 240 46.41 -53.22 -35.22
N GLU A 241 47.08 -54.29 -35.66
CA GLU A 241 46.87 -55.58 -35.01
C GLU A 241 47.45 -55.57 -33.60
N GLN A 242 48.61 -54.93 -33.43
CA GLN A 242 49.12 -54.72 -32.08
C GLN A 242 48.07 -54.04 -31.21
N ILE A 243 47.37 -53.07 -31.77
CA ILE A 243 46.36 -52.33 -31.02
C ILE A 243 45.20 -53.25 -30.65
N VAL A 244 44.65 -53.94 -31.64
CA VAL A 244 43.51 -54.81 -31.37
C VAL A 244 43.90 -55.92 -30.41
N GLN A 245 45.19 -56.23 -30.30
CA GLN A 245 45.64 -57.23 -29.35
C GLN A 245 45.83 -56.68 -27.95
N CYS A 246 46.40 -55.47 -27.81
CA CYS A 246 46.66 -54.95 -26.47
C CYS A 246 45.40 -54.40 -25.83
N ARG A 247 44.60 -53.63 -26.57
CA ARG A 247 43.37 -53.02 -26.07
C ARG A 247 43.62 -52.18 -24.82
N ASP A 248 44.74 -51.46 -24.78
CA ASP A 248 45.06 -50.57 -23.68
C ASP A 248 44.74 -49.14 -24.09
N ILE A 249 44.12 -48.39 -23.18
CA ILE A 249 43.73 -47.02 -23.49
C ILE A 249 44.97 -46.18 -23.81
N LEU A 250 45.86 -46.04 -22.85
CA LEU A 250 47.02 -45.16 -23.02
C LEU A 250 47.87 -45.58 -24.20
N ALA A 251 47.92 -46.89 -24.48
CA ALA A 251 48.68 -47.37 -25.62
C ALA A 251 48.24 -46.69 -26.90
N GLN A 252 47.00 -46.92 -27.32
CA GLN A 252 46.52 -46.34 -28.58
C GLN A 252 46.45 -44.83 -28.50
N GLU A 253 46.15 -44.29 -27.30
CA GLU A 253 46.11 -42.84 -27.16
C GLU A 253 47.44 -42.23 -27.57
N TYR A 254 48.52 -42.59 -26.87
CA TYR A 254 49.85 -42.07 -27.19
C TYR A 254 50.25 -42.44 -28.61
N LEU A 255 49.84 -43.63 -29.05
CA LEU A 255 50.20 -44.08 -30.39
C LEU A 255 49.63 -43.16 -31.45
N LEU A 256 48.31 -42.98 -31.45
CA LEU A 256 47.68 -42.12 -32.42
C LEU A 256 48.14 -40.69 -32.25
N GLU A 257 48.51 -40.30 -31.04
CA GLU A 257 49.10 -38.98 -30.85
C GLU A 257 50.37 -38.83 -31.68
N VAL A 258 51.32 -39.74 -31.46
CA VAL A 258 52.57 -39.67 -32.19
C VAL A 258 52.32 -39.84 -33.67
N ILE A 259 51.29 -40.60 -34.02
CA ILE A 259 50.93 -40.78 -35.43
C ILE A 259 50.47 -39.46 -36.04
N THR A 260 49.49 -38.84 -35.39
CA THR A 260 49.03 -37.51 -35.76
C THR A 260 50.21 -36.60 -36.05
N GLN A 261 51.17 -36.57 -35.14
CA GLN A 261 52.24 -35.59 -35.27
C GLN A 261 53.40 -36.10 -36.13
N VAL A 262 53.33 -37.35 -36.60
CA VAL A 262 54.54 -37.97 -37.09
C VAL A 262 54.67 -37.86 -38.61
N PHE A 263 53.60 -38.14 -39.34
CA PHE A 263 53.75 -38.13 -40.78
C PHE A 263 52.97 -36.98 -41.39
N PRO A 264 53.38 -36.52 -42.58
CA PRO A 264 52.58 -35.53 -43.29
C PRO A 264 51.17 -36.04 -43.48
N ASP A 265 50.23 -35.26 -42.97
CA ASP A 265 48.89 -35.79 -42.74
C ASP A 265 48.11 -35.95 -44.03
N GLU A 266 48.71 -35.63 -45.19
CA GLU A 266 48.14 -36.15 -46.42
C GLU A 266 48.17 -37.66 -46.37
N TYR A 267 49.17 -38.21 -45.68
CA TYR A 267 49.13 -39.63 -45.36
C TYR A 267 47.92 -39.94 -44.50
N HIS A 268 47.83 -39.29 -43.35
CA HIS A 268 46.87 -39.71 -42.33
C HIS A 268 45.44 -39.53 -42.81
N LEU A 269 45.03 -38.29 -43.08
CA LEU A 269 43.62 -38.02 -43.35
C LEU A 269 43.11 -38.81 -44.54
N HIS A 270 43.99 -39.13 -45.49
CA HIS A 270 43.63 -40.04 -46.56
C HIS A 270 43.61 -41.48 -46.08
N THR A 271 44.12 -41.74 -44.89
CA THR A 271 44.00 -43.04 -44.24
C THR A 271 43.13 -42.95 -42.99
N LEU A 272 43.06 -41.78 -42.35
CA LEU A 272 42.30 -41.64 -41.12
C LEU A 272 40.83 -41.93 -41.34
N ASP A 273 40.36 -41.77 -42.57
CA ASP A 273 39.03 -42.27 -42.90
C ASP A 273 38.93 -43.78 -42.67
N GLN A 274 39.67 -44.57 -43.44
CA GLN A 274 39.63 -46.01 -43.23
C GLN A 274 40.31 -46.39 -41.92
N PHE A 275 41.17 -45.51 -41.39
CA PHE A 275 41.69 -45.76 -40.06
C PHE A 275 40.57 -45.72 -39.02
N LEU A 276 39.69 -44.73 -39.12
CA LEU A 276 38.49 -44.70 -38.31
C LEU A 276 37.63 -45.94 -38.54
N GLY A 277 37.46 -46.32 -39.80
CA GLY A 277 36.77 -47.55 -40.11
C GLY A 277 37.33 -48.76 -39.39
N ALA A 278 38.65 -48.80 -39.22
CA ALA A 278 39.27 -49.91 -38.49
C ALA A 278 39.11 -49.74 -36.98
N VAL A 279 39.34 -48.53 -36.47
CA VAL A 279 39.43 -48.33 -35.02
C VAL A 279 38.07 -48.02 -34.43
N SER A 280 36.99 -48.19 -35.18
CA SER A 280 35.66 -48.10 -34.59
C SER A 280 35.39 -49.18 -33.55
N ARG A 281 36.36 -50.02 -33.26
CA ARG A 281 36.22 -51.21 -32.43
C ARG A 281 36.33 -50.94 -30.94
N LEU A 282 36.47 -49.68 -30.54
CA LEU A 282 36.99 -49.38 -29.22
C LEU A 282 36.01 -49.77 -28.12
N ASN A 283 36.58 -50.20 -26.99
CA ASN A 283 35.79 -50.55 -25.84
C ASN A 283 35.20 -49.29 -25.21
N PRO A 284 34.05 -49.40 -24.52
CA PRO A 284 33.48 -48.20 -23.89
C PRO A 284 34.33 -47.65 -22.76
N HIS A 285 35.03 -48.50 -22.01
CA HIS A 285 35.89 -48.06 -20.92
C HIS A 285 37.23 -47.51 -21.41
N VAL A 286 37.46 -47.52 -22.72
CA VAL A 286 38.63 -46.88 -23.28
C VAL A 286 38.31 -45.42 -23.58
N ASN A 287 39.26 -44.53 -23.33
CA ASN A 287 39.07 -43.10 -23.53
C ASN A 287 39.06 -42.82 -25.03
N VAL A 288 37.97 -43.21 -25.68
CA VAL A 288 37.85 -42.99 -27.11
C VAL A 288 37.77 -41.49 -27.41
N LYS A 289 37.15 -40.73 -26.51
CA LYS A 289 36.85 -39.34 -26.80
C LYS A 289 38.12 -38.51 -26.90
N ALA A 290 39.10 -38.78 -26.04
CA ALA A 290 40.36 -38.06 -26.15
C ALA A 290 41.00 -38.32 -27.49
N ILE A 291 41.00 -39.58 -27.93
CA ILE A 291 41.47 -39.92 -29.26
C ILE A 291 40.74 -39.08 -30.30
N VAL A 292 39.42 -39.08 -30.23
CA VAL A 292 38.62 -38.40 -31.23
C VAL A 292 38.94 -36.92 -31.26
N ILE A 293 39.06 -36.31 -30.08
CA ILE A 293 39.21 -34.86 -30.03
C ILE A 293 40.61 -34.46 -30.44
N GLY A 294 41.61 -35.29 -30.14
CA GLY A 294 42.93 -35.03 -30.69
C GLY A 294 42.93 -35.12 -32.20
N MET A 295 42.23 -36.11 -32.74
CA MET A 295 42.04 -36.16 -34.17
C MET A 295 41.41 -34.87 -34.66
N MET A 296 40.25 -34.52 -34.10
CA MET A 296 39.56 -33.29 -34.46
C MET A 296 40.47 -32.09 -34.37
N ASN A 297 41.41 -32.11 -33.43
CA ASN A 297 42.40 -31.04 -33.35
C ASN A 297 43.24 -31.01 -34.61
N ARG A 298 43.81 -32.16 -34.97
CA ARG A 298 44.53 -32.26 -36.23
C ARG A 298 43.68 -31.77 -37.39
N LEU A 299 42.41 -32.15 -37.41
CA LEU A 299 41.54 -31.81 -38.52
C LEU A 299 41.20 -30.33 -38.51
N SER A 300 41.22 -29.71 -37.34
CA SER A 300 40.85 -28.31 -37.23
C SER A 300 42.00 -27.42 -37.69
N ASP A 301 43.17 -27.58 -37.07
CA ASP A 301 44.34 -26.86 -37.57
C ASP A 301 44.74 -27.38 -38.94
N TYR A 302 44.05 -28.41 -39.40
CA TYR A 302 44.09 -28.76 -40.82
C TYR A 302 43.26 -27.79 -41.63
N ALA A 303 41.95 -27.77 -41.38
CA ALA A 303 41.05 -27.06 -42.27
C ALA A 303 41.16 -25.55 -42.10
N GLU A 304 40.77 -25.03 -40.93
CA GLU A 304 40.58 -23.58 -40.87
C GLU A 304 41.88 -22.82 -40.67
N ARG A 305 43.00 -23.51 -40.57
CA ARG A 305 44.30 -22.86 -40.63
C ARG A 305 44.43 -22.30 -42.04
N GLU A 306 44.30 -20.98 -42.16
CA GLU A 306 43.97 -20.32 -43.42
C GLU A 306 45.03 -20.56 -44.48
N VAL A 387 35.98 -36.46 -50.20
CA VAL A 387 35.50 -37.27 -49.08
C VAL A 387 34.64 -36.33 -48.25
N PRO A 388 33.32 -36.44 -48.28
CA PRO A 388 32.54 -35.58 -47.39
C PRO A 388 32.84 -36.00 -45.95
N LEU A 389 34.01 -35.56 -45.50
CA LEU A 389 34.44 -35.76 -44.11
C LEU A 389 33.29 -35.52 -43.16
N TYR A 390 32.43 -34.55 -43.46
CA TYR A 390 31.14 -34.46 -42.80
C TYR A 390 30.46 -35.82 -42.82
N ASP A 391 30.09 -36.29 -44.01
CA ASP A 391 29.39 -37.56 -44.11
C ASP A 391 30.19 -38.68 -43.47
N ILE A 392 31.39 -38.94 -43.99
CA ILE A 392 32.16 -40.10 -43.57
C ILE A 392 32.44 -40.06 -42.07
N PHE A 393 33.08 -39.00 -41.61
CA PHE A 393 33.57 -38.97 -40.24
C PHE A 393 32.43 -38.79 -39.26
N PHE A 394 31.41 -38.01 -39.62
CA PHE A 394 30.23 -37.89 -38.78
C PHE A 394 29.53 -39.23 -38.63
N ASP A 395 29.41 -39.99 -39.71
CA ASP A 395 28.78 -41.29 -39.59
C ASP A 395 29.68 -42.27 -38.85
N GLN A 396 30.99 -42.08 -38.98
CA GLN A 396 31.94 -42.85 -38.19
C GLN A 396 31.69 -42.65 -36.71
N VAL A 397 31.69 -41.40 -36.27
CA VAL A 397 31.46 -41.11 -34.87
C VAL A 397 30.02 -41.43 -34.48
N GLN A 398 29.11 -41.39 -35.45
CA GLN A 398 27.76 -41.88 -35.22
C GLN A 398 27.79 -43.31 -34.77
N HIS A 399 28.34 -44.19 -35.61
CA HIS A 399 28.58 -45.57 -35.23
C HIS A 399 29.24 -45.65 -33.86
N LEU A 400 30.28 -44.84 -33.64
CA LEU A 400 31.05 -44.94 -32.41
C LEU A 400 30.18 -44.72 -31.18
N VAL A 401 29.61 -43.53 -31.05
CA VAL A 401 28.71 -43.25 -29.93
C VAL A 401 27.58 -44.26 -29.90
N GLN A 402 27.17 -44.74 -31.06
CA GLN A 402 26.22 -45.84 -31.13
C GLN A 402 26.86 -47.13 -30.65
N ALA A 403 28.10 -47.39 -31.07
CA ALA A 403 28.86 -48.51 -30.52
C ALA A 403 29.28 -48.25 -29.08
N GLN A 404 29.62 -47.01 -28.73
CA GLN A 404 29.85 -46.64 -27.35
C GLN A 404 28.51 -46.48 -26.66
N HIS A 405 28.55 -46.10 -25.39
CA HIS A 405 27.36 -45.65 -24.66
C HIS A 405 27.77 -44.36 -23.96
N LEU A 406 27.71 -43.25 -24.70
CA LEU A 406 28.25 -42.03 -24.15
C LEU A 406 27.20 -41.33 -23.31
N PRO A 407 27.46 -41.14 -22.02
CA PRO A 407 26.53 -40.37 -21.19
C PRO A 407 26.53 -38.92 -21.65
N ILE A 408 25.74 -38.10 -20.94
CA ILE A 408 25.64 -36.68 -21.26
C ILE A 408 27.01 -36.09 -21.57
N GLN A 409 27.99 -36.37 -20.70
CA GLN A 409 29.26 -35.67 -20.76
C GLN A 409 30.04 -36.00 -22.03
N ASP A 410 30.39 -37.28 -22.23
CA ASP A 410 31.15 -37.66 -23.41
C ASP A 410 30.39 -37.32 -24.67
N THR A 411 29.09 -37.61 -24.67
CA THR A 411 28.26 -37.29 -25.83
C THR A 411 28.43 -35.84 -26.23
N ILE A 412 28.06 -34.91 -25.36
CA ILE A 412 28.00 -33.51 -25.76
C ILE A 412 29.39 -32.94 -25.94
N ALA A 413 30.38 -33.48 -25.25
CA ALA A 413 31.75 -33.07 -25.51
C ALA A 413 32.11 -33.36 -26.96
N LEU A 414 31.89 -34.59 -27.40
CA LEU A 414 32.14 -34.92 -28.78
C LEU A 414 31.22 -34.14 -29.71
N CYS A 415 30.04 -33.79 -29.22
CA CYS A 415 29.10 -33.02 -30.03
C CYS A 415 29.64 -31.63 -30.34
N CYS A 416 30.03 -30.89 -29.30
CA CYS A 416 30.55 -29.54 -29.53
C CYS A 416 31.88 -29.59 -30.25
N SER A 417 32.67 -30.65 -30.02
CA SER A 417 33.89 -30.80 -30.77
C SER A 417 33.59 -31.02 -32.25
N LEU A 418 32.59 -31.85 -32.55
CA LEU A 418 32.10 -31.99 -33.91
C LEU A 418 31.66 -30.66 -34.46
N ALA A 419 31.00 -29.86 -33.63
CA ALA A 419 30.55 -28.54 -34.07
C ALA A 419 31.74 -27.71 -34.54
N ASN A 420 32.74 -27.55 -33.68
CA ASN A 420 33.94 -26.84 -34.08
C ASN A 420 34.58 -27.48 -35.29
N LEU A 421 34.52 -28.81 -35.38
CA LEU A 421 35.18 -29.50 -36.46
C LEU A 421 34.52 -29.19 -37.79
N SER A 422 33.19 -29.22 -37.82
CA SER A 422 32.46 -28.77 -38.99
C SER A 422 32.76 -27.30 -39.29
N LEU A 423 32.85 -26.49 -38.24
CA LEU A 423 33.22 -25.09 -38.41
C LEU A 423 34.60 -24.97 -39.03
N ASN A 424 35.40 -26.01 -38.89
CA ASN A 424 36.71 -26.00 -39.52
C ASN A 424 36.64 -26.48 -40.96
N ILE A 425 36.13 -27.70 -41.17
CA ILE A 425 36.16 -28.31 -42.50
C ILE A 425 35.14 -27.65 -43.42
N TYR A 426 33.88 -27.61 -43.01
CA TYR A 426 32.80 -27.11 -43.85
C TYR A 426 32.09 -25.94 -43.19
N PRO A 427 32.78 -24.82 -42.97
CA PRO A 427 32.05 -23.58 -42.67
C PRO A 427 31.01 -23.26 -43.72
N GLU A 428 31.39 -23.35 -44.99
CA GLU A 428 30.56 -22.84 -46.06
C GLU A 428 29.57 -23.88 -46.54
N ARG A 429 29.88 -25.16 -46.35
CA ARG A 429 28.93 -26.23 -46.65
C ARG A 429 27.92 -26.25 -45.50
N LEU A 430 27.16 -25.16 -45.39
CA LEU A 430 26.33 -24.95 -44.23
C LEU A 430 25.21 -25.98 -44.14
N ASP A 431 24.55 -26.25 -45.26
CA ASP A 431 23.48 -27.25 -45.29
C ASP A 431 23.81 -28.42 -44.40
N TYR A 432 25.00 -28.99 -44.55
CA TYR A 432 25.39 -30.11 -43.72
C TYR A 432 25.56 -29.69 -42.28
N VAL A 433 25.94 -28.44 -42.05
CA VAL A 433 26.12 -27.97 -40.68
C VAL A 433 24.78 -27.89 -39.96
N ASP A 434 23.76 -27.35 -40.64
CA ASP A 434 22.45 -27.31 -40.03
C ASP A 434 21.83 -28.70 -39.97
N GLY A 435 22.29 -29.60 -40.83
CA GLY A 435 21.95 -31.00 -40.64
C GLY A 435 22.49 -31.54 -39.34
N ILE A 436 23.78 -31.31 -39.08
CA ILE A 436 24.33 -31.59 -37.75
C ILE A 436 23.46 -30.98 -36.67
N LEU A 437 23.03 -29.75 -36.87
CA LEU A 437 22.14 -29.10 -35.92
C LEU A 437 20.90 -29.95 -35.67
N ALA A 438 20.07 -30.09 -36.69
CA ALA A 438 18.75 -30.67 -36.53
C ALA A 438 18.82 -32.19 -36.35
N TYR A 439 19.28 -32.89 -37.37
CA TYR A 439 19.17 -34.34 -37.37
C TYR A 439 20.44 -35.03 -36.90
N ALA A 440 21.41 -34.27 -36.40
CA ALA A 440 22.40 -34.87 -35.51
C ALA A 440 22.25 -34.31 -34.11
N LEU A 441 22.35 -33.00 -33.96
CA LEU A 441 22.51 -32.50 -32.61
C LEU A 441 21.19 -32.31 -31.87
N ALA A 442 20.15 -31.85 -32.56
CA ALA A 442 18.85 -31.75 -31.89
C ALA A 442 18.29 -33.13 -31.58
N LYS A 443 18.50 -34.07 -32.50
CA LYS A 443 18.05 -35.43 -32.25
C LYS A 443 18.81 -36.05 -31.10
N VAL A 444 20.10 -35.73 -30.96
CA VAL A 444 20.79 -36.12 -29.73
C VAL A 444 20.15 -35.44 -28.53
N LYS A 445 19.93 -34.12 -28.60
CA LYS A 445 19.39 -33.35 -27.49
C LYS A 445 18.17 -34.03 -26.89
N GLU A 446 17.11 -34.17 -27.66
CA GLU A 446 15.95 -34.85 -27.09
C GLU A 446 16.23 -36.32 -26.87
N HIS A 447 16.81 -36.98 -27.87
CA HIS A 447 17.31 -38.33 -27.72
C HIS A 447 18.10 -38.49 -26.43
N ALA A 448 18.88 -37.48 -26.07
CA ALA A 448 19.46 -37.48 -24.74
C ALA A 448 18.34 -37.30 -23.74
N ASN A 449 17.86 -38.41 -23.20
CA ASN A 449 16.84 -38.33 -22.16
C ASN A 449 17.51 -38.16 -20.82
N SER A 450 18.23 -37.05 -20.67
CA SER A 450 18.89 -36.74 -19.40
C SER A 450 18.20 -35.53 -18.79
N ALA A 451 17.90 -35.61 -17.49
CA ALA A 451 17.17 -34.56 -16.81
C ALA A 451 18.01 -33.28 -16.78
N ASP A 452 17.44 -32.22 -16.22
CA ASP A 452 18.14 -30.97 -16.07
C ASP A 452 19.52 -31.20 -15.47
N LEU A 453 20.54 -30.60 -16.09
CA LEU A 453 21.92 -30.92 -15.79
C LEU A 453 22.79 -29.69 -16.00
N HIS A 454 23.33 -29.16 -14.91
CA HIS A 454 24.25 -28.04 -14.99
C HIS A 454 25.56 -28.38 -14.30
N SER A 455 25.48 -29.09 -13.18
CA SER A 455 26.65 -29.75 -12.63
C SER A 455 27.36 -30.59 -13.68
N GLN A 456 26.60 -31.26 -14.53
CA GLN A 456 27.17 -31.80 -15.75
C GLN A 456 27.77 -30.67 -16.56
N PRO A 457 29.09 -30.62 -16.73
CA PRO A 457 29.66 -29.61 -17.64
C PRO A 457 29.25 -29.81 -19.08
N ALA A 458 28.57 -30.93 -19.37
CA ALA A 458 28.07 -31.15 -20.72
C ALA A 458 27.15 -30.03 -21.17
N GLN A 459 26.42 -29.41 -20.24
CA GLN A 459 25.68 -28.22 -20.60
C GLN A 459 26.60 -27.10 -21.06
N GLN A 460 27.73 -26.92 -20.38
CA GLN A 460 28.70 -25.94 -20.88
C GLN A 460 29.17 -26.33 -22.28
N SER A 461 29.38 -27.62 -22.51
CA SER A 461 29.78 -28.08 -23.84
C SER A 461 28.72 -27.74 -24.88
N LEU A 462 27.46 -27.94 -24.53
CA LEU A 462 26.39 -27.65 -25.47
C LEU A 462 26.26 -26.16 -25.72
N LEU A 463 26.45 -25.35 -24.68
CA LEU A 463 26.40 -23.91 -24.87
C LEU A 463 27.51 -23.47 -25.80
N SER A 464 28.74 -23.87 -25.48
CA SER A 464 29.85 -23.68 -26.41
C SER A 464 29.48 -24.14 -27.81
N LEU A 465 28.82 -25.29 -27.91
CA LEU A 465 28.38 -25.80 -29.19
C LEU A 465 27.48 -24.80 -29.88
N LEU A 466 26.43 -24.37 -29.20
CA LEU A 466 25.45 -23.46 -29.78
C LEU A 466 26.11 -22.18 -30.25
N GLN A 467 27.09 -21.71 -29.50
CA GLN A 467 27.67 -20.42 -29.82
C GLN A 467 28.85 -20.55 -30.76
N SER A 468 29.29 -21.78 -30.99
CA SER A 468 30.45 -22.01 -31.84
C SER A 468 30.32 -21.39 -33.22
N PRO A 469 29.18 -21.44 -33.91
CA PRO A 469 29.10 -20.66 -35.16
C PRO A 469 28.81 -19.22 -34.88
N LEU A 470 28.10 -18.94 -33.79
CA LEU A 470 28.03 -17.59 -33.28
C LEU A 470 29.42 -17.06 -33.00
N ARG A 471 30.12 -17.69 -32.05
CA ARG A 471 31.49 -17.28 -31.76
C ARG A 471 32.39 -17.43 -32.98
N ARG A 472 31.91 -18.11 -34.00
CA ARG A 472 32.76 -18.46 -35.13
C ARG A 472 32.56 -17.53 -36.31
N TYR A 473 31.33 -17.41 -36.80
CA TYR A 473 31.10 -16.52 -37.93
C TYR A 473 31.38 -15.08 -37.50
N VAL A 474 31.86 -14.28 -38.44
CA VAL A 474 31.67 -12.84 -38.32
C VAL A 474 30.28 -12.48 -38.82
N SER A 475 29.68 -13.35 -39.63
CA SER A 475 28.34 -13.18 -40.16
C SER A 475 27.50 -14.39 -39.79
N ILE A 476 26.89 -14.35 -38.59
CA ILE A 476 25.95 -15.40 -38.22
C ILE A 476 24.54 -15.04 -38.65
N PHE A 477 24.29 -13.76 -38.97
CA PHE A 477 23.01 -13.39 -39.54
C PHE A 477 22.67 -14.30 -40.71
N THR A 478 23.71 -14.74 -41.45
CA THR A 478 23.54 -15.83 -42.39
C THR A 478 22.94 -17.07 -41.72
N ALA A 479 23.49 -17.48 -40.58
CA ALA A 479 22.90 -18.62 -39.87
C ALA A 479 21.64 -18.21 -39.13
N LEU A 480 21.54 -16.94 -38.74
CA LEU A 480 20.29 -16.41 -38.23
C LEU A 480 19.14 -16.59 -39.21
N SER A 481 19.43 -16.65 -40.52
CA SER A 481 18.40 -16.98 -41.49
C SER A 481 17.97 -18.43 -41.42
N LEU A 482 18.47 -19.19 -40.44
CA LEU A 482 18.07 -20.58 -40.27
C LEU A 482 17.32 -20.79 -38.96
N PRO A 483 16.10 -21.32 -39.01
CA PRO A 483 15.42 -21.68 -37.75
C PRO A 483 15.98 -22.93 -37.12
N THR A 484 16.23 -23.98 -37.91
CA THR A 484 16.95 -25.14 -37.44
C THR A 484 18.33 -24.77 -36.94
N TYR A 485 18.73 -23.52 -37.13
CA TYR A 485 19.74 -22.91 -36.29
C TYR A 485 19.15 -22.49 -34.94
N VAL A 486 18.02 -21.77 -34.97
CA VAL A 486 17.52 -21.16 -33.73
C VAL A 486 16.41 -21.98 -33.10
N SER A 487 15.59 -22.66 -33.91
CA SER A 487 14.48 -23.42 -33.34
C SER A 487 14.98 -24.55 -32.44
N LEU A 488 16.29 -24.71 -32.35
CA LEU A 488 16.86 -25.67 -31.42
C LEU A 488 16.73 -25.21 -29.98
N PHE A 489 16.26 -23.98 -29.76
CA PHE A 489 16.43 -23.34 -28.47
C PHE A 489 15.44 -23.81 -27.43
N GLN A 490 14.25 -24.26 -27.85
CA GLN A 490 13.30 -24.79 -26.88
C GLN A 490 13.91 -25.92 -26.09
N ALA A 491 14.87 -26.61 -26.69
CA ALA A 491 15.54 -27.75 -26.09
C ALA A 491 16.51 -27.36 -24.99
N GLN A 492 16.50 -26.10 -24.53
CA GLN A 492 17.30 -25.72 -23.38
C GLN A 492 16.41 -25.39 -22.19
N THR A 493 16.94 -25.62 -20.99
CA THR A 493 16.16 -25.37 -19.78
C THR A 493 16.40 -23.97 -19.25
N TYR A 494 15.48 -23.54 -18.37
CA TYR A 494 15.49 -22.19 -17.81
C TYR A 494 16.90 -21.68 -17.53
N PRO A 495 17.74 -22.34 -16.73
CA PRO A 495 19.10 -21.81 -16.55
C PRO A 495 19.89 -21.74 -17.84
N THR A 496 19.97 -22.84 -18.59
CA THR A 496 20.55 -22.77 -19.93
C THR A 496 19.86 -21.75 -20.79
N ARG A 497 18.55 -21.59 -20.62
CA ARG A 497 17.82 -20.64 -21.43
C ARG A 497 18.35 -19.23 -21.25
N ARG A 498 18.44 -18.74 -20.01
CA ARG A 498 18.92 -17.36 -19.88
C ARG A 498 20.42 -17.29 -20.01
N ALA A 499 21.12 -18.41 -19.88
CA ALA A 499 22.51 -18.43 -20.30
C ALA A 499 22.61 -18.04 -21.76
N ILE A 500 22.02 -18.87 -22.62
CA ILE A 500 21.91 -18.55 -24.04
C ILE A 500 21.34 -17.15 -24.24
N ALA A 501 20.51 -16.69 -23.31
CA ALA A 501 19.98 -15.35 -23.44
C ALA A 501 21.08 -14.31 -23.32
N GLY A 502 21.88 -14.41 -22.27
CA GLY A 502 23.03 -13.52 -22.15
C GLY A 502 23.93 -13.58 -23.36
N GLU A 503 24.16 -14.79 -23.85
CA GLU A 503 25.05 -14.94 -25.01
C GLU A 503 24.46 -14.25 -26.23
N ILE A 504 23.19 -14.52 -26.52
CA ILE A 504 22.53 -13.96 -27.69
C ILE A 504 22.51 -12.44 -27.60
N VAL A 505 22.11 -11.90 -26.45
CA VAL A 505 22.08 -10.46 -26.33
C VAL A 505 23.46 -9.87 -26.55
N ARG A 506 24.49 -10.56 -26.07
CA ARG A 506 25.84 -10.09 -26.37
C ARG A 506 26.06 -10.00 -27.88
N THR A 507 25.81 -11.12 -28.56
CA THR A 507 25.87 -11.14 -30.01
C THR A 507 25.14 -9.97 -30.61
N LEU A 508 23.94 -9.71 -30.12
CA LEU A 508 23.07 -8.75 -30.76
C LEU A 508 23.35 -7.33 -30.29
N LEU A 509 24.16 -7.17 -29.27
CA LEU A 509 24.50 -5.84 -28.82
C LEU A 509 25.75 -5.32 -29.48
N LYS A 510 26.76 -6.17 -29.67
CA LYS A 510 27.99 -5.65 -30.24
C LYS A 510 27.78 -5.10 -31.64
N ASN A 511 26.75 -5.59 -32.34
CA ASN A 511 26.55 -5.32 -33.74
C ASN A 511 25.41 -4.32 -33.93
N GLN A 512 25.22 -3.89 -35.18
CA GLN A 512 24.10 -3.01 -35.53
C GLN A 512 23.32 -3.60 -36.70
N THR A 513 21.99 -3.44 -36.68
CA THR A 513 21.11 -4.20 -37.55
C THR A 513 20.94 -3.54 -38.92
N LEU A 514 21.06 -4.36 -39.96
CA LEU A 514 20.86 -3.98 -41.36
C LEU A 514 19.43 -4.24 -41.81
N ILE A 515 19.22 -4.23 -43.13
CA ILE A 515 17.88 -4.42 -43.67
C ILE A 515 17.31 -5.77 -43.23
N SER A 516 16.12 -5.75 -42.66
CA SER A 516 15.53 -6.95 -42.11
C SER A 516 14.22 -7.29 -42.80
N THR A 517 14.16 -8.47 -43.35
CA THR A 517 12.86 -9.05 -43.60
C THR A 517 12.19 -9.35 -42.27
N PRO A 518 10.94 -9.80 -42.29
CA PRO A 518 10.34 -10.32 -41.06
C PRO A 518 11.20 -11.35 -40.31
N ALA A 519 12.29 -11.85 -40.91
CA ALA A 519 13.04 -12.95 -40.33
C ALA A 519 13.58 -12.63 -38.94
N HIS A 520 14.25 -11.48 -38.79
CA HIS A 520 14.67 -11.06 -37.46
C HIS A 520 13.51 -11.11 -36.49
N LEU A 521 12.30 -10.87 -36.99
CA LEU A 521 11.16 -10.83 -36.10
C LEU A 521 10.79 -12.22 -35.60
N GLU A 522 10.89 -13.23 -36.45
CA GLU A 522 10.87 -14.60 -35.95
C GLU A 522 11.93 -14.78 -34.87
N ASN A 523 13.17 -14.42 -35.22
CA ASN A 523 14.28 -14.65 -34.30
C ASN A 523 14.00 -14.01 -32.96
N VAL A 524 13.33 -12.87 -32.97
CA VAL A 524 13.22 -12.11 -31.73
C VAL A 524 11.97 -12.53 -30.97
N LEU A 525 10.94 -12.99 -31.68
CA LEU A 525 9.90 -13.72 -30.98
C LEU A 525 10.53 -14.81 -30.14
N GLU A 526 11.34 -15.66 -30.78
CA GLU A 526 12.13 -16.60 -30.01
C GLU A 526 12.81 -15.90 -28.87
N ILE A 527 13.54 -14.84 -29.15
CA ILE A 527 14.39 -14.21 -28.16
C ILE A 527 13.59 -13.82 -26.94
N LEU A 528 12.47 -13.17 -27.15
CA LEU A 528 11.72 -12.60 -26.04
C LEU A 528 10.96 -13.66 -25.29
N LYS A 529 10.28 -14.55 -26.03
CA LYS A 529 9.59 -15.65 -25.40
C LYS A 529 10.57 -16.52 -24.64
N VAL A 530 11.86 -16.41 -24.96
CA VAL A 530 12.87 -16.95 -24.06
C VAL A 530 13.25 -15.92 -23.02
N LEU A 531 12.99 -14.64 -23.31
CA LEU A 531 13.57 -13.58 -22.50
C LEU A 531 12.91 -13.52 -21.14
N ILE A 532 11.65 -13.14 -21.08
CA ILE A 532 11.09 -13.10 -19.75
C ILE A 532 9.95 -14.09 -19.63
N LYS A 533 9.31 -14.37 -20.74
CA LYS A 533 8.59 -15.60 -20.91
C LYS A 533 9.56 -16.75 -20.58
N GLU A 534 9.04 -17.73 -19.83
CA GLU A 534 7.57 -17.84 -19.60
C GLU A 534 7.12 -17.12 -18.34
N GLY A 535 7.58 -17.58 -17.17
CA GLY A 535 7.24 -16.84 -15.98
C GLY A 535 7.98 -17.26 -14.75
N GLU A 554 15.15 -5.75 -7.35
CA GLU A 554 15.76 -4.89 -8.37
C GLU A 554 16.41 -5.80 -9.40
N THR A 555 16.14 -5.55 -10.68
CA THR A 555 16.62 -6.46 -11.72
C THR A 555 18.13 -6.32 -11.83
N ASP A 556 18.79 -7.08 -10.96
CA ASP A 556 20.18 -6.91 -10.58
C ASP A 556 21.08 -6.53 -11.74
N GLU A 557 20.82 -7.06 -12.92
CA GLU A 557 21.62 -6.76 -14.09
C GLU A 557 20.80 -6.32 -15.28
N THR A 558 19.59 -5.83 -15.04
CA THR A 558 18.63 -5.53 -16.09
C THR A 558 18.34 -6.77 -16.92
N MET A 559 18.74 -7.90 -16.34
CA MET A 559 19.47 -8.94 -17.06
C MET A 559 18.80 -9.36 -18.36
N GLU A 560 19.37 -8.95 -19.49
CA GLU A 560 20.11 -7.70 -19.61
C GLU A 560 19.06 -6.83 -20.26
N GLU A 561 17.84 -7.34 -20.17
CA GLU A 561 16.75 -6.97 -21.05
C GLU A 561 16.63 -5.49 -21.23
N GLN A 562 17.12 -4.70 -20.29
CA GLN A 562 16.91 -3.26 -20.38
C GLN A 562 17.88 -2.63 -21.36
N GLY A 563 19.18 -2.69 -21.08
CA GLY A 563 20.10 -2.33 -22.14
C GLY A 563 19.83 -3.12 -23.39
N TRP A 564 19.47 -4.38 -23.23
CA TRP A 564 18.97 -5.18 -24.33
C TRP A 564 17.81 -4.49 -25.03
N LEU A 565 16.64 -4.42 -24.40
CA LEU A 565 15.46 -3.87 -25.08
C LEU A 565 15.79 -2.55 -25.76
N ALA A 566 16.60 -1.73 -25.10
CA ALA A 566 17.01 -0.46 -25.68
C ALA A 566 17.60 -0.68 -27.05
N ARG A 567 18.72 -1.39 -27.11
CA ARG A 567 19.38 -1.55 -28.40
C ARG A 567 18.54 -2.40 -29.34
N LEU A 568 17.65 -3.22 -28.77
CA LEU A 568 16.73 -4.02 -29.57
C LEU A 568 15.83 -3.13 -30.39
N VAL A 569 15.04 -2.31 -29.72
CA VAL A 569 14.14 -1.41 -30.40
C VAL A 569 14.93 -0.39 -31.20
N HIS A 570 16.20 -0.20 -30.85
CA HIS A 570 16.97 0.80 -31.56
C HIS A 570 17.42 0.28 -32.92
N LEU A 571 17.99 -0.93 -32.94
CA LEU A 571 18.27 -1.62 -34.19
C LEU A 571 17.00 -1.83 -34.98
N ILE A 572 15.89 -1.88 -34.27
CA ILE A 572 14.61 -2.03 -34.94
C ILE A 572 14.33 -0.85 -35.84
N HIS A 573 14.79 0.35 -35.44
CA HIS A 573 14.63 1.52 -36.31
C HIS A 573 15.20 1.27 -37.69
N SER A 574 16.18 0.36 -37.80
CA SER A 574 16.73 0.01 -39.09
C SER A 574 15.64 -0.38 -40.08
N ASP A 575 14.52 -0.87 -39.58
CA ASP A 575 13.43 -1.25 -40.46
C ASP A 575 12.92 -0.03 -41.22
N ASP A 576 12.18 -0.31 -42.29
CA ASP A 576 11.64 0.76 -43.11
C ASP A 576 10.14 0.89 -42.88
N ASN A 577 9.61 2.06 -43.25
CA ASN A 577 8.34 2.53 -42.74
C ASN A 577 7.20 1.53 -42.94
N ASP A 578 6.91 1.18 -44.19
CA ASP A 578 5.70 0.41 -44.50
C ASP A 578 5.58 -0.80 -43.61
N THR A 579 6.62 -1.63 -43.56
CA THR A 579 6.57 -2.79 -42.70
C THR A 579 6.87 -2.41 -41.26
N GLN A 580 7.42 -1.21 -41.04
CA GLN A 580 7.75 -0.82 -39.68
C GLN A 580 6.53 -0.83 -38.77
N PHE A 581 5.36 -0.52 -39.31
CA PHE A 581 4.16 -0.57 -38.46
C PHE A 581 3.76 -1.99 -38.13
N ARG A 582 3.77 -2.88 -39.12
CA ARG A 582 3.43 -4.27 -38.89
C ARG A 582 4.36 -4.87 -37.85
N LEU A 583 5.65 -4.60 -38.00
CA LEU A 583 6.60 -5.13 -37.03
C LEU A 583 6.51 -4.36 -35.73
N LEU A 584 5.91 -3.17 -35.77
CA LEU A 584 5.58 -2.48 -34.56
C LEU A 584 4.53 -3.24 -33.79
N GLN A 585 3.49 -3.69 -34.49
CA GLN A 585 2.62 -4.69 -33.91
C GLN A 585 3.45 -5.77 -33.25
N MET A 586 4.26 -6.45 -34.06
CA MET A 586 5.13 -7.51 -33.56
C MET A 586 5.74 -7.14 -32.23
N THR A 587 6.42 -6.01 -32.19
CA THR A 587 7.00 -5.53 -30.94
C THR A 587 5.94 -5.45 -29.87
N ARG A 588 4.99 -4.55 -30.05
CA ARG A 588 4.14 -4.15 -28.94
C ARG A 588 3.51 -5.35 -28.28
N LYS A 589 2.71 -6.09 -29.03
CA LYS A 589 2.03 -7.21 -28.36
C LYS A 589 3.03 -8.27 -27.98
N ALA A 590 4.15 -8.36 -28.73
CA ALA A 590 5.24 -9.17 -28.24
C ALA A 590 5.56 -8.77 -26.83
N TYR A 591 5.17 -7.56 -26.45
CA TYR A 591 5.27 -7.20 -25.05
C TYR A 591 3.93 -7.38 -24.38
N ALA A 592 3.42 -8.60 -24.49
CA ALA A 592 2.25 -9.05 -23.75
C ALA A 592 2.62 -9.87 -22.52
N GLU A 593 3.75 -9.58 -21.90
CA GLU A 593 4.26 -10.49 -20.89
C GLU A 593 3.59 -10.33 -19.54
N GLY A 594 3.01 -9.19 -19.26
CA GLY A 594 2.57 -8.89 -17.92
C GLY A 594 3.30 -7.69 -17.35
N ASN A 595 2.96 -7.36 -16.13
CA ASN A 595 3.07 -5.98 -15.69
C ASN A 595 4.49 -5.46 -15.55
N GLU A 596 5.25 -5.92 -14.56
CA GLU A 596 6.30 -5.06 -14.00
C GLU A 596 7.55 -5.03 -14.87
N ARG A 597 7.39 -4.84 -16.16
CA ARG A 597 8.53 -4.78 -17.08
C ARG A 597 8.54 -3.54 -17.94
N ILE A 598 7.37 -3.07 -18.38
CA ILE A 598 7.30 -2.19 -19.53
C ILE A 598 7.69 -0.79 -19.16
N ARG A 599 7.71 -0.49 -17.86
CA ARG A 599 8.39 0.72 -17.41
C ARG A 599 9.80 0.74 -17.95
N THR A 600 10.45 -0.42 -17.92
CA THR A 600 11.79 -0.55 -18.44
C THR A 600 11.81 -0.53 -19.95
N THR A 601 10.70 -0.19 -20.59
CA THR A 601 10.54 -0.49 -22.00
C THR A 601 10.00 0.66 -22.83
N THR A 602 9.07 1.40 -22.31
CA THR A 602 8.07 1.96 -23.20
C THR A 602 8.50 3.21 -23.97
N PRO A 603 9.06 4.21 -23.32
CA PRO A 603 9.38 5.45 -24.04
C PRO A 603 10.10 5.16 -25.34
N PRO A 604 11.07 4.25 -25.34
CA PRO A 604 11.59 3.79 -26.63
C PRO A 604 10.50 3.46 -27.59
N LEU A 605 9.47 2.80 -27.11
CA LEU A 605 8.48 2.26 -28.03
C LEU A 605 7.63 3.38 -28.58
N ILE A 606 7.19 4.23 -27.67
CA ILE A 606 6.59 5.50 -28.03
C ILE A 606 7.36 6.10 -29.19
N THR A 607 8.64 6.32 -28.97
CA THR A 607 9.46 7.00 -29.95
C THR A 607 9.49 6.24 -31.26
N ALA A 608 9.61 4.92 -31.17
CA ALA A 608 9.58 4.11 -32.38
C ALA A 608 8.39 4.49 -33.22
N GLY A 609 7.20 4.41 -32.65
CA GLY A 609 6.02 4.80 -33.38
C GLY A 609 6.09 6.23 -33.86
N LEU A 610 6.54 7.13 -33.01
CA LEU A 610 6.34 8.55 -33.29
C LEU A 610 7.31 9.04 -34.34
N LYS A 611 8.45 8.41 -34.46
CA LYS A 611 9.37 8.81 -35.52
C LYS A 611 9.10 8.01 -36.78
N LEU A 612 8.52 6.82 -36.63
CA LEU A 612 7.90 6.19 -37.79
C LEU A 612 6.86 7.11 -38.39
N ALA A 613 6.20 7.90 -37.54
CA ALA A 613 5.30 8.92 -38.08
C ALA A 613 6.01 9.79 -39.09
N ARG A 614 7.24 10.23 -38.78
CA ARG A 614 7.93 11.10 -39.71
C ARG A 614 8.42 10.34 -40.93
N ARG A 615 8.93 9.13 -40.71
CA ARG A 615 9.35 8.32 -41.86
C ARG A 615 8.20 8.13 -42.82
N PHE A 616 7.03 7.73 -42.31
CA PHE A 616 5.82 7.69 -43.12
C PHE A 616 5.53 9.04 -43.75
N LYS A 617 5.64 10.10 -42.97
CA LYS A 617 5.22 11.42 -43.44
C LYS A 617 6.09 11.89 -44.58
N ALA A 618 7.28 11.30 -44.72
CA ALA A 618 8.15 11.62 -45.85
C ALA A 618 7.49 11.26 -47.18
N ARG A 619 6.31 10.65 -47.14
CA ARG A 619 5.57 10.28 -48.35
C ARG A 619 4.21 10.94 -48.43
N GLU A 620 3.93 11.92 -47.56
CA GLU A 620 2.65 12.61 -47.62
C GLU A 620 2.45 13.32 -48.95
N HIS A 621 3.52 13.76 -49.60
CA HIS A 621 3.45 14.33 -50.93
C HIS A 621 3.24 13.25 -51.98
N TYR A 622 3.31 12.00 -51.57
CA TYR A 622 3.13 10.86 -52.46
C TYR A 622 2.00 9.96 -52.00
N ASP A 623 1.10 10.45 -51.14
CA ASP A 623 0.06 9.62 -50.58
C ASP A 623 -1.12 10.48 -50.16
N ASP A 624 -2.29 9.85 -50.11
CA ASP A 624 -3.39 10.34 -49.28
C ASP A 624 -3.71 9.38 -48.15
N ASN A 625 -3.59 8.07 -48.41
CA ASN A 625 -3.76 7.05 -47.39
C ASN A 625 -2.76 7.21 -46.24
N TRP A 626 -1.72 8.01 -46.45
CA TRP A 626 -0.88 8.39 -45.32
C TRP A 626 -1.73 9.00 -44.22
N SER A 627 -2.87 9.60 -44.58
CA SER A 627 -3.88 9.88 -43.59
C SER A 627 -4.38 8.60 -42.95
N SER A 628 -4.68 7.58 -43.75
CA SER A 628 -5.20 6.35 -43.18
C SER A 628 -4.11 5.55 -42.49
N GLN A 629 -2.93 5.50 -43.09
CA GLN A 629 -1.82 4.83 -42.40
C GLN A 629 -1.49 5.58 -41.13
N SER A 630 -1.61 6.90 -41.13
CA SER A 630 -1.47 7.69 -39.93
C SER A 630 -2.53 7.33 -38.91
N SER A 631 -3.74 7.08 -39.38
CA SER A 631 -4.76 6.54 -38.49
C SER A 631 -4.24 5.27 -37.85
N SER A 632 -3.94 4.27 -38.67
CA SER A 632 -3.32 3.04 -38.19
C SER A 632 -2.30 3.34 -37.11
N LEU A 633 -1.47 4.35 -37.34
CA LEU A 633 -0.58 4.78 -36.28
C LEU A 633 -1.36 5.13 -35.04
N PHE A 634 -2.16 6.19 -35.09
CA PHE A 634 -2.88 6.66 -33.92
C PHE A 634 -3.51 5.53 -33.15
N LYS A 635 -4.11 4.60 -33.89
CA LYS A 635 -4.64 3.38 -33.29
C LYS A 635 -3.56 2.67 -32.50
N PHE A 636 -2.49 2.24 -33.17
CA PHE A 636 -1.45 1.48 -32.51
C PHE A 636 -0.84 2.25 -31.37
N LEU A 637 -0.76 3.57 -31.52
CA LEU A 637 -0.35 4.44 -30.46
C LEU A 637 -1.21 4.20 -29.24
N HIS A 638 -2.47 4.60 -29.34
CA HIS A 638 -3.44 4.35 -28.29
C HIS A 638 -3.33 2.92 -27.78
N SER A 639 -3.11 1.98 -28.69
CA SER A 639 -2.97 0.59 -28.31
C SER A 639 -1.92 0.47 -27.23
N ALA A 640 -0.69 0.85 -27.56
CA ALA A 640 0.36 0.87 -26.57
C ALA A 640 -0.03 1.70 -25.35
N ILE A 641 -0.66 2.84 -25.60
CA ILE A 641 -0.87 3.81 -24.53
C ILE A 641 -1.68 3.20 -23.41
N SER A 642 -2.85 2.67 -23.73
CA SER A 642 -3.58 1.90 -22.75
C SER A 642 -2.77 0.72 -22.28
N THR A 643 -2.11 0.03 -23.21
CA THR A 643 -1.32 -1.14 -22.84
C THR A 643 -0.46 -0.83 -21.64
N LEU A 644 0.05 0.38 -21.56
CA LEU A 644 0.75 0.79 -20.36
C LEU A 644 -0.21 1.29 -19.30
N TYR A 645 -1.23 2.04 -19.71
CA TYR A 645 -2.25 2.40 -18.72
C TYR A 645 -2.89 1.16 -18.17
N THR A 646 -2.91 0.09 -18.96
CA THR A 646 -3.27 -1.21 -18.44
C THR A 646 -2.47 -1.54 -17.19
N ARG A 647 -1.32 -0.92 -17.05
CA ARG A 647 -0.41 -1.12 -15.92
C ARG A 647 -0.40 0.09 -14.97
N VAL A 648 -1.38 0.23 -14.08
CA VAL A 648 -1.39 1.37 -13.17
C VAL A 648 -0.59 1.11 -11.90
N ASN A 649 -0.25 -0.16 -11.62
CA ASN A 649 0.20 -0.55 -10.30
C ASN A 649 1.49 0.12 -9.86
N GLY A 650 2.29 0.65 -10.78
CA GLY A 650 3.62 1.08 -10.43
C GLY A 650 3.72 2.53 -10.03
N PRO A 651 4.62 2.83 -9.10
CA PRO A 651 4.84 4.22 -8.71
C PRO A 651 5.62 4.97 -9.78
N GLY A 652 5.40 6.28 -9.86
CA GLY A 652 6.21 7.17 -10.67
C GLY A 652 6.30 6.81 -12.14
N VAL A 653 5.51 5.85 -12.62
CA VAL A 653 5.64 5.46 -14.01
C VAL A 653 4.53 6.06 -14.84
N ALA A 654 3.47 6.51 -14.18
CA ALA A 654 2.33 7.04 -14.91
C ALA A 654 2.65 8.41 -15.48
N ASP A 655 2.99 9.35 -14.60
CA ASP A 655 3.56 10.63 -14.98
C ASP A 655 4.38 10.52 -16.25
N LEU A 656 5.18 9.48 -16.33
CA LEU A 656 5.93 9.22 -17.53
C LEU A 656 5.00 9.15 -18.73
N CYS A 657 4.17 8.11 -18.80
CA CYS A 657 3.28 7.93 -19.93
C CYS A 657 2.45 9.18 -20.17
N LEU A 658 2.23 9.97 -19.13
CA LEU A 658 1.63 11.28 -19.33
C LEU A 658 2.48 12.08 -20.28
N ARG A 659 3.74 12.27 -19.89
CA ARG A 659 4.67 12.97 -20.76
C ARG A 659 4.75 12.30 -22.12
N LEU A 660 4.65 10.99 -22.14
CA LEU A 660 4.74 10.24 -23.38
C LEU A 660 3.58 10.59 -24.29
N PHE A 661 2.39 10.61 -23.72
CA PHE A 661 1.22 11.10 -24.41
C PHE A 661 1.47 12.49 -24.95
N CYS A 662 2.10 13.35 -24.15
CA CYS A 662 2.41 14.71 -24.59
C CYS A 662 3.31 14.68 -25.82
N SER A 663 4.28 13.78 -25.79
CA SER A 663 5.22 13.68 -26.89
C SER A 663 4.50 13.26 -28.16
N CYS A 664 3.70 12.20 -28.06
CA CYS A 664 2.90 11.79 -29.21
C CYS A 664 2.05 12.94 -29.71
N GLY A 665 1.54 13.74 -28.80
CA GLY A 665 0.73 14.87 -29.21
C GLY A 665 1.51 15.84 -30.06
N GLN A 666 2.63 16.33 -29.54
CA GLN A 666 3.43 17.25 -30.34
C GLN A 666 3.93 16.57 -31.60
N VAL A 667 4.04 15.25 -31.56
CA VAL A 667 4.35 14.50 -32.77
C VAL A 667 3.29 14.76 -33.82
N ALA A 668 2.05 14.36 -33.54
CA ALA A 668 0.97 14.57 -34.50
C ALA A 668 0.88 16.03 -34.91
N ASP A 669 1.13 16.93 -33.95
CA ASP A 669 1.30 18.34 -34.27
C ASP A 669 2.28 18.52 -35.41
N MET A 670 3.40 17.81 -35.32
CA MET A 670 4.41 17.89 -36.35
C MET A 670 4.04 17.04 -37.55
N THR A 671 3.31 15.94 -37.32
CA THR A 671 2.87 15.16 -38.48
C THR A 671 1.80 15.86 -39.27
N GLU A 672 1.38 17.05 -38.85
CA GLU A 672 0.52 17.93 -39.63
C GLU A 672 -0.88 17.35 -39.71
N PHE A 673 -1.04 16.09 -39.34
CA PHE A 673 -2.34 15.50 -39.18
C PHE A 673 -2.69 15.54 -37.70
N GLU A 674 -2.74 16.76 -37.17
CA GLU A 674 -2.83 16.94 -35.73
C GLU A 674 -4.26 16.84 -35.23
N GLU A 675 -5.17 16.29 -36.03
CA GLU A 675 -6.58 16.25 -35.65
C GLU A 675 -6.79 15.62 -34.28
N VAL A 676 -5.92 14.70 -33.88
CA VAL A 676 -6.22 13.88 -32.72
C VAL A 676 -5.35 14.23 -31.52
N ALA A 677 -4.16 14.79 -31.77
CA ALA A 677 -3.28 15.17 -30.68
C ALA A 677 -3.99 16.10 -29.71
N TYR A 678 -4.89 16.92 -30.25
CA TYR A 678 -5.89 17.59 -29.42
C TYR A 678 -6.43 16.65 -28.35
N GLU A 679 -6.94 15.50 -28.78
CA GLU A 679 -7.51 14.54 -27.85
C GLU A 679 -6.44 13.97 -26.93
N PHE A 680 -5.26 13.74 -27.48
CA PHE A 680 -4.16 13.29 -26.64
C PHE A 680 -3.94 14.25 -25.49
N PHE A 681 -3.94 15.53 -25.79
CA PHE A 681 -3.61 16.57 -24.82
C PHE A 681 -4.67 16.63 -23.73
N ALA A 682 -5.93 16.58 -24.13
CA ALA A 682 -7.00 16.52 -23.16
C ALA A 682 -6.84 15.31 -22.24
N GLN A 683 -6.79 14.11 -22.83
CA GLN A 683 -6.73 12.93 -21.99
C GLN A 683 -5.45 12.89 -21.18
N ALA A 684 -4.45 13.67 -21.61
CA ALA A 684 -3.25 13.84 -20.79
C ALA A 684 -3.58 14.58 -19.53
N PHE A 685 -4.28 15.70 -19.65
CA PHE A 685 -4.82 16.34 -18.46
C PHE A 685 -5.58 15.35 -17.61
N THR A 686 -6.36 14.51 -18.27
CA THR A 686 -7.17 13.55 -17.56
C THR A 686 -6.31 12.67 -16.68
N VAL A 687 -5.42 11.92 -17.31
CA VAL A 687 -4.61 10.94 -16.60
C VAL A 687 -3.74 11.63 -15.56
N TYR A 688 -3.43 12.92 -15.78
CA TYR A 688 -3.01 13.70 -14.64
C TYR A 688 -4.01 13.55 -13.52
N GLU A 689 -5.26 13.92 -13.80
CA GLU A 689 -6.19 14.02 -12.68
C GLU A 689 -6.30 12.67 -12.02
N GLU A 690 -6.00 11.61 -12.76
CA GLU A 690 -5.70 10.33 -12.12
C GLU A 690 -4.47 10.44 -11.24
N SER A 691 -3.38 10.93 -11.81
CA SER A 691 -2.07 10.75 -11.21
C SER A 691 -1.72 11.86 -10.23
N ILE A 692 -2.69 12.45 -9.55
CA ILE A 692 -2.44 13.57 -8.65
C ILE A 692 -2.06 13.04 -7.28
N SER A 693 -0.75 13.02 -6.99
CA SER A 693 -0.28 12.72 -5.64
C SER A 693 0.86 13.60 -5.12
N ASP A 694 1.73 14.14 -5.98
CA ASP A 694 2.88 14.89 -5.48
C ASP A 694 2.86 16.34 -5.95
N SER A 695 3.26 17.23 -5.04
CA SER A 695 3.33 18.65 -5.38
C SER A 695 4.36 18.93 -6.46
N LYS A 696 5.64 18.77 -6.13
CA LYS A 696 6.71 19.17 -7.05
C LYS A 696 6.62 18.39 -8.35
N ALA A 697 6.09 17.17 -8.27
CA ALA A 697 5.79 16.42 -9.47
C ALA A 697 4.95 17.27 -10.42
N GLN A 698 3.73 17.60 -10.02
CA GLN A 698 2.89 18.42 -10.88
C GLN A 698 3.57 19.74 -11.18
N PHE A 699 4.29 20.28 -10.22
CA PHE A 699 5.06 21.48 -10.50
C PHE A 699 5.77 21.35 -11.84
N GLN A 700 6.67 20.39 -11.92
CA GLN A 700 7.39 20.21 -13.17
C GLN A 700 6.44 19.72 -14.27
N ALA A 701 5.38 19.05 -13.87
CA ALA A 701 4.51 18.43 -14.85
C ALA A 701 3.77 19.47 -15.65
N VAL A 702 3.05 20.34 -14.96
CA VAL A 702 2.42 21.46 -15.63
C VAL A 702 3.46 22.37 -16.25
N CYS A 703 4.68 22.39 -15.70
CA CYS A 703 5.73 23.10 -16.41
C CYS A 703 5.88 22.55 -17.82
N VAL A 704 5.91 21.23 -17.93
CA VAL A 704 6.06 20.58 -19.22
C VAL A 704 4.84 20.83 -20.08
N ILE A 705 3.66 20.72 -19.47
CA ILE A 705 2.43 21.03 -20.17
C ILE A 705 2.55 22.38 -20.85
N ALA A 706 2.91 23.39 -20.06
CA ALA A 706 3.00 24.73 -20.58
C ALA A 706 4.01 24.81 -21.70
N SER A 707 5.18 24.21 -21.50
CA SER A 707 6.19 24.23 -22.55
C SER A 707 5.61 23.70 -23.84
N ALA A 708 5.14 22.46 -23.81
CA ALA A 708 4.61 21.82 -25.00
C ALA A 708 3.56 22.69 -25.67
N LEU A 709 2.51 23.05 -24.93
CA LEU A 709 1.44 23.82 -25.52
C LEU A 709 1.98 25.12 -26.10
N HIS A 710 2.92 25.74 -25.42
CA HIS A 710 3.53 26.97 -25.87
C HIS A 710 4.22 26.70 -27.20
N ARG A 711 4.65 25.47 -27.40
CA ARG A 711 5.24 25.10 -28.66
C ARG A 711 4.19 24.61 -29.63
N THR A 712 2.91 24.78 -29.31
CA THR A 712 1.81 24.42 -30.19
C THR A 712 1.16 25.71 -30.64
N ARG A 713 1.09 25.91 -31.96
CA ARG A 713 0.56 27.14 -32.52
C ARG A 713 -0.26 26.92 -33.78
N ASN A 714 -0.64 25.67 -34.08
CA ASN A 714 -1.24 25.36 -35.37
C ASN A 714 -2.68 24.89 -35.25
N PHE A 715 -3.14 24.63 -34.03
CA PHE A 715 -4.54 24.27 -33.82
C PHE A 715 -5.54 25.41 -34.02
N GLY A 716 -6.81 25.06 -34.18
CA GLY A 716 -7.88 26.03 -34.27
C GLY A 716 -8.35 26.51 -32.90
N ARG A 717 -9.16 27.58 -32.87
CA ARG A 717 -9.57 28.18 -31.60
C ARG A 717 -10.22 27.16 -30.67
N GLU A 718 -11.14 26.35 -31.20
CA GLU A 718 -11.76 25.28 -30.42
C GLU A 718 -10.70 24.38 -29.81
N ASN A 719 -9.48 24.44 -30.33
CA ASN A 719 -8.36 23.87 -29.63
C ASN A 719 -7.55 24.98 -28.98
N TYR A 720 -7.28 26.04 -29.75
CA TYR A 720 -6.30 27.06 -29.37
C TYR A 720 -6.67 27.71 -28.05
N ASP A 721 -7.73 28.53 -28.08
CA ASP A 721 -8.09 29.34 -26.95
C ASP A 721 -8.64 28.48 -25.82
N THR A 722 -9.41 27.46 -26.21
CA THR A 722 -9.90 26.49 -25.25
C THR A 722 -8.78 25.97 -24.38
N LEU A 723 -7.75 25.41 -24.99
CA LEU A 723 -6.68 24.80 -24.20
C LEU A 723 -5.91 25.85 -23.44
N ILE A 724 -5.82 27.06 -23.99
CA ILE A 724 -5.24 28.14 -23.21
C ILE A 724 -5.94 28.26 -21.87
N THR A 725 -7.27 28.40 -21.91
CA THR A 725 -8.01 28.53 -20.67
C THR A 725 -7.84 27.30 -19.80
N LYS A 726 -7.74 26.14 -20.41
CA LYS A 726 -7.65 24.90 -19.63
C LYS A 726 -6.36 24.89 -18.84
N CYS A 727 -5.26 25.22 -19.50
CA CYS A 727 -3.99 25.27 -18.79
C CYS A 727 -3.98 26.38 -17.76
N ALA A 728 -4.63 27.50 -18.07
CA ALA A 728 -4.83 28.52 -17.05
C ALA A 728 -5.47 27.92 -15.82
N GLN A 729 -6.50 27.10 -16.03
CA GLN A 729 -7.12 26.40 -14.91
C GLN A 729 -6.09 25.56 -14.17
N HIS A 730 -5.43 24.66 -14.90
CA HIS A 730 -4.39 23.84 -14.31
C HIS A 730 -3.52 24.65 -13.37
N ALA A 731 -2.97 25.74 -13.90
CA ALA A 731 -2.17 26.64 -13.07
C ALA A 731 -2.93 27.04 -11.81
N SER A 732 -4.12 27.58 -12.00
CA SER A 732 -4.91 28.09 -10.89
C SER A 732 -5.23 27.04 -9.83
N LYS A 733 -5.11 25.76 -10.17
CA LYS A 733 -5.63 24.71 -9.31
C LYS A 733 -4.64 24.25 -8.26
N LEU A 734 -3.75 25.11 -7.81
CA LEU A 734 -2.67 24.59 -7.00
C LEU A 734 -2.73 25.11 -5.58
N LEU A 735 -1.69 24.78 -4.82
CA LEU A 735 -1.77 24.89 -3.37
C LEU A 735 -0.79 25.91 -2.82
N ARG A 736 0.48 25.87 -3.25
CA ARG A 736 1.51 26.71 -2.67
C ARG A 736 2.01 27.75 -3.68
N LYS A 737 2.36 28.93 -3.16
CA LYS A 737 2.34 30.16 -3.95
C LYS A 737 3.43 30.29 -5.01
N PRO A 738 4.73 30.32 -4.65
CA PRO A 738 5.72 30.93 -5.55
C PRO A 738 5.84 30.24 -6.89
N ASP A 739 6.21 28.97 -6.85
CA ASP A 739 6.16 28.10 -8.01
C ASP A 739 4.92 28.33 -8.86
N GLN A 740 3.74 28.45 -8.22
CA GLN A 740 2.56 28.75 -8.99
C GLN A 740 2.77 30.00 -9.80
N CYS A 741 2.97 31.14 -9.11
CA CYS A 741 3.18 32.41 -9.80
C CYS A 741 4.15 32.23 -10.94
N ARG A 742 5.21 31.45 -10.70
CA ARG A 742 6.17 31.17 -11.74
C ARG A 742 5.48 30.68 -12.99
N ALA A 743 4.80 29.55 -12.88
CA ALA A 743 4.12 29.00 -14.04
C ALA A 743 3.08 29.97 -14.58
N VAL A 744 2.48 30.75 -13.69
CA VAL A 744 1.43 31.67 -14.11
C VAL A 744 1.98 32.62 -15.13
N TYR A 745 2.93 33.45 -14.72
CA TYR A 745 3.46 34.39 -15.68
C TYR A 745 4.22 33.70 -16.80
N LEU A 746 4.61 32.44 -16.61
CA LEU A 746 5.04 31.68 -17.76
C LEU A 746 3.92 31.54 -18.78
N ALA A 747 2.70 31.32 -18.32
CA ALA A 747 1.56 31.15 -19.20
C ALA A 747 0.90 32.47 -19.58
N SER A 748 1.45 33.20 -20.55
CA SER A 748 1.00 34.57 -20.75
C SER A 748 0.93 34.94 -22.22
N HIS A 749 0.34 34.11 -23.07
CA HIS A 749 0.77 34.13 -24.46
C HIS A 749 -0.34 34.19 -25.51
N LEU A 750 -1.24 35.18 -25.44
CA LEU A 750 -2.31 35.26 -26.43
C LEU A 750 -2.26 36.54 -27.26
N TRP A 751 -1.57 37.60 -26.78
CA TRP A 751 -1.78 38.94 -27.35
C TRP A 751 -0.54 39.66 -27.86
N TRP A 752 0.59 39.68 -27.14
CA TRP A 752 1.64 40.66 -27.48
C TRP A 752 3.01 40.01 -27.62
N ALA A 753 4.07 40.82 -27.51
CA ALA A 753 5.40 40.41 -27.94
C ALA A 753 6.01 39.38 -26.99
N THR A 754 5.84 38.09 -27.35
CA THR A 754 6.72 36.98 -26.97
C THR A 754 6.31 35.73 -27.73
N PRO A 755 7.24 34.81 -27.99
CA PRO A 755 8.70 34.97 -28.01
C PRO A 755 9.26 34.86 -29.43
N ILE A 756 10.57 35.03 -29.61
CA ILE A 756 11.18 35.04 -30.93
C ILE A 756 10.83 33.78 -31.72
N ALA A 757 10.70 32.66 -31.03
CA ALA A 757 10.35 31.41 -31.70
C ALA A 757 8.94 31.45 -32.28
N ALA A 758 8.14 32.44 -31.90
CA ALA A 758 6.79 32.59 -32.44
C ALA A 758 6.79 33.14 -33.86
N ARG A 759 7.43 32.44 -34.80
CA ARG A 759 7.34 32.74 -36.22
C ARG A 759 5.98 32.24 -36.70
N GLY A 760 4.92 32.99 -36.38
CA GLY A 760 3.58 32.52 -36.60
C GLY A 760 2.72 33.45 -37.43
N GLU A 761 1.98 32.86 -38.36
CA GLU A 761 1.10 33.62 -39.23
C GLU A 761 -0.30 33.73 -38.63
N THR A 762 -0.49 33.19 -37.43
CA THR A 762 -1.70 33.48 -36.66
C THR A 762 -1.73 34.92 -36.18
N GLU A 763 -0.56 35.56 -36.11
CA GLU A 763 -0.43 36.98 -35.79
C GLU A 763 0.58 37.68 -36.70
N ASP A 764 0.72 37.21 -37.95
CA ASP A 764 1.57 37.83 -38.98
C ASP A 764 3.04 37.86 -38.53
N THR A 765 3.62 36.67 -38.43
CA THR A 765 5.02 36.47 -38.09
C THR A 765 5.35 37.02 -36.72
N GLU A 766 4.33 37.32 -35.93
CA GLU A 766 4.55 38.02 -34.68
C GLU A 766 4.24 37.14 -33.48
N LEU A 767 4.25 37.78 -32.31
CA LEU A 767 4.36 37.13 -31.02
C LEU A 767 3.11 37.44 -30.19
N TYR A 768 2.86 36.64 -29.14
CA TYR A 768 1.49 36.64 -28.61
C TYR A 768 1.39 36.79 -27.08
N ARG A 769 2.45 36.64 -26.29
CA ARG A 769 2.57 37.37 -25.01
C ARG A 769 1.27 38.02 -24.53
N ASP A 770 0.25 37.23 -24.15
CA ASP A 770 -0.99 37.81 -23.60
C ASP A 770 -0.63 38.90 -22.59
N GLY A 771 -1.17 40.09 -22.82
CA GLY A 771 -0.90 41.19 -21.90
C GLY A 771 -1.85 41.32 -20.73
N LYS A 772 -3.08 41.76 -20.98
CA LYS A 772 -3.87 42.42 -19.94
C LYS A 772 -4.59 41.41 -19.06
N ARG A 773 -5.22 40.42 -19.67
CA ARG A 773 -5.94 39.42 -18.89
C ARG A 773 -5.00 38.61 -18.03
N VAL A 774 -3.96 38.04 -18.61
CA VAL A 774 -3.01 37.33 -17.78
C VAL A 774 -2.34 38.29 -16.81
N LEU A 775 -2.32 39.58 -17.14
CA LEU A 775 -1.78 40.56 -16.21
C LEU A 775 -2.63 40.66 -14.96
N GLU A 776 -3.94 40.81 -15.13
CA GLU A 776 -4.82 40.84 -13.97
C GLU A 776 -4.73 39.53 -13.21
N CYS A 777 -4.59 38.41 -13.91
CA CYS A 777 -4.34 37.15 -13.23
C CYS A 777 -3.05 37.24 -12.40
N LEU A 778 -2.04 37.93 -12.94
CA LEU A 778 -0.80 38.08 -12.20
C LEU A 778 -1.03 38.92 -10.95
N GLN A 779 -1.78 40.00 -11.08
CA GLN A 779 -2.09 40.82 -9.92
C GLN A 779 -2.81 40.00 -8.87
N ARG A 780 -3.76 39.17 -9.33
CA ARG A 780 -4.39 38.18 -8.46
C ARG A 780 -3.35 37.38 -7.70
N ALA A 781 -2.41 36.80 -8.43
CA ALA A 781 -1.37 36.00 -7.79
C ALA A 781 -0.58 36.81 -6.78
N LEU A 782 -0.29 38.06 -7.12
CA LEU A 782 0.49 38.90 -6.22
C LEU A 782 -0.24 39.12 -4.92
N ARG A 783 -1.52 39.49 -5.00
CA ARG A 783 -2.28 39.68 -3.78
C ARG A 783 -2.41 38.40 -2.98
N VAL A 784 -2.56 37.27 -3.67
CA VAL A 784 -2.57 35.99 -2.97
C VAL A 784 -1.27 35.80 -2.22
N ALA A 785 -0.16 36.12 -2.87
CA ALA A 785 1.15 35.99 -2.24
C ALA A 785 1.30 36.97 -1.09
N ASP A 786 0.54 38.07 -1.11
CA ASP A 786 0.57 39.00 0.01
C ASP A 786 0.12 38.35 1.30
N SER A 787 -0.49 37.16 1.22
CA SER A 787 -0.91 36.39 2.38
C SER A 787 0.18 35.48 2.92
N CYS A 788 1.41 35.60 2.41
CA CYS A 788 2.47 34.69 2.82
C CYS A 788 3.09 35.10 4.16
N MET A 789 3.46 36.37 4.28
CA MET A 789 4.23 36.88 5.42
C MET A 789 5.61 36.23 5.50
N GLU A 790 6.41 36.40 4.45
CA GLU A 790 7.80 35.99 4.47
C GLU A 790 8.63 36.98 3.67
N THR A 791 9.92 37.04 4.00
CA THR A 791 10.79 38.04 3.38
C THR A 791 11.30 37.58 2.01
N ALA A 792 12.03 36.46 1.97
CA ALA A 792 12.68 36.05 0.74
C ALA A 792 11.67 35.77 -0.36
N THR A 793 10.55 35.15 0.01
CA THR A 793 9.47 34.95 -0.95
C THR A 793 9.02 36.26 -1.56
N SER A 794 8.72 37.24 -0.72
CA SER A 794 8.30 38.54 -1.21
C SER A 794 9.36 39.15 -2.11
N ILE A 795 10.63 38.99 -1.72
CA ILE A 795 11.73 39.46 -2.55
C ILE A 795 11.63 38.88 -3.94
N GLU A 796 11.55 37.54 -4.03
CA GLU A 796 11.34 36.90 -5.31
C GLU A 796 10.17 37.55 -6.04
N LEU A 797 9.02 37.60 -5.37
CA LEU A 797 7.83 38.20 -5.97
C LEU A 797 8.17 39.47 -6.71
N PHE A 798 8.75 40.43 -5.99
CA PHE A 798 9.12 41.70 -6.61
C PHE A 798 10.05 41.48 -7.78
N VAL A 799 10.99 40.54 -7.63
CA VAL A 799 11.93 40.28 -8.72
C VAL A 799 11.19 39.98 -9.99
N GLU A 800 10.38 38.92 -9.98
CA GLU A 800 9.70 38.52 -11.20
C GLU A 800 8.72 39.59 -11.65
N ILE A 801 8.12 40.30 -10.70
CA ILE A 801 7.23 41.41 -11.03
C ILE A 801 7.93 42.36 -11.97
N LEU A 802 9.05 42.92 -11.52
CA LEU A 802 9.74 43.92 -12.33
C LEU A 802 10.35 43.29 -13.57
N ASP A 803 10.81 42.04 -13.44
CA ASP A 803 11.27 41.29 -14.61
C ASP A 803 10.25 41.40 -15.72
N ARG A 804 9.03 40.98 -15.45
CA ARG A 804 8.04 40.96 -16.51
C ARG A 804 7.56 42.35 -16.85
N TYR A 805 7.55 43.26 -15.88
CA TYR A 805 7.15 44.63 -16.17
C TYR A 805 8.04 45.25 -17.24
N VAL A 806 9.35 45.27 -17.00
CA VAL A 806 10.27 45.77 -18.02
C VAL A 806 10.23 44.88 -19.24
N TYR A 807 9.87 43.61 -19.05
CA TYR A 807 9.76 42.69 -20.16
C TYR A 807 8.67 43.16 -21.12
N TYR A 808 7.64 43.77 -20.58
CA TYR A 808 6.60 44.36 -21.40
C TYR A 808 7.02 45.68 -21.97
N PHE A 809 7.52 46.56 -21.10
CA PHE A 809 7.82 47.93 -21.51
C PHE A 809 8.83 47.96 -22.65
N ASP A 810 9.92 47.21 -22.51
CA ASP A 810 10.93 47.19 -23.57
C ASP A 810 10.42 46.48 -24.81
N GLN A 811 9.51 45.51 -24.66
CA GLN A 811 8.88 44.87 -25.80
C GLN A 811 7.61 45.58 -26.22
N ARG A 812 7.51 46.88 -25.95
CA ARG A 812 6.51 47.76 -26.55
C ARG A 812 5.11 47.38 -26.12
N ASN A 813 4.94 47.03 -24.85
CA ASN A 813 3.62 46.71 -24.33
C ASN A 813 3.02 47.97 -23.71
N GLU A 814 1.79 48.29 -24.10
CA GLU A 814 1.27 49.64 -23.94
C GLU A 814 0.82 49.93 -22.51
N SER A 815 -0.19 49.21 -22.02
CA SER A 815 -0.79 49.55 -20.73
C SER A 815 0.18 49.37 -19.57
N VAL A 816 1.36 48.80 -19.83
CA VAL A 816 2.42 48.70 -18.83
C VAL A 816 3.19 50.01 -18.93
N THR A 817 2.69 51.04 -18.27
CA THR A 817 3.27 52.37 -18.40
C THR A 817 4.41 52.57 -17.41
N THR A 818 5.36 53.42 -17.80
CA THR A 818 6.55 53.64 -16.99
C THR A 818 6.20 54.19 -15.60
N LYS A 819 5.00 54.74 -15.44
CA LYS A 819 4.61 55.27 -14.14
C LYS A 819 4.39 54.15 -13.14
N TYR A 820 3.58 53.15 -13.50
CA TYR A 820 3.44 51.95 -12.66
C TYR A 820 4.80 51.44 -12.24
N LEU A 821 5.71 51.31 -13.20
CA LEU A 821 6.96 50.61 -12.97
C LEU A 821 7.88 51.43 -12.06
N ASN A 822 8.03 52.72 -12.35
CA ASN A 822 8.86 53.56 -11.49
C ASN A 822 8.30 53.60 -10.07
N GLY A 823 7.00 53.86 -9.94
CA GLY A 823 6.41 53.91 -8.62
C GLY A 823 6.55 52.61 -7.86
N LEU A 824 6.39 51.48 -8.55
CA LEU A 824 6.41 50.21 -7.85
C LEU A 824 7.82 49.76 -7.51
N ILE A 825 8.80 50.07 -8.38
CA ILE A 825 10.17 49.74 -8.03
C ILE A 825 10.61 50.59 -6.85
N GLU A 826 10.17 51.85 -6.80
CA GLU A 826 10.50 52.65 -5.62
C GLU A 826 9.78 52.12 -4.39
N LEU A 827 8.54 51.67 -4.56
CA LEU A 827 7.80 51.08 -3.44
C LEU A 827 8.49 49.83 -2.93
N ILE A 828 8.96 48.99 -3.84
CA ILE A 828 9.63 47.76 -3.47
C ILE A 828 10.95 48.07 -2.78
N HIS A 829 11.70 49.02 -3.32
CA HIS A 829 12.94 49.44 -2.68
C HIS A 829 12.66 49.96 -1.28
N SER A 830 11.56 50.70 -1.11
CA SER A 830 11.28 51.32 0.18
C SER A 830 10.87 50.29 1.21
N ASN A 831 9.74 49.62 0.98
CA ASN A 831 9.28 48.61 1.92
C ASN A 831 10.34 47.55 2.15
N LEU A 832 11.09 47.22 1.09
CA LEU A 832 12.29 46.42 1.25
C LEU A 832 13.21 47.02 2.29
N ALA A 833 13.59 48.28 2.11
CA ALA A 833 14.50 48.89 3.07
C ALA A 833 13.77 49.32 4.34
N GLY A 834 12.56 49.84 4.20
CA GLY A 834 11.88 50.45 5.32
C GLY A 834 11.30 49.48 6.33
N ASN A 835 10.87 48.30 5.91
CA ASN A 835 10.22 47.40 6.85
C ASN A 835 10.65 45.95 6.69
N GLN A 836 11.79 45.67 6.06
CA GLN A 836 12.19 44.29 5.80
C GLN A 836 13.61 44.07 6.27
N GLN A 837 13.84 42.97 7.01
CA GLN A 837 15.11 42.72 7.66
C GLN A 837 16.15 42.19 6.67
N ASP A 838 17.42 42.36 7.02
CA ASP A 838 18.50 42.01 6.12
C ASP A 838 18.62 40.51 5.91
N SER A 839 19.08 40.14 4.72
CA SER A 839 19.54 38.81 4.35
C SER A 839 20.26 38.94 3.02
N ALA A 840 21.26 38.10 2.81
CA ALA A 840 22.07 38.19 1.59
C ALA A 840 21.19 38.21 0.34
N SER A 841 20.05 37.51 0.41
CA SER A 841 19.07 37.56 -0.66
C SER A 841 18.68 39.00 -0.98
N VAL A 842 18.46 39.81 0.06
CA VAL A 842 18.04 41.19 -0.14
C VAL A 842 19.05 41.94 -0.99
N GLU A 843 20.34 41.78 -0.69
CA GLU A 843 21.36 42.56 -1.38
C GLU A 843 21.59 42.04 -2.78
N ALA A 844 21.61 40.72 -2.96
CA ALA A 844 21.70 40.18 -4.31
C ALA A 844 20.53 40.65 -5.15
N SER A 845 19.35 40.76 -4.52
CA SER A 845 18.18 41.25 -5.23
C SER A 845 18.33 42.71 -5.60
N ARG A 846 18.89 43.52 -4.70
CA ARG A 846 19.10 44.92 -5.02
C ARG A 846 20.10 45.07 -6.15
N LYS A 847 21.12 44.21 -6.17
CA LYS A 847 22.01 44.15 -7.31
C LYS A 847 21.23 43.82 -8.59
N HIS A 848 20.46 42.75 -8.55
CA HIS A 848 19.60 42.41 -9.69
C HIS A 848 18.74 43.60 -10.09
N PHE A 849 18.31 44.36 -9.09
CA PHE A 849 17.36 45.43 -9.30
C PHE A 849 18.01 46.60 -10.02
N ILE A 850 19.18 47.01 -9.56
CA ILE A 850 19.90 48.09 -10.24
C ILE A 850 20.30 47.64 -11.63
N GLN A 851 20.63 46.36 -11.80
CA GLN A 851 20.81 45.82 -13.14
C GLN A 851 19.57 46.06 -13.99
N THR A 852 18.41 45.69 -13.47
CA THR A 852 17.17 45.92 -14.18
C THR A 852 17.02 47.38 -14.54
N LEU A 853 17.38 48.26 -13.62
CA LEU A 853 17.32 49.70 -13.90
C LEU A 853 18.17 50.05 -15.10
N GLU A 854 19.39 49.51 -15.16
CA GLU A 854 20.19 49.66 -16.37
C GLU A 854 19.44 49.13 -17.58
N MET A 855 18.63 48.11 -17.37
CA MET A 855 18.01 47.42 -18.49
C MET A 855 16.71 48.09 -18.91
N ILE A 856 16.25 49.09 -18.14
CA ILE A 856 14.98 49.70 -18.48
C ILE A 856 15.02 50.40 -19.84
N GLN A 857 16.19 50.82 -20.29
CA GLN A 857 16.33 51.53 -21.56
C GLN A 857 15.35 52.71 -21.65
N SER B 1 47.96 25.48 -17.24
CA SER B 1 46.87 24.89 -16.47
C SER B 1 46.40 23.59 -17.11
N MET B 2 45.53 23.73 -18.12
CA MET B 2 44.95 22.59 -18.82
C MET B 2 44.21 21.66 -17.86
N ALA B 3 43.62 22.23 -16.81
CA ALA B 3 43.01 21.40 -15.77
C ALA B 3 41.54 21.11 -16.02
N PHE B 4 40.76 22.12 -16.45
CA PHE B 4 39.31 21.98 -16.52
C PHE B 4 38.82 22.29 -17.94
N LEU B 5 38.86 21.27 -18.81
CA LEU B 5 38.13 21.34 -20.06
C LEU B 5 36.64 21.19 -19.75
N ILE B 6 35.86 22.21 -20.05
CA ILE B 6 34.45 22.23 -19.71
C ILE B 6 33.66 21.83 -20.95
N LEU B 7 33.44 20.53 -21.11
CA LEU B 7 32.66 20.04 -22.23
C LEU B 7 31.20 20.34 -21.98
N VAL B 8 30.49 20.80 -23.01
CA VAL B 8 29.05 20.98 -22.92
C VAL B 8 28.41 19.75 -23.54
N ILE B 9 28.29 18.69 -22.73
CA ILE B 9 27.66 17.47 -23.20
C ILE B 9 26.32 17.34 -22.49
N GLY B 10 25.30 17.04 -23.26
CA GLY B 10 23.95 17.09 -22.73
C GLY B 10 22.97 16.68 -23.81
N ASN B 11 21.69 16.98 -23.55
CA ASN B 11 20.61 16.54 -24.41
C ASN B 11 20.63 15.03 -24.54
N LEU B 12 20.78 14.37 -23.39
CA LEU B 12 21.05 12.94 -23.37
C LEU B 12 19.89 12.17 -23.98
N HIS B 13 18.69 12.31 -23.40
CA HIS B 13 17.47 11.70 -23.94
C HIS B 13 17.62 10.20 -24.10
N ILE B 14 18.34 9.57 -23.19
CA ILE B 14 18.65 8.15 -23.26
C ILE B 14 17.95 7.44 -22.11
N PRO B 15 16.95 6.61 -22.37
CA PRO B 15 16.49 6.24 -23.70
C PRO B 15 15.36 7.11 -24.19
N ASP B 16 15.33 8.36 -23.72
CA ASP B 16 14.18 9.20 -23.99
C ASP B 16 14.00 9.42 -25.47
N ARG B 17 14.91 10.15 -26.10
CA ARG B 17 14.99 10.23 -27.54
C ARG B 17 16.34 9.85 -28.09
N ALA B 18 17.19 9.17 -27.31
CA ALA B 18 18.49 8.74 -27.78
C ALA B 18 18.92 7.47 -27.05
N LEU B 19 19.96 6.82 -27.56
CA LEU B 19 20.57 5.70 -26.84
C LEU B 19 22.08 5.76 -26.74
N ASP B 20 22.80 6.31 -27.72
CA ASP B 20 24.24 6.19 -27.70
C ASP B 20 24.89 7.36 -28.42
N ILE B 21 26.08 7.69 -27.95
CA ILE B 21 26.90 8.69 -28.65
C ILE B 21 27.59 8.01 -29.82
N PRO B 22 27.79 8.71 -30.94
CA PRO B 22 28.62 8.17 -32.02
C PRO B 22 29.91 7.59 -31.48
N PRO B 23 30.35 6.45 -32.01
CA PRO B 23 31.48 5.72 -31.41
C PRO B 23 32.73 6.55 -31.27
N LYS B 24 33.14 7.26 -32.33
CA LYS B 24 34.32 8.11 -32.26
C LYS B 24 34.23 9.08 -31.11
N PHE B 25 33.12 9.81 -31.02
CA PHE B 25 33.01 10.84 -29.99
C PHE B 25 32.72 10.23 -28.63
N LYS B 26 32.06 9.07 -28.60
CA LYS B 26 31.84 8.39 -27.34
C LYS B 26 33.14 7.94 -26.71
N LYS B 27 34.02 7.34 -27.51
CA LYS B 27 35.33 6.96 -26.99
C LYS B 27 36.25 8.16 -26.83
N LEU B 28 35.94 9.25 -27.53
CA LEU B 28 36.58 10.52 -27.21
C LEU B 28 36.31 10.94 -25.78
N LEU B 29 35.41 10.25 -25.10
CA LEU B 29 35.06 10.54 -23.72
C LEU B 29 35.76 9.60 -22.75
N SER B 30 36.95 9.13 -23.09
CA SER B 30 37.66 8.23 -22.20
C SER B 30 38.19 8.99 -20.98
N PRO B 31 38.18 8.37 -19.81
CA PRO B 31 38.68 9.05 -18.61
C PRO B 31 40.16 9.34 -18.72
N GLY B 32 40.65 10.20 -17.84
CA GLY B 32 42.03 10.62 -17.87
C GLY B 32 42.30 11.80 -18.77
N LYS B 33 41.44 12.05 -19.75
CA LYS B 33 41.51 13.28 -20.54
C LYS B 33 41.14 14.50 -19.70
N ILE B 34 39.95 14.50 -19.13
CA ILE B 34 39.51 15.57 -18.25
C ILE B 34 39.07 14.96 -16.92
N SER B 35 39.40 15.66 -15.84
CA SER B 35 38.79 15.37 -14.54
C SER B 35 37.43 16.02 -14.41
N GLN B 36 36.99 16.73 -15.44
CA GLN B 36 35.77 17.51 -15.39
C GLN B 36 34.82 17.04 -16.48
N THR B 37 33.67 16.51 -16.05
CA THR B 37 32.59 16.12 -16.93
C THR B 37 31.35 16.92 -16.58
N LEU B 38 30.63 17.38 -17.60
CA LEU B 38 29.47 18.22 -17.42
C LEU B 38 28.25 17.49 -17.98
N CYS B 39 27.66 16.63 -17.17
CA CYS B 39 26.37 16.02 -17.49
C CYS B 39 25.28 16.94 -16.98
N LEU B 40 24.19 17.04 -17.73
CA LEU B 40 23.14 18.01 -17.42
C LEU B 40 21.78 17.37 -17.19
N GLY B 41 21.72 16.06 -16.92
CA GLY B 41 20.48 15.45 -16.46
C GLY B 41 19.63 14.85 -17.55
N ASN B 42 18.45 14.38 -17.13
CA ASN B 42 17.55 13.54 -17.94
C ASN B 42 18.38 12.57 -18.77
N LEU B 43 19.14 11.72 -18.08
CA LEU B 43 20.17 10.92 -18.73
C LEU B 43 19.58 9.95 -19.77
N THR B 44 18.61 9.11 -19.41
CA THR B 44 18.01 8.94 -18.10
C THR B 44 18.39 7.64 -17.45
N ASP B 45 18.36 6.56 -18.24
CA ASP B 45 18.30 5.22 -17.69
C ASP B 45 19.40 4.97 -16.68
N ARG B 46 19.13 4.05 -15.76
CA ARG B 46 20.07 3.77 -14.69
C ARG B 46 21.44 3.42 -15.27
N ALA B 47 21.44 2.61 -16.32
CA ALA B 47 22.69 2.27 -17.01
C ALA B 47 23.43 3.51 -17.44
N THR B 48 22.72 4.56 -17.82
CA THR B 48 23.41 5.81 -18.15
C THR B 48 24.19 6.31 -16.94
N TYR B 49 23.56 6.31 -15.77
CA TYR B 49 24.24 6.77 -14.56
C TYR B 49 25.43 5.88 -14.25
N ASP B 50 25.28 4.56 -14.43
CA ASP B 50 26.37 3.66 -14.11
C ASP B 50 27.56 3.89 -15.03
N TYR B 51 27.32 3.94 -16.34
CA TYR B 51 28.42 4.15 -17.27
C TYR B 51 29.04 5.52 -17.08
N LEU B 52 28.21 6.51 -16.73
CA LEU B 52 28.73 7.83 -16.40
C LEU B 52 29.70 7.73 -15.24
N ARG B 53 29.27 7.13 -14.14
CA ARG B 53 30.14 6.99 -12.98
C ARG B 53 31.43 6.29 -13.36
N SER B 54 31.34 5.24 -14.16
CA SER B 54 32.56 4.57 -14.61
C SER B 54 33.40 5.45 -15.51
N ILE B 55 32.80 6.48 -16.12
CA ILE B 55 33.48 7.21 -17.17
C ILE B 55 33.83 8.63 -16.72
N SER B 56 33.11 9.14 -15.72
CA SER B 56 33.13 10.57 -15.44
C SER B 56 33.87 10.81 -14.13
N PRO B 57 34.93 11.64 -14.17
CA PRO B 57 35.56 12.08 -12.92
C PRO B 57 34.88 13.27 -12.26
N ASP B 58 33.79 13.80 -12.81
CA ASP B 58 33.16 14.99 -12.23
C ASP B 58 31.64 14.80 -12.23
N LEU B 59 31.02 15.07 -11.10
CA LEU B 59 29.58 14.89 -10.90
C LEU B 59 28.96 16.20 -10.41
N LYS B 60 28.38 16.97 -11.32
CA LYS B 60 27.66 18.20 -11.01
C LYS B 60 26.52 18.37 -12.01
N ILE B 61 25.29 18.27 -11.53
CA ILE B 61 24.14 18.08 -12.40
C ILE B 61 23.08 19.12 -12.06
N VAL B 62 22.11 19.30 -12.95
CA VAL B 62 20.87 20.01 -12.68
C VAL B 62 19.76 18.97 -12.60
N ARG B 63 18.59 19.39 -12.13
CA ARG B 63 17.49 18.46 -11.96
C ARG B 63 16.64 18.38 -13.23
N GLY B 64 16.22 17.16 -13.60
CA GLY B 64 15.65 16.91 -14.91
C GLY B 64 14.31 16.20 -14.90
N ARG B 65 13.59 16.38 -16.00
CA ARG B 65 12.18 16.01 -16.08
C ARG B 65 11.95 14.52 -16.11
N MET B 66 12.56 13.80 -17.04
CA MET B 66 12.27 12.39 -17.23
C MET B 66 12.73 11.55 -16.07
N ASP B 67 13.05 12.16 -14.95
CA ASP B 67 13.84 11.54 -13.90
C ASP B 67 13.00 11.35 -12.63
N VAL B 68 12.57 10.09 -12.45
CA VAL B 68 11.53 9.78 -11.47
C VAL B 68 12.04 9.61 -10.06
N GLU B 69 13.16 8.93 -9.86
CA GLU B 69 13.54 8.51 -8.53
C GLU B 69 14.59 9.40 -7.90
N ALA B 70 15.63 9.79 -8.63
CA ALA B 70 16.64 10.68 -8.06
C ALA B 70 16.20 12.13 -8.23
N THR B 71 14.93 12.36 -7.90
CA THR B 71 14.42 13.72 -7.86
C THR B 71 15.09 14.54 -6.78
N SER B 72 15.97 13.91 -5.99
CA SER B 72 16.77 14.61 -5.00
C SER B 72 17.93 15.37 -5.60
N LEU B 73 18.37 14.99 -6.78
CA LEU B 73 19.59 15.59 -7.29
C LEU B 73 19.31 17.01 -7.75
N PRO B 74 20.21 17.95 -7.44
CA PRO B 74 19.82 19.36 -7.37
C PRO B 74 19.32 19.92 -8.68
N LEU B 75 18.56 21.00 -8.55
CA LEU B 75 18.09 21.76 -9.71
C LEU B 75 19.24 22.35 -10.49
N MET B 76 20.41 22.51 -9.88
CA MET B 76 21.51 23.24 -10.50
C MET B 76 22.73 23.08 -9.62
N GLN B 77 23.87 23.60 -10.09
CA GLN B 77 25.11 23.53 -9.36
C GLN B 77 26.03 24.64 -9.84
N VAL B 78 26.56 25.43 -8.90
CA VAL B 78 27.40 26.58 -9.21
C VAL B 78 28.86 26.15 -9.16
N VAL B 79 29.64 26.63 -10.13
CA VAL B 79 31.04 26.26 -10.29
C VAL B 79 31.86 27.53 -10.35
N THR B 80 33.13 27.44 -9.95
CA THR B 80 34.07 28.55 -10.06
C THR B 80 35.40 28.07 -10.61
N HIS B 81 35.78 28.61 -11.77
CA HIS B 81 37.11 28.44 -12.33
C HIS B 81 37.75 29.81 -12.35
N GLY B 82 38.89 29.94 -11.67
CA GLY B 82 39.35 31.28 -11.37
C GLY B 82 38.41 31.89 -10.36
N SER B 83 37.55 32.80 -10.82
CA SER B 83 36.69 33.54 -9.91
C SER B 83 35.25 33.67 -10.41
N LEU B 84 34.74 32.72 -11.18
CA LEU B 84 33.46 32.89 -11.86
C LEU B 84 32.34 32.15 -11.15
N ARG B 85 31.16 32.78 -11.09
CA ARG B 85 29.93 32.13 -10.66
C ARG B 85 29.23 31.59 -11.89
N ILE B 86 29.18 30.27 -12.00
CA ILE B 86 28.86 29.59 -13.25
C ILE B 86 27.47 28.98 -13.13
N GLY B 87 26.60 29.31 -14.08
CA GLY B 87 25.26 28.77 -14.13
C GLY B 87 25.07 27.88 -15.35
N PHE B 88 24.49 26.71 -15.11
CA PHE B 88 24.24 25.74 -16.18
C PHE B 88 22.88 25.12 -15.97
N LEU B 89 22.21 24.81 -17.07
CA LEU B 89 20.86 24.28 -17.02
C LEU B 89 20.48 23.72 -18.37
N GLU B 90 19.19 23.42 -18.51
CA GLU B 90 18.65 23.02 -19.80
C GLU B 90 18.04 24.22 -20.52
N GLY B 91 17.12 24.92 -19.87
CA GLY B 91 16.28 25.92 -20.50
C GLY B 91 14.81 25.63 -20.38
N PHE B 92 14.44 24.56 -19.67
CA PHE B 92 13.05 24.15 -19.55
C PHE B 92 12.26 25.06 -18.63
N THR B 93 12.84 25.52 -17.53
CA THR B 93 12.12 26.27 -16.51
C THR B 93 11.41 27.49 -17.07
N LEU B 94 12.01 28.20 -18.02
CA LEU B 94 11.32 29.35 -18.59
C LEU B 94 10.47 28.90 -19.77
N VAL B 95 9.42 29.69 -20.04
CA VAL B 95 8.57 29.44 -21.18
C VAL B 95 9.28 29.77 -22.49
N SER B 96 10.24 30.67 -22.48
CA SER B 96 10.90 31.13 -23.69
C SER B 96 12.41 31.03 -23.51
N GLU B 97 13.13 31.69 -24.39
CA GLU B 97 14.59 31.68 -24.42
C GLU B 97 15.15 33.05 -24.09
N GLU B 98 14.32 33.94 -23.56
CA GLU B 98 14.65 35.35 -23.55
C GLU B 98 15.88 35.61 -22.70
N PRO B 99 17.02 35.90 -23.34
CA PRO B 99 18.29 35.99 -22.61
C PRO B 99 18.22 36.90 -21.41
N ASP B 100 17.37 37.92 -21.48
CA ASP B 100 17.25 38.81 -20.35
C ASP B 100 16.47 38.16 -19.21
N VAL B 101 15.42 37.42 -19.51
CA VAL B 101 14.73 36.66 -18.46
C VAL B 101 15.63 35.55 -17.95
N LEU B 102 16.41 34.95 -18.85
CA LEU B 102 17.40 33.98 -18.42
C LEU B 102 18.33 34.59 -17.38
N LEU B 103 18.97 35.70 -17.72
CA LEU B 103 19.89 36.31 -16.77
C LEU B 103 19.16 36.83 -15.55
N ALA B 104 17.86 37.11 -15.69
CA ALA B 104 17.06 37.40 -14.51
C ALA B 104 17.13 36.23 -13.55
N GLU B 105 16.72 35.05 -13.99
CA GLU B 105 16.81 33.87 -13.12
C GLU B 105 18.24 33.64 -12.67
N ALA B 106 19.21 33.93 -13.53
CA ALA B 106 20.61 33.76 -13.15
C ALA B 106 20.96 34.61 -11.94
N ASN B 107 20.53 35.88 -11.96
CA ASN B 107 20.74 36.75 -10.81
C ASN B 107 19.96 36.24 -9.61
N LYS B 108 18.82 35.59 -9.85
CA LYS B 108 18.10 34.94 -8.77
C LYS B 108 18.91 33.79 -8.20
N LEU B 109 19.87 33.29 -8.97
CA LEU B 109 20.80 32.27 -8.47
C LEU B 109 22.24 32.75 -8.42
N ASP B 110 22.52 33.98 -8.87
CA ASP B 110 23.82 34.63 -8.72
C ASP B 110 24.94 33.85 -9.42
N VAL B 111 24.86 33.77 -10.74
CA VAL B 111 25.91 33.20 -11.57
C VAL B 111 26.14 34.09 -12.77
N ASP B 112 27.40 34.22 -13.18
CA ASP B 112 27.72 35.07 -14.30
C ASP B 112 28.00 34.28 -15.58
N VAL B 113 28.18 32.96 -15.47
CA VAL B 113 28.31 32.10 -16.63
C VAL B 113 26.97 31.46 -16.89
N LEU B 114 26.55 31.45 -18.15
CA LEU B 114 25.18 31.13 -18.50
C LEU B 114 25.18 30.13 -19.64
N CYS B 115 24.93 28.87 -19.33
CA CYS B 115 24.96 27.79 -20.31
C CYS B 115 23.74 26.90 -20.13
N TRP B 116 23.21 26.40 -21.24
CA TRP B 116 21.99 25.60 -21.22
C TRP B 116 21.86 24.82 -22.51
N ALA B 117 20.88 23.91 -22.54
CA ALA B 117 20.59 23.12 -23.73
C ALA B 117 19.09 22.81 -23.76
N GLY B 118 18.33 23.70 -24.39
CA GLY B 118 16.88 23.74 -24.23
C GLY B 118 16.11 22.86 -25.19
N GLY B 119 14.98 23.41 -25.66
CA GLY B 119 14.01 22.68 -26.47
C GLY B 119 13.93 23.11 -27.93
N SER B 120 14.71 24.10 -28.35
CA SER B 120 14.84 24.40 -29.76
C SER B 120 16.08 23.76 -30.34
N HIS B 121 17.10 23.59 -29.50
CA HIS B 121 18.25 22.73 -29.77
C HIS B 121 19.12 23.30 -30.89
N ARG B 122 19.71 24.47 -30.64
CA ARG B 122 20.59 25.07 -31.64
C ARG B 122 21.91 25.45 -30.99
N PHE B 123 22.94 25.62 -31.82
CA PHE B 123 24.14 26.29 -31.36
C PHE B 123 24.13 27.75 -31.83
N GLU B 124 24.29 28.66 -30.87
CA GLU B 124 24.45 30.08 -31.12
C GLU B 124 24.93 30.72 -29.83
N CYS B 125 25.76 31.75 -29.99
CA CYS B 125 26.35 32.42 -28.85
C CYS B 125 26.63 33.87 -29.21
N PHE B 126 26.41 34.75 -28.24
CA PHE B 126 26.74 36.17 -28.34
C PHE B 126 26.41 36.81 -27.02
N GLU B 127 26.69 38.10 -26.92
CA GLU B 127 26.37 38.87 -25.74
C GLU B 127 25.32 39.93 -26.07
N TYR B 128 24.36 40.09 -25.16
CA TYR B 128 23.43 41.20 -25.24
C TYR B 128 23.09 41.58 -23.81
N MET B 129 23.10 42.88 -23.53
CA MET B 129 22.87 43.39 -22.18
C MET B 129 23.91 42.83 -21.21
N ASP B 130 25.17 42.82 -21.66
CA ASP B 130 26.36 42.68 -20.83
C ASP B 130 26.56 41.27 -20.28
N LYS B 131 25.89 40.27 -20.84
CA LYS B 131 26.13 38.90 -20.42
C LYS B 131 26.16 37.98 -21.64
N PHE B 132 26.79 36.82 -21.47
CA PHE B 132 27.12 35.94 -22.59
C PHE B 132 26.16 34.76 -22.64
N PHE B 133 25.90 34.29 -23.85
CA PHE B 133 24.84 33.33 -24.12
C PHE B 133 25.48 32.04 -24.61
N VAL B 134 25.13 30.92 -23.97
CA VAL B 134 25.72 29.63 -24.26
C VAL B 134 24.63 28.58 -24.45
N ASN B 135 24.37 28.19 -25.69
CA ASN B 135 23.59 26.99 -25.98
C ASN B 135 24.10 26.31 -27.24
N PRO B 136 24.46 25.03 -27.19
CA PRO B 136 25.04 24.37 -28.36
C PRO B 136 24.08 23.54 -29.18
N GLY B 137 22.80 23.47 -28.81
CA GLY B 137 21.97 22.49 -29.46
C GLY B 137 22.15 21.12 -28.82
N SER B 138 21.68 20.09 -29.51
CA SER B 138 21.65 18.74 -28.94
C SER B 138 23.07 18.23 -28.87
N ALA B 139 23.72 18.41 -27.72
CA ALA B 139 25.07 17.92 -27.53
C ALA B 139 25.17 16.43 -27.78
N THR B 140 24.05 15.71 -27.74
CA THR B 140 24.00 14.33 -28.17
C THR B 140 23.71 14.18 -29.66
N GLY B 141 23.45 15.28 -30.36
CA GLY B 141 23.20 15.18 -31.78
C GLY B 141 21.86 14.60 -32.13
N ALA B 142 20.92 14.59 -31.20
CA ALA B 142 19.64 13.99 -31.47
C ALA B 142 18.77 14.91 -32.31
N PHE B 143 17.68 14.37 -32.84
CA PHE B 143 16.67 15.18 -33.49
C PHE B 143 16.03 16.13 -32.49
N THR B 144 15.74 17.36 -32.94
CA THR B 144 15.22 18.41 -32.09
C THR B 144 13.70 18.37 -32.03
N THR B 145 13.14 19.27 -31.24
CA THR B 145 11.72 19.52 -31.25
C THR B 145 11.29 20.43 -32.40
N ASP B 146 12.24 21.13 -33.02
CA ASP B 146 11.90 22.16 -34.01
C ASP B 146 11.54 21.55 -35.36
N TRP B 147 11.38 22.44 -36.34
CA TRP B 147 10.91 22.06 -37.67
C TRP B 147 11.90 21.16 -38.39
N VAL B 154 20.52 16.45 -35.17
CA VAL B 154 21.31 17.64 -34.91
C VAL B 154 22.76 17.16 -34.72
N VAL B 155 23.72 18.06 -34.73
CA VAL B 155 25.13 17.72 -34.50
C VAL B 155 25.33 17.54 -32.99
N PRO B 156 26.05 16.51 -32.56
CA PRO B 156 26.46 16.45 -31.16
C PRO B 156 27.49 17.52 -30.87
N SER B 157 27.16 18.38 -29.90
CA SER B 157 27.94 19.59 -29.69
C SER B 157 28.42 19.65 -28.25
N PHE B 158 29.61 19.10 -28.02
CA PHE B 158 30.33 19.34 -26.78
C PHE B 158 31.55 20.18 -27.12
N CYS B 159 31.98 20.98 -26.15
CA CYS B 159 32.91 22.06 -26.41
C CYS B 159 34.05 22.03 -25.39
N LEU B 160 35.28 21.96 -25.89
CA LEU B 160 36.43 22.06 -25.00
C LEU B 160 36.52 23.50 -24.53
N MET B 161 35.72 23.82 -23.51
CA MET B 161 35.60 25.18 -23.00
C MET B 161 36.71 25.42 -22.00
N ASP B 162 37.60 26.34 -22.35
CA ASP B 162 38.85 26.52 -21.65
C ASP B 162 38.70 27.70 -20.71
N VAL B 163 38.20 27.44 -19.50
CA VAL B 163 37.81 28.48 -18.56
C VAL B 163 38.80 28.52 -17.42
N GLN B 164 39.66 29.54 -17.43
CA GLN B 164 40.54 29.86 -16.31
C GLN B 164 40.68 31.36 -16.26
N GLY B 165 40.34 31.96 -15.13
CA GLY B 165 40.25 33.41 -15.11
C GLY B 165 38.88 33.83 -15.61
N ILE B 166 38.85 34.67 -16.65
CA ILE B 166 37.60 35.15 -17.21
C ILE B 166 37.52 34.82 -18.70
N SER B 167 38.47 34.04 -19.21
CA SER B 167 38.53 33.72 -20.62
C SER B 167 38.09 32.29 -20.86
N LEU B 168 37.38 32.09 -21.98
CA LEU B 168 36.92 30.78 -22.42
C LEU B 168 37.38 30.56 -23.85
N THR B 169 38.16 29.51 -24.07
CA THR B 169 38.41 29.02 -25.42
C THR B 169 37.56 27.78 -25.63
N LEU B 170 36.95 27.68 -26.80
CA LEU B 170 35.96 26.67 -27.10
C LEU B 170 36.43 25.84 -28.29
N TYR B 171 36.81 24.60 -28.02
CA TYR B 171 37.04 23.62 -29.08
C TYR B 171 35.83 22.69 -29.13
N VAL B 172 34.95 22.92 -30.10
CA VAL B 172 33.78 22.08 -30.30
C VAL B 172 34.14 21.00 -31.31
N TYR B 173 33.89 19.75 -30.92
CA TYR B 173 34.08 18.61 -31.82
C TYR B 173 32.73 18.25 -32.41
N GLN B 174 32.71 18.06 -33.73
CA GLN B 174 31.48 17.95 -34.49
C GLN B 174 31.57 16.76 -35.44
N LEU B 175 30.59 15.87 -35.37
CA LEU B 175 30.53 14.70 -36.25
C LEU B 175 29.31 14.85 -37.14
N ARG B 176 29.50 15.49 -38.29
CA ARG B 176 28.42 15.68 -39.24
C ARG B 176 28.71 14.93 -40.53
N LYS B 177 27.67 14.31 -41.09
CA LYS B 177 27.79 13.50 -42.29
C LYS B 177 27.87 14.39 -43.52
N ASP B 178 28.62 13.93 -44.52
CA ASP B 178 28.72 14.66 -45.79
C ASP B 178 27.35 14.82 -46.43
N THR B 182 28.49 9.89 -45.60
CA THR B 182 29.74 9.72 -44.89
C THR B 182 29.91 10.76 -43.79
N GLU B 183 30.09 10.29 -42.56
CA GLU B 183 30.23 11.16 -41.40
C GLU B 183 31.59 11.84 -41.40
N ASN B 184 31.67 12.99 -40.76
CA ASN B 184 32.89 13.80 -40.76
C ASN B 184 33.11 14.38 -39.38
N VAL B 185 34.25 14.05 -38.77
CA VAL B 185 34.63 14.63 -37.47
C VAL B 185 35.14 16.04 -37.72
N ALA B 186 34.52 17.02 -37.06
CA ALA B 186 34.82 18.43 -37.29
C ALA B 186 35.14 19.13 -35.98
N VAL B 187 36.08 20.07 -36.03
CA VAL B 187 36.47 20.88 -34.90
C VAL B 187 36.36 22.34 -35.26
N GLU B 188 35.66 23.11 -34.44
CA GLU B 188 35.62 24.56 -34.57
C GLU B 188 36.11 25.18 -33.28
N LYS B 189 36.97 26.19 -33.42
CA LYS B 189 37.58 26.85 -32.28
C LYS B 189 36.95 28.22 -32.07
N VAL B 190 36.45 28.45 -30.86
CA VAL B 190 35.82 29.70 -30.48
C VAL B 190 36.43 30.16 -29.17
N THR B 191 36.67 31.46 -29.04
CA THR B 191 37.25 32.02 -27.82
C THR B 191 36.33 33.10 -27.26
N TYR B 192 36.13 33.06 -25.95
CA TYR B 192 35.29 34.01 -25.26
C TYR B 192 35.97 34.44 -23.96
N THR B 193 36.05 35.74 -23.73
CA THR B 193 36.58 36.25 -22.47
C THR B 193 35.48 37.02 -21.77
N LYS B 194 35.19 36.65 -20.52
CA LYS B 194 34.11 37.29 -19.79
C LYS B 194 34.44 38.75 -19.51
N PRO B 195 33.49 39.66 -19.63
CA PRO B 195 33.68 41.00 -19.06
C PRO B 195 33.54 40.95 -17.55
N VAL B 196 34.67 41.06 -16.87
CA VAL B 196 34.69 40.98 -15.42
C VAL B 196 34.38 42.35 -14.82
N ARG C 12 -13.50 -33.37 69.54
CA ARG C 12 -13.64 -34.80 69.80
C ARG C 12 -14.38 -35.03 71.12
N LEU C 13 -13.92 -34.37 72.17
CA LEU C 13 -14.60 -34.41 73.46
C LEU C 13 -15.99 -33.81 73.33
N LEU C 14 -16.18 -32.96 72.32
CA LEU C 14 -17.49 -32.36 72.09
C LEU C 14 -18.52 -33.43 71.73
N GLU C 15 -18.10 -34.46 70.99
CA GLU C 15 -19.02 -35.54 70.67
C GLU C 15 -19.42 -36.32 71.92
N ASP C 16 -18.47 -36.56 72.83
CA ASP C 16 -18.79 -37.21 74.08
C ASP C 16 -19.74 -36.35 74.91
N ALA C 17 -19.53 -35.03 74.90
CA ALA C 17 -20.44 -34.13 75.58
C ALA C 17 -21.84 -34.20 74.98
N LEU C 18 -21.91 -34.29 73.65
CA LEU C 18 -23.21 -34.38 72.97
C LEU C 18 -23.94 -35.67 73.35
N ILE C 19 -23.22 -36.79 73.41
CA ILE C 19 -23.87 -38.04 73.78
C ILE C 19 -24.29 -38.02 75.25
N ALA C 20 -23.47 -37.40 76.10
CA ALA C 20 -23.86 -37.24 77.50
C ALA C 20 -25.12 -36.41 77.63
N VAL C 21 -25.22 -35.33 76.86
CA VAL C 21 -26.42 -34.50 76.88
C VAL C 21 -27.61 -35.27 76.31
N ARG C 22 -27.38 -36.12 75.33
CA ARG C 22 -28.47 -36.96 74.81
C ARG C 22 -29.02 -37.86 75.90
N GLN C 23 -28.15 -38.54 76.64
CA GLN C 23 -28.60 -39.39 77.72
C GLN C 23 -29.22 -38.56 78.84
N GLN C 24 -28.73 -37.33 79.02
CA GLN C 24 -29.30 -36.45 80.03
C GLN C 24 -30.73 -36.04 79.67
N THR C 25 -30.98 -35.74 78.39
CA THR C 25 -32.34 -35.47 77.96
C THR C 25 -33.20 -36.72 78.04
N ALA C 26 -32.59 -37.90 77.86
CA ALA C 26 -33.35 -39.14 78.02
C ALA C 26 -33.84 -39.29 79.46
N MET C 27 -32.92 -39.21 80.43
CA MET C 27 -33.34 -39.31 81.82
C MET C 27 -34.25 -38.14 82.22
N MET C 28 -34.06 -36.97 81.58
CA MET C 28 -34.94 -35.83 81.84
C MET C 28 -36.36 -36.12 81.38
N ARG C 29 -36.50 -36.71 80.19
CA ARG C 29 -37.82 -37.12 79.71
C ARG C 29 -38.44 -38.13 80.66
N LYS C 30 -37.66 -39.11 81.10
CA LYS C 30 -38.18 -40.10 82.04
C LYS C 30 -38.64 -39.45 83.33
N PHE C 31 -37.89 -38.47 83.83
CA PHE C 31 -38.25 -37.83 85.10
C PHE C 31 -39.44 -36.90 84.93
N LEU C 32 -39.57 -36.28 83.75
CA LEU C 32 -40.70 -35.39 83.50
C LEU C 32 -41.99 -36.18 83.38
N ASP C 33 -41.95 -37.31 82.66
CA ASP C 33 -43.16 -38.12 82.50
C ASP C 33 -43.66 -38.65 83.83
N THR C 34 -42.80 -38.65 84.86
CA THR C 34 -43.22 -39.07 86.19
C THR C 34 -43.40 -37.84 87.09
N PRO C 35 -44.65 -37.46 87.40
CA PRO C 35 -44.86 -36.35 88.34
C PRO C 35 -44.40 -36.72 89.74
N GLY C 36 -44.18 -35.71 90.58
CA GLY C 36 -43.62 -35.95 91.91
C GLY C 36 -42.13 -36.13 91.94
N LYS C 37 -41.55 -36.76 90.92
CA LYS C 37 -40.11 -36.79 90.73
C LYS C 37 -39.60 -35.56 90.00
N LEU C 38 -40.40 -34.49 89.98
CA LEU C 38 -39.98 -33.29 89.25
C LEU C 38 -38.80 -32.62 89.94
N MET C 39 -38.62 -32.89 91.25
CA MET C 39 -37.37 -32.52 91.89
C MET C 39 -36.20 -33.29 91.29
N ASP C 40 -36.38 -34.59 91.08
CA ASP C 40 -35.36 -35.37 90.39
C ASP C 40 -35.21 -34.90 88.96
N ALA C 41 -36.28 -34.41 88.34
CA ALA C 41 -36.19 -33.85 87.00
C ALA C 41 -35.32 -32.60 86.99
N LEU C 42 -35.48 -31.74 88.01
CA LEU C 42 -34.63 -30.56 88.11
C LEU C 42 -33.18 -30.93 88.40
N LYS C 43 -32.97 -31.98 89.20
CA LYS C 43 -31.61 -32.45 89.41
C LYS C 43 -30.98 -32.91 88.10
N CYS C 44 -31.72 -33.71 87.33
CA CYS C 44 -31.23 -34.17 86.04
C CYS C 44 -31.00 -33.01 85.09
N CYS C 45 -31.82 -31.96 85.18
CA CYS C 45 -31.64 -30.81 84.31
C CYS C 45 -30.42 -29.99 84.71
N SER C 46 -30.13 -29.91 86.00
CA SER C 46 -28.90 -29.26 86.44
C SER C 46 -27.69 -30.04 85.93
N THR C 47 -27.73 -31.37 86.02
CA THR C 47 -26.66 -32.17 85.41
C THR C 47 -26.60 -31.96 83.91
N LEU C 48 -27.77 -31.81 83.26
CA LEU C 48 -27.84 -31.56 81.84
C LEU C 48 -27.11 -30.27 81.46
N VAL C 49 -27.45 -29.17 82.14
CA VAL C 49 -26.83 -27.89 81.85
C VAL C 49 -25.38 -27.84 82.28
N SER C 50 -24.97 -28.66 83.26
CA SER C 50 -23.58 -28.70 83.65
C SER C 50 -22.69 -29.25 82.53
N GLU C 51 -23.26 -30.08 81.65
CA GLU C 51 -22.49 -30.61 80.53
C GLU C 51 -22.07 -29.52 79.57
N LEU C 52 -22.94 -28.54 79.34
CA LEU C 52 -22.65 -27.43 78.44
C LEU C 52 -21.95 -26.28 79.13
N ARG C 53 -22.07 -26.16 80.46
CA ARG C 53 -21.52 -25.03 81.20
C ARG C 53 -20.05 -24.79 80.94
N THR C 54 -19.30 -25.82 80.52
CA THR C 54 -17.90 -25.62 80.21
C THR C 54 -17.75 -24.82 78.91
N SER C 55 -16.66 -24.08 78.82
CA SER C 55 -16.35 -23.31 77.61
C SER C 55 -15.64 -24.18 76.57
N SER C 56 -15.53 -25.49 76.83
CA SER C 56 -14.94 -26.42 75.87
C SER C 56 -15.81 -26.61 74.63
N LEU C 57 -17.12 -26.42 74.74
CA LEU C 57 -18.01 -26.50 73.59
C LEU C 57 -17.83 -25.25 72.73
N SER C 58 -17.42 -25.47 71.49
CA SER C 58 -17.22 -24.36 70.59
C SER C 58 -18.56 -23.69 70.28
N PRO C 59 -18.59 -22.36 70.25
CA PRO C 59 -19.88 -21.65 70.09
C PRO C 59 -20.79 -22.21 68.99
N LYS C 60 -20.24 -22.78 67.93
CA LYS C 60 -21.08 -23.55 67.01
C LYS C 60 -21.67 -24.77 67.70
N GLN C 61 -20.81 -25.67 68.20
CA GLN C 61 -21.32 -26.84 68.90
C GLN C 61 -21.85 -26.48 70.28
N TYR C 62 -21.30 -25.43 70.90
CA TYR C 62 -21.90 -24.93 72.13
C TYR C 62 -23.34 -24.51 71.90
N TYR C 63 -23.62 -23.86 70.78
CA TYR C 63 -24.98 -23.38 70.53
C TYR C 63 -25.88 -24.52 70.07
N GLU C 64 -25.32 -25.50 69.37
CA GLU C 64 -26.09 -26.71 69.07
C GLU C 64 -26.49 -27.41 70.36
N LEU C 65 -25.54 -27.59 71.27
CA LEU C 65 -25.85 -28.13 72.59
C LEU C 65 -26.83 -27.24 73.33
N TYR C 66 -26.75 -25.93 73.11
CA TYR C 66 -27.61 -25.01 73.82
C TYR C 66 -29.04 -25.08 73.33
N MET C 67 -29.23 -25.22 72.02
CA MET C 67 -30.59 -25.38 71.51
C MET C 67 -31.14 -26.76 71.86
N ALA C 68 -30.27 -27.78 71.93
CA ALA C 68 -30.71 -29.07 72.42
C ALA C 68 -31.21 -28.98 73.86
N VAL C 69 -30.37 -28.47 74.76
CA VAL C 69 -30.78 -28.33 76.15
C VAL C 69 -31.91 -27.31 76.26
N PHE C 70 -32.09 -26.45 75.26
CA PHE C 70 -33.12 -25.44 75.34
C PHE C 70 -34.48 -26.05 75.01
N ASP C 71 -34.54 -26.90 73.99
CA ASP C 71 -35.77 -27.65 73.77
C ASP C 71 -36.04 -28.59 74.94
N ALA C 72 -34.99 -29.15 75.53
CA ALA C 72 -35.18 -29.98 76.71
C ALA C 72 -35.77 -29.18 77.87
N LEU C 73 -35.22 -27.99 78.13
CA LEU C 73 -35.73 -27.18 79.23
C LEU C 73 -37.10 -26.59 78.88
N ARG C 74 -37.47 -26.57 77.61
CA ARG C 74 -38.84 -26.18 77.27
C ARG C 74 -39.84 -27.17 77.84
N TYR C 75 -39.60 -28.47 77.63
CA TYR C 75 -40.44 -29.48 78.26
C TYR C 75 -40.29 -29.44 79.78
N LEU C 76 -39.07 -29.19 80.25
CA LEU C 76 -38.84 -29.03 81.68
C LEU C 76 -39.77 -27.99 82.27
N SER C 77 -39.76 -26.77 81.71
CA SER C 77 -40.55 -25.69 82.26
C SER C 77 -42.05 -25.91 82.02
N ALA C 78 -42.40 -26.59 80.93
CA ALA C 78 -43.80 -26.96 80.75
C ALA C 78 -44.29 -27.84 81.89
N HIS C 79 -43.64 -28.98 82.10
CA HIS C 79 -44.04 -29.87 83.19
C HIS C 79 -43.86 -29.20 84.54
N LEU C 80 -42.90 -28.26 84.63
CA LEU C 80 -42.76 -27.43 85.82
C LEU C 80 -44.03 -26.67 86.10
N ARG C 81 -44.39 -25.73 85.21
CA ARG C 81 -45.62 -24.96 85.32
C ARG C 81 -46.85 -25.83 85.48
N GLU C 82 -46.78 -27.10 85.08
CA GLU C 82 -47.85 -28.04 85.39
C GLU C 82 -47.87 -28.48 86.85
N ASN C 83 -46.75 -28.99 87.37
CA ASN C 83 -46.79 -29.64 88.68
C ASN C 83 -46.50 -28.67 89.83
N HIS C 84 -45.44 -27.88 89.72
CA HIS C 84 -44.92 -27.16 90.88
C HIS C 84 -45.67 -25.89 91.26
N PRO C 85 -46.09 -25.03 90.33
CA PRO C 85 -46.73 -23.78 90.75
C PRO C 85 -48.11 -23.93 91.34
N VAL C 86 -48.55 -25.14 91.70
CA VAL C 86 -49.82 -25.33 92.38
C VAL C 86 -49.98 -24.38 93.56
N ASN C 87 -48.99 -24.29 94.44
CA ASN C 87 -48.97 -23.16 95.36
C ASN C 87 -47.73 -22.30 95.17
N HIS C 88 -46.55 -22.86 95.50
CA HIS C 88 -45.25 -22.21 95.37
C HIS C 88 -44.17 -23.10 95.96
N LEU C 89 -42.92 -22.66 95.85
CA LEU C 89 -41.84 -23.15 96.70
C LEU C 89 -41.52 -22.05 97.70
N ALA C 90 -41.60 -22.36 98.99
CA ALA C 90 -41.58 -21.32 100.01
C ALA C 90 -40.21 -20.64 100.05
N ASP C 91 -40.16 -19.45 99.47
CA ASP C 91 -39.02 -18.53 99.57
C ASP C 91 -37.68 -19.21 99.27
N LEU C 92 -37.68 -20.30 98.50
CA LEU C 92 -36.45 -21.03 98.24
C LEU C 92 -35.43 -20.16 97.53
N TYR C 93 -35.89 -19.10 96.87
CA TYR C 93 -35.00 -18.21 96.13
C TYR C 93 -33.93 -17.61 97.05
N GLU C 94 -34.29 -17.31 98.29
CA GLU C 94 -33.30 -16.77 99.23
C GLU C 94 -32.57 -17.90 99.96
N LEU C 95 -33.26 -19.01 100.22
CA LEU C 95 -32.62 -20.13 100.90
C LEU C 95 -31.45 -20.67 100.10
N VAL C 96 -31.57 -20.70 98.77
CA VAL C 96 -30.43 -21.05 97.93
C VAL C 96 -29.77 -19.82 97.32
N GLN C 97 -29.89 -18.66 97.97
CA GLN C 97 -29.19 -17.47 97.54
C GLN C 97 -27.90 -17.23 98.32
N TYR C 98 -27.66 -17.98 99.39
CA TYR C 98 -26.47 -17.75 100.21
C TYR C 98 -25.52 -18.95 100.26
N ALA C 99 -25.95 -20.14 99.85
CA ALA C 99 -25.10 -21.32 99.94
C ALA C 99 -23.87 -21.20 99.04
N GLY C 100 -22.75 -21.74 99.50
CA GLY C 100 -21.50 -21.61 98.75
C GLY C 100 -21.54 -22.19 97.35
N ASN C 101 -22.22 -23.32 97.18
CA ASN C 101 -22.33 -23.97 95.88
C ASN C 101 -23.26 -23.18 94.98
N ILE C 102 -22.69 -22.46 94.00
CA ILE C 102 -23.43 -21.41 93.33
C ILE C 102 -24.25 -21.94 92.17
N ILE C 103 -23.67 -22.85 91.37
CA ILE C 103 -24.27 -23.17 90.06
C ILE C 103 -25.64 -23.84 90.19
N PRO C 104 -25.81 -24.96 90.91
CA PRO C 104 -27.15 -25.55 91.00
C PRO C 104 -28.13 -24.63 91.69
N ARG C 105 -27.65 -23.86 92.67
CA ARG C 105 -28.45 -22.80 93.26
C ARG C 105 -29.07 -21.93 92.17
N LEU C 106 -28.23 -21.34 91.31
CA LEU C 106 -28.73 -20.43 90.29
C LEU C 106 -29.67 -21.14 89.32
N TYR C 107 -29.35 -22.39 88.94
CA TYR C 107 -30.18 -23.04 87.94
C TYR C 107 -31.55 -23.38 88.49
N LEU C 108 -31.61 -23.95 89.70
CA LEU C 108 -32.88 -24.20 90.34
C LEU C 108 -33.63 -22.89 90.58
N MET C 109 -32.89 -21.81 90.89
CA MET C 109 -33.54 -20.54 91.15
C MET C 109 -34.19 -19.98 89.90
N ILE C 110 -33.53 -20.09 88.75
CA ILE C 110 -34.12 -19.58 87.52
C ILE C 110 -35.29 -20.46 87.10
N THR C 111 -35.20 -21.76 87.35
CA THR C 111 -36.34 -22.63 87.05
C THR C 111 -37.55 -22.26 87.90
N VAL C 112 -37.34 -22.03 89.20
CA VAL C 112 -38.48 -21.69 90.06
C VAL C 112 -38.95 -20.27 89.78
N GLY C 113 -38.05 -19.40 89.32
CA GLY C 113 -38.49 -18.08 88.88
C GLY C 113 -39.32 -18.16 87.62
N THR C 114 -39.00 -19.12 86.76
CA THR C 114 -39.83 -19.38 85.60
C THR C 114 -41.21 -19.89 86.02
N ALA C 115 -41.24 -20.84 86.96
CA ALA C 115 -42.51 -21.33 87.49
C ALA C 115 -43.33 -20.19 88.09
N TYR C 116 -42.67 -19.29 88.82
CA TYR C 116 -43.36 -18.15 89.43
C TYR C 116 -43.89 -17.20 88.36
N MET C 117 -43.02 -16.80 87.43
CA MET C 117 -43.46 -15.96 86.31
C MET C 117 -44.65 -16.58 85.60
N SER C 118 -44.70 -17.91 85.54
CA SER C 118 -45.88 -18.58 84.99
C SER C 118 -47.10 -18.36 85.88
N ILE C 119 -46.96 -18.60 87.18
CA ILE C 119 -48.12 -18.56 88.07
C ILE C 119 -48.30 -17.17 88.67
N ASP C 120 -47.22 -16.52 89.07
CA ASP C 120 -47.27 -15.26 89.80
C ASP C 120 -46.86 -14.14 88.86
N GLY C 121 -47.85 -13.38 88.37
CA GLY C 121 -47.57 -12.32 87.43
C GLY C 121 -47.01 -11.07 88.09
N ALA C 122 -47.40 -10.80 89.33
CA ALA C 122 -46.92 -9.59 90.00
C ALA C 122 -45.45 -9.65 90.40
N PRO C 123 -44.95 -10.67 91.11
CA PRO C 123 -43.55 -10.63 91.57
C PRO C 123 -42.51 -10.93 90.51
N VAL C 124 -42.88 -10.89 89.22
CA VAL C 124 -41.94 -11.25 88.17
C VAL C 124 -40.75 -10.29 88.16
N LYS C 125 -41.02 -8.99 88.26
CA LYS C 125 -39.95 -8.01 88.15
C LYS C 125 -38.99 -8.10 89.32
N GLU C 126 -39.50 -8.41 90.51
CA GLU C 126 -38.64 -8.58 91.66
C GLU C 126 -37.66 -9.73 91.46
N LEU C 127 -38.20 -10.90 91.09
CA LEU C 127 -37.34 -12.05 90.83
C LEU C 127 -36.30 -11.73 89.77
N MET C 128 -36.72 -11.13 88.66
CA MET C 128 -35.80 -10.83 87.57
C MET C 128 -34.72 -9.86 88.01
N LYS C 129 -35.10 -8.78 88.68
CA LYS C 129 -34.13 -7.78 89.09
C LYS C 129 -33.14 -8.35 90.09
N ASP C 130 -33.61 -9.21 91.00
CA ASP C 130 -32.72 -9.80 91.98
C ASP C 130 -31.73 -10.75 91.30
N MET C 131 -32.23 -11.53 90.33
CA MET C 131 -31.33 -12.38 89.55
C MET C 131 -30.29 -11.55 88.82
N MET C 132 -30.69 -10.38 88.32
CA MET C 132 -29.74 -9.52 87.62
C MET C 132 -28.71 -8.93 88.58
N ASP C 133 -29.14 -8.54 89.78
CA ASP C 133 -28.20 -7.97 90.73
C ASP C 133 -27.19 -9.01 91.20
N MET C 134 -27.67 -10.21 91.54
CA MET C 134 -26.74 -11.28 91.90
C MET C 134 -25.86 -11.69 90.75
N SER C 135 -26.23 -11.32 89.51
CA SER C 135 -25.38 -11.61 88.37
C SER C 135 -24.14 -10.72 88.32
N ARG C 136 -24.10 -9.64 89.10
CA ARG C 136 -22.96 -8.73 89.07
C ARG C 136 -21.73 -9.32 89.76
N GLY C 137 -21.91 -10.16 90.77
CA GLY C 137 -20.78 -10.69 91.51
C GLY C 137 -19.86 -11.56 90.69
N VAL C 138 -20.35 -12.12 89.59
CA VAL C 138 -19.55 -12.95 88.71
C VAL C 138 -19.09 -12.08 87.54
N GLN C 139 -17.81 -12.18 87.19
CA GLN C 139 -17.26 -11.46 86.05
C GLN C 139 -17.06 -12.35 84.83
N HIS C 140 -17.53 -13.59 84.86
CA HIS C 140 -17.39 -14.47 83.70
C HIS C 140 -18.57 -14.29 82.76
N PRO C 141 -18.34 -13.93 81.50
CA PRO C 141 -19.48 -13.55 80.64
C PRO C 141 -20.14 -14.71 79.92
N VAL C 142 -19.45 -15.85 79.77
CA VAL C 142 -20.03 -16.97 79.03
C VAL C 142 -21.23 -17.54 79.76
N ARG C 143 -21.01 -18.06 80.97
CA ARG C 143 -22.10 -18.61 81.75
C ARG C 143 -23.17 -17.56 82.02
N GLY C 144 -22.75 -16.33 82.30
CA GLY C 144 -23.71 -15.27 82.52
C GLY C 144 -24.64 -15.07 81.33
N LEU C 145 -24.06 -14.93 80.13
CA LEU C 145 -24.88 -14.69 78.94
C LEU C 145 -25.80 -15.86 78.65
N PHE C 146 -25.28 -17.09 78.72
CA PHE C 146 -26.12 -18.22 78.35
C PHE C 146 -27.22 -18.46 79.38
N LEU C 147 -26.88 -18.33 80.66
CA LEU C 147 -27.86 -18.39 81.73
C LEU C 147 -28.95 -17.33 81.55
N ARG C 148 -28.54 -16.10 81.20
CA ARG C 148 -29.51 -15.04 81.00
C ARG C 148 -30.37 -15.29 79.76
N TYR C 149 -29.80 -15.90 78.72
CA TYR C 149 -30.60 -16.21 77.55
C TYR C 149 -31.66 -17.26 77.89
N TYR C 150 -31.27 -18.26 78.68
CA TYR C 150 -32.26 -19.20 79.19
C TYR C 150 -33.36 -18.48 79.94
N LEU C 151 -32.99 -17.65 80.93
CA LEU C 151 -33.98 -16.95 81.74
C LEU C 151 -34.91 -16.10 80.87
N SER C 152 -34.34 -15.39 79.90
CA SER C 152 -35.16 -14.54 79.03
C SER C 152 -36.09 -15.38 78.17
N GLY C 153 -35.56 -16.44 77.56
CA GLY C 153 -36.42 -17.37 76.83
C GLY C 153 -37.57 -17.85 77.70
N GLN C 154 -37.34 -17.92 79.01
CA GLN C 154 -38.46 -18.15 79.92
C GLN C 154 -39.32 -16.90 80.04
N ALA C 155 -38.70 -15.76 80.32
CA ALA C 155 -39.42 -14.52 80.58
C ALA C 155 -39.86 -13.81 79.31
N ARG C 156 -39.74 -14.45 78.15
CA ARG C 156 -40.14 -13.81 76.90
C ARG C 156 -41.61 -13.42 76.92
N ASP C 157 -42.47 -14.35 77.30
CA ASP C 157 -43.90 -14.21 77.12
C ASP C 157 -44.55 -13.28 78.14
N TYR C 158 -43.80 -12.85 79.15
CA TYR C 158 -44.35 -12.02 80.22
C TYR C 158 -43.43 -10.88 80.61
N LEU C 159 -42.95 -10.13 79.63
CA LEU C 159 -42.18 -8.96 80.01
C LEU C 159 -43.06 -7.95 80.74
N PRO C 160 -42.56 -7.35 81.82
CA PRO C 160 -43.31 -6.29 82.48
C PRO C 160 -43.17 -5.00 81.70
N THR C 161 -44.24 -4.66 80.98
CA THR C 161 -44.13 -3.65 79.92
C THR C 161 -45.41 -2.85 79.72
N GLY C 162 -45.50 -2.20 78.56
CA GLY C 162 -46.66 -1.40 78.21
C GLY C 162 -47.99 -2.10 78.37
N ASP C 163 -48.01 -3.44 78.32
CA ASP C 163 -49.21 -4.18 78.65
C ASP C 163 -49.56 -4.07 80.13
N SER C 164 -48.54 -3.96 80.98
CA SER C 164 -48.75 -3.65 82.39
C SER C 164 -48.77 -2.14 82.59
N ASP C 165 -49.98 -1.62 82.83
CA ASP C 165 -50.25 -0.19 82.74
C ASP C 165 -50.06 0.56 84.05
N GLY C 166 -49.19 0.10 84.94
CA GLY C 166 -49.09 0.68 86.25
C GLY C 166 -49.04 -0.31 87.40
N PRO C 167 -49.66 -1.48 87.25
CA PRO C 167 -49.40 -2.55 88.21
C PRO C 167 -47.95 -3.03 88.11
N GLU C 168 -47.63 -4.12 88.80
CA GLU C 168 -46.28 -4.64 88.79
C GLU C 168 -45.78 -4.79 87.37
N GLY C 169 -44.84 -3.93 87.00
CA GLY C 169 -44.39 -3.84 85.62
C GLY C 169 -44.91 -2.61 84.88
N ASN C 170 -44.04 -1.93 84.16
CA ASN C 170 -44.45 -0.86 83.25
C ASN C 170 -43.46 -0.77 82.10
N LEU C 171 -43.52 0.34 81.37
CA LEU C 171 -42.49 0.62 80.37
C LEU C 171 -41.10 0.42 80.94
N GLN C 172 -40.81 1.06 82.07
CA GLN C 172 -39.44 1.06 82.59
C GLN C 172 -39.02 -0.32 83.05
N ASP C 173 -39.98 -1.16 83.41
CA ASP C 173 -39.62 -2.50 83.89
C ASP C 173 -39.10 -3.38 82.76
N SER C 174 -39.84 -3.44 81.65
CA SER C 174 -39.29 -4.11 80.47
C SER C 174 -38.05 -3.42 79.98
N ILE C 175 -37.97 -2.10 80.15
CA ILE C 175 -36.76 -1.37 79.79
C ILE C 175 -35.56 -1.96 80.53
N ASN C 176 -35.67 -2.04 81.85
CA ASN C 176 -34.61 -2.65 82.65
C ASN C 176 -34.32 -4.07 82.17
N PHE C 177 -35.36 -4.88 82.07
CA PHE C 177 -35.18 -6.28 81.68
C PHE C 177 -34.36 -6.40 80.40
N ILE C 178 -34.89 -5.84 79.31
CA ILE C 178 -34.26 -6.01 78.01
C ILE C 178 -32.90 -5.35 77.98
N LEU C 179 -32.74 -4.20 78.63
CA LEU C 179 -31.48 -3.49 78.54
C LEU C 179 -30.37 -4.25 79.27
N THR C 180 -30.67 -4.78 80.46
CA THR C 180 -29.69 -5.61 81.13
C THR C 180 -29.37 -6.86 80.32
N ASN C 181 -30.40 -7.55 79.83
CA ASN C 181 -30.14 -8.69 78.95
C ASN C 181 -29.21 -8.29 77.82
N PHE C 182 -29.47 -7.13 77.23
CA PHE C 182 -28.73 -6.72 76.04
C PHE C 182 -27.30 -6.33 76.37
N VAL C 183 -27.10 -5.65 77.49
CA VAL C 183 -25.75 -5.22 77.83
C VAL C 183 -24.91 -6.42 78.24
N GLU C 184 -25.54 -7.44 78.85
CA GLU C 184 -24.78 -8.66 79.13
C GLU C 184 -24.48 -9.42 77.84
N MET C 185 -25.46 -9.47 76.93
CA MET C 185 -25.20 -10.01 75.61
C MET C 185 -24.00 -9.34 74.98
N ASN C 186 -23.97 -8.00 75.01
CA ASN C 186 -22.88 -7.25 74.42
C ASN C 186 -21.58 -7.48 75.17
N LYS C 187 -21.66 -7.70 76.48
CA LYS C 187 -20.45 -7.94 77.25
C LYS C 187 -19.77 -9.23 76.82
N LEU C 188 -20.48 -10.35 76.89
CA LEU C 188 -19.89 -11.59 76.39
C LEU C 188 -19.62 -11.49 74.90
N TRP C 189 -20.37 -10.66 74.20
CA TRP C 189 -20.26 -10.59 72.75
C TRP C 189 -18.96 -9.92 72.34
N VAL C 190 -18.60 -8.83 73.01
CA VAL C 190 -17.32 -8.18 72.76
C VAL C 190 -16.18 -9.02 73.33
N ARG C 191 -16.45 -9.76 74.41
CA ARG C 191 -15.47 -10.71 74.89
C ARG C 191 -15.23 -11.81 73.87
N LEU C 192 -16.24 -12.12 73.05
CA LEU C 192 -16.12 -13.13 72.02
C LEU C 192 -15.06 -12.75 71.00
N GLN C 193 -14.66 -11.47 70.97
CA GLN C 193 -13.50 -11.08 70.17
C GLN C 193 -12.21 -11.56 70.83
N HIS C 194 -12.26 -11.88 72.12
CA HIS C 194 -11.08 -12.29 72.88
C HIS C 194 -11.25 -13.64 73.56
N GLN C 195 -12.28 -14.40 73.21
CA GLN C 195 -12.55 -15.66 73.87
C GLN C 195 -11.66 -16.77 73.32
N GLY C 196 -11.37 -17.75 74.17
CA GLY C 196 -10.54 -18.86 73.76
C GLY C 196 -9.08 -18.46 73.62
N HIS C 197 -8.51 -18.84 72.48
CA HIS C 197 -7.12 -18.53 72.18
C HIS C 197 -7.00 -17.16 71.54
N SER C 198 -5.81 -16.56 71.67
CA SER C 198 -5.56 -15.24 71.14
C SER C 198 -5.42 -15.24 69.62
N ARG C 199 -4.67 -16.18 69.05
CA ARG C 199 -4.49 -16.28 67.61
C ARG C 199 -5.77 -16.71 66.89
N GLU C 200 -6.85 -16.99 67.62
CA GLU C 200 -8.12 -17.41 67.06
C GLU C 200 -9.07 -16.23 66.88
N ARG C 201 -8.53 -15.04 66.58
CA ARG C 201 -9.36 -13.85 66.50
C ARG C 201 -10.48 -14.00 65.48
N ASP C 202 -10.13 -14.40 64.25
CA ASP C 202 -11.12 -14.53 63.20
C ASP C 202 -12.18 -15.56 63.56
N LEU C 203 -11.75 -16.71 64.10
CA LEU C 203 -12.68 -17.77 64.44
C LEU C 203 -13.63 -17.34 65.55
N ARG C 204 -13.10 -16.68 66.59
CA ARG C 204 -13.95 -16.28 67.70
C ARG C 204 -14.87 -15.13 67.31
N THR C 205 -14.44 -14.31 66.35
CA THR C 205 -15.34 -13.27 65.84
C THR C 205 -16.43 -13.88 64.97
N GLN C 206 -16.11 -14.96 64.24
CA GLN C 206 -17.14 -15.69 63.52
C GLN C 206 -18.13 -16.30 64.48
N GLU C 207 -17.65 -16.82 65.60
CA GLU C 207 -18.55 -17.33 66.64
C GLU C 207 -19.41 -16.22 67.22
N ARG C 208 -18.80 -15.05 67.45
CA ARG C 208 -19.54 -13.87 67.86
C ARG C 208 -20.67 -13.55 66.88
N ARG C 209 -20.37 -13.59 65.59
CA ARG C 209 -21.39 -13.36 64.57
C ARG C 209 -22.47 -14.44 64.61
N GLU C 210 -22.07 -15.68 64.93
CA GLU C 210 -23.05 -16.76 65.02
C GLU C 210 -24.00 -16.52 66.19
N LEU C 211 -23.48 -15.97 67.29
CA LEU C 211 -24.27 -15.80 68.50
C LEU C 211 -25.01 -14.47 68.55
N GLN C 212 -24.70 -13.55 67.64
CA GLN C 212 -25.31 -12.21 67.71
C GLN C 212 -26.81 -12.24 67.46
N LEU C 213 -27.35 -13.31 66.86
CA LEU C 213 -28.79 -13.39 66.67
C LEU C 213 -29.51 -13.48 68.01
N LEU C 214 -28.91 -14.20 68.96
CA LEU C 214 -29.45 -14.26 70.32
C LEU C 214 -29.48 -12.87 70.93
N VAL C 215 -28.48 -12.05 70.63
CA VAL C 215 -28.49 -10.65 71.06
C VAL C 215 -29.66 -9.92 70.43
N GLY C 216 -29.77 -9.98 69.10
CA GLY C 216 -30.84 -9.30 68.40
C GLY C 216 -32.23 -9.73 68.81
N SER C 217 -32.35 -10.90 69.44
CA SER C 217 -33.64 -11.35 69.95
C SER C 217 -34.26 -10.34 70.92
N ASN C 218 -33.44 -9.63 71.70
CA ASN C 218 -33.98 -8.58 72.55
C ASN C 218 -34.60 -7.47 71.73
N ILE C 219 -33.93 -7.06 70.65
CA ILE C 219 -34.50 -6.07 69.74
C ILE C 219 -35.82 -6.57 69.18
N VAL C 220 -35.87 -7.84 68.81
CA VAL C 220 -37.13 -8.45 68.36
C VAL C 220 -38.21 -8.26 69.41
N ARG C 221 -37.92 -8.66 70.65
CA ARG C 221 -38.90 -8.47 71.72
C ARG C 221 -39.32 -7.02 71.84
N LEU C 222 -38.36 -6.10 71.68
CA LEU C 222 -38.67 -4.69 71.77
C LEU C 222 -39.65 -4.26 70.69
N SER C 223 -39.57 -4.90 69.52
CA SER C 223 -40.48 -4.55 68.44
C SER C 223 -41.91 -4.97 68.72
N GLN C 224 -42.15 -5.73 69.78
CA GLN C 224 -43.49 -6.21 70.08
C GLN C 224 -44.16 -5.28 71.09
N LEU C 225 -43.87 -3.98 70.99
CA LEU C 225 -44.12 -3.11 72.13
C LEU C 225 -44.75 -1.80 71.66
N VAL C 226 -44.73 -0.80 72.54
CA VAL C 226 -45.51 0.42 72.45
C VAL C 226 -45.25 1.19 71.16
N ASP C 227 -46.18 2.08 70.83
CA ASP C 227 -46.12 2.93 69.64
C ASP C 227 -45.19 4.12 69.88
N LEU C 228 -45.23 5.05 68.94
CA LEU C 228 -44.28 6.15 68.93
C LEU C 228 -44.23 6.98 70.20
N PRO C 229 -45.34 7.45 70.79
CA PRO C 229 -45.21 8.45 71.87
C PRO C 229 -44.45 7.94 73.09
N THR C 230 -44.97 6.91 73.75
CA THR C 230 -44.30 6.39 74.94
C THR C 230 -42.92 5.86 74.61
N TYR C 231 -42.74 5.37 73.38
CA TYR C 231 -41.40 5.02 72.93
C TYR C 231 -40.47 6.23 73.01
N ARG C 232 -40.75 7.28 72.25
CA ARG C 232 -39.87 8.44 72.24
C ARG C 232 -39.72 9.00 73.65
N ASP C 233 -40.70 8.75 74.51
CA ASP C 233 -40.61 9.22 75.88
C ASP C 233 -39.58 8.43 76.68
N SER C 234 -39.76 7.11 76.78
CA SER C 234 -39.02 6.32 77.75
C SER C 234 -38.01 5.36 77.16
N ILE C 235 -37.92 5.24 75.84
CA ILE C 235 -37.14 4.20 75.18
C ILE C 235 -36.16 4.80 74.19
N LEU C 236 -36.65 5.69 73.30
CA LEU C 236 -35.79 6.34 72.32
C LEU C 236 -34.53 6.90 72.97
N GLY C 237 -34.69 7.68 74.03
CA GLY C 237 -33.57 8.16 74.80
C GLY C 237 -32.63 7.04 75.16
N PRO C 238 -33.12 6.07 75.93
CA PRO C 238 -32.28 4.90 76.25
C PRO C 238 -31.73 4.20 75.03
N LEU C 239 -32.51 4.10 73.96
CA LEU C 239 -32.04 3.44 72.76
C LEU C 239 -30.78 4.11 72.23
N LEU C 240 -30.90 5.39 71.87
CA LEU C 240 -29.74 6.14 71.38
C LEU C 240 -28.61 6.14 72.40
N GLU C 241 -28.96 6.10 73.68
CA GLU C 241 -27.94 6.06 74.71
C GLU C 241 -27.07 4.82 74.56
N GLN C 242 -27.69 3.64 74.57
CA GLN C 242 -26.92 2.41 74.38
C GLN C 242 -26.21 2.43 73.03
N ILE C 243 -26.84 3.04 72.03
CA ILE C 243 -26.27 3.09 70.70
C ILE C 243 -24.91 3.81 70.73
N VAL C 244 -24.85 4.95 71.39
CA VAL C 244 -23.59 5.68 71.43
C VAL C 244 -22.66 5.12 72.52
N GLN C 245 -23.21 4.39 73.49
CA GLN C 245 -22.43 3.89 74.62
C GLN C 245 -21.71 2.59 74.32
N CYS C 246 -22.16 1.82 73.31
CA CYS C 246 -21.44 0.61 72.97
C CYS C 246 -20.01 0.93 72.53
N ARG C 247 -19.83 1.96 71.69
CA ARG C 247 -18.52 2.44 71.26
C ARG C 247 -17.66 1.32 70.68
N ASP C 248 -18.29 0.29 70.11
CA ASP C 248 -17.58 -0.82 69.49
C ASP C 248 -17.99 -0.90 68.02
N ILE C 249 -17.00 -1.07 67.14
CA ILE C 249 -17.27 -1.11 65.71
C ILE C 249 -18.31 -2.16 65.38
N LEU C 250 -18.09 -3.40 65.82
CA LEU C 250 -19.01 -4.48 65.50
C LEU C 250 -20.33 -4.32 66.23
N ALA C 251 -20.28 -3.92 67.50
CA ALA C 251 -21.52 -3.66 68.22
C ALA C 251 -22.34 -2.60 67.52
N GLN C 252 -21.76 -1.40 67.35
CA GLN C 252 -22.41 -0.36 66.56
C GLN C 252 -23.04 -0.94 65.30
N GLU C 253 -22.21 -1.52 64.44
CA GLU C 253 -22.65 -1.95 63.12
C GLU C 253 -23.81 -2.92 63.19
N TYR C 254 -23.57 -4.11 63.78
CA TYR C 254 -24.57 -5.16 63.77
C TYR C 254 -25.82 -4.74 64.55
N LEU C 255 -25.64 -4.31 65.79
CA LEU C 255 -26.80 -4.01 66.62
C LEU C 255 -27.65 -2.92 65.98
N LEU C 256 -27.03 -1.89 65.42
CA LEU C 256 -27.80 -0.80 64.85
C LEU C 256 -28.50 -1.22 63.57
N GLU C 257 -27.84 -2.01 62.72
CA GLU C 257 -28.56 -2.46 61.53
C GLU C 257 -29.76 -3.30 61.90
N VAL C 258 -29.61 -4.14 62.94
CA VAL C 258 -30.78 -4.87 63.44
C VAL C 258 -31.86 -3.90 63.88
N ILE C 259 -31.49 -2.93 64.71
CA ILE C 259 -32.48 -1.95 65.20
C ILE C 259 -33.23 -1.33 64.04
N THR C 260 -32.50 -0.70 63.12
CA THR C 260 -33.12 -0.02 61.99
C THR C 260 -34.06 -0.97 61.25
N GLN C 261 -33.55 -2.13 60.85
CA GLN C 261 -34.38 -3.09 60.10
C GLN C 261 -35.63 -3.44 60.89
N VAL C 262 -35.52 -3.48 62.22
CA VAL C 262 -36.59 -3.97 63.06
C VAL C 262 -37.72 -2.95 63.17
N PHE C 263 -37.39 -1.74 63.50
CA PHE C 263 -38.48 -0.99 64.11
C PHE C 263 -39.25 -0.17 63.10
N PRO C 264 -40.56 -0.12 63.27
CA PRO C 264 -41.42 0.56 62.29
C PRO C 264 -41.20 2.06 62.30
N ASP C 265 -41.74 2.70 61.26
CA ASP C 265 -41.40 4.08 60.97
C ASP C 265 -42.32 5.06 61.68
N GLU C 266 -43.40 4.58 62.29
CA GLU C 266 -44.13 5.42 63.22
C GLU C 266 -43.20 5.91 64.31
N TYR C 267 -42.28 5.05 64.73
CA TYR C 267 -41.22 5.49 65.64
C TYR C 267 -40.30 6.48 64.95
N HIS C 268 -39.98 6.22 63.69
CA HIS C 268 -38.99 7.05 63.00
C HIS C 268 -39.61 8.34 62.48
N LEU C 269 -40.88 8.58 62.80
CA LEU C 269 -41.54 9.79 62.34
C LEU C 269 -40.80 11.03 62.79
N HIS C 270 -40.50 11.13 64.08
CA HIS C 270 -39.83 12.30 64.62
C HIS C 270 -38.55 11.95 65.37
N THR C 271 -38.06 10.72 65.26
CA THR C 271 -36.88 10.29 66.00
C THR C 271 -35.65 10.13 65.12
N LEU C 272 -35.66 10.71 63.92
CA LEU C 272 -34.52 10.55 63.03
C LEU C 272 -33.36 11.45 63.44
N ASP C 273 -33.55 12.77 63.36
CA ASP C 273 -32.43 13.71 63.29
C ASP C 273 -31.43 13.49 64.42
N GLN C 274 -31.90 13.44 65.66
CA GLN C 274 -30.99 13.24 66.79
C GLN C 274 -30.33 11.87 66.71
N PHE C 275 -31.05 10.88 66.19
CA PHE C 275 -30.47 9.55 66.03
C PHE C 275 -29.36 9.56 64.98
N LEU C 276 -29.60 10.23 63.86
CA LEU C 276 -28.59 10.40 62.83
C LEU C 276 -27.35 11.08 63.39
N GLY C 277 -27.54 12.16 64.15
CA GLY C 277 -26.41 12.81 64.80
C GLY C 277 -25.64 11.89 65.73
N ALA C 278 -26.36 11.14 66.57
CA ALA C 278 -25.70 10.17 67.44
C ALA C 278 -24.84 9.20 66.65
N VAL C 279 -25.39 8.67 65.54
CA VAL C 279 -24.60 7.78 64.69
C VAL C 279 -23.39 8.48 64.12
N SER C 280 -23.56 9.75 63.74
CA SER C 280 -22.53 10.50 63.03
C SER C 280 -21.23 10.65 63.82
N ARG C 281 -21.21 10.23 65.08
CA ARG C 281 -20.05 10.42 65.93
C ARG C 281 -19.45 9.12 66.44
N LEU C 282 -19.67 8.00 65.75
CA LEU C 282 -19.24 6.72 66.27
C LEU C 282 -17.91 6.30 65.67
N ASN C 283 -17.54 5.04 65.91
CA ASN C 283 -16.21 4.56 65.58
C ASN C 283 -15.94 4.69 64.08
N PRO C 284 -14.72 5.06 63.69
CA PRO C 284 -14.41 5.17 62.26
C PRO C 284 -14.22 3.81 61.58
N HIS C 285 -13.76 2.79 62.32
CA HIS C 285 -13.56 1.48 61.74
C HIS C 285 -14.87 0.78 61.37
N VAL C 286 -16.00 1.39 61.72
CA VAL C 286 -17.29 0.90 61.24
C VAL C 286 -17.44 1.27 59.77
N ASN C 287 -18.13 0.42 59.01
CA ASN C 287 -18.57 0.80 57.66
C ASN C 287 -19.79 1.70 57.83
N VAL C 288 -19.56 2.89 58.37
CA VAL C 288 -20.65 3.83 58.60
C VAL C 288 -21.32 4.18 57.28
N LYS C 289 -20.54 4.25 56.20
CA LYS C 289 -21.11 4.46 54.87
C LYS C 289 -22.26 3.51 54.60
N ALA C 290 -22.03 2.20 54.78
CA ALA C 290 -23.04 1.21 54.44
C ALA C 290 -24.28 1.36 55.32
N ILE C 291 -24.09 1.54 56.63
CA ILE C 291 -25.23 1.55 57.53
C ILE C 291 -26.06 2.82 57.34
N VAL C 292 -25.40 3.95 57.13
CA VAL C 292 -26.16 5.17 56.87
C VAL C 292 -26.82 5.09 55.51
N ILE C 293 -26.22 4.34 54.58
CA ILE C 293 -26.91 4.09 53.32
C ILE C 293 -28.17 3.28 53.57
N GLY C 294 -28.10 2.29 54.45
CA GLY C 294 -29.29 1.52 54.79
C GLY C 294 -30.36 2.36 55.45
N MET C 295 -29.95 3.27 56.34
CA MET C 295 -30.87 4.26 56.86
C MET C 295 -31.50 5.04 55.71
N MET C 296 -30.69 5.47 54.75
CA MET C 296 -31.23 6.21 53.61
C MET C 296 -32.14 5.34 52.79
N ASN C 297 -31.96 4.03 52.85
CA ASN C 297 -32.84 3.14 52.12
C ASN C 297 -34.18 3.04 52.83
N ARG C 298 -34.18 3.06 54.15
CA ARG C 298 -35.44 3.22 54.86
C ARG C 298 -36.08 4.55 54.50
N LEU C 299 -35.26 5.60 54.40
CA LEU C 299 -35.76 6.89 53.95
C LEU C 299 -36.31 6.80 52.54
N SER C 300 -35.75 5.92 51.73
CA SER C 300 -36.25 5.71 50.39
C SER C 300 -37.61 5.03 50.44
N ASP C 301 -37.71 3.97 51.23
CA ASP C 301 -39.00 3.35 51.50
C ASP C 301 -40.02 4.39 51.88
N TYR C 302 -39.60 5.42 52.61
CA TYR C 302 -40.45 6.58 52.82
C TYR C 302 -40.76 7.26 51.49
N ALA C 303 -39.74 7.82 50.84
CA ALA C 303 -39.96 8.80 49.79
C ALA C 303 -40.69 8.20 48.59
N GLU C 304 -40.16 7.10 48.04
CA GLU C 304 -40.61 6.57 46.76
C GLU C 304 -42.10 6.27 46.70
N ARG C 305 -42.81 6.30 47.83
CA ARG C 305 -44.24 6.02 47.84
C ARG C 305 -44.99 7.30 47.55
N GLU C 306 -45.91 7.25 46.59
CA GLU C 306 -46.60 8.43 46.09
C GLU C 306 -47.94 8.63 46.79
N VAL C 387 -39.81 20.25 57.48
CA VAL C 387 -38.88 20.44 58.58
C VAL C 387 -37.61 19.83 58.00
N PRO C 388 -36.63 20.63 57.67
CA PRO C 388 -35.81 20.31 56.48
C PRO C 388 -34.97 19.04 56.61
N LEU C 389 -35.69 17.91 56.75
CA LEU C 389 -35.02 16.61 56.76
C LEU C 389 -34.16 16.46 55.53
N TYR C 390 -34.61 17.00 54.40
CA TYR C 390 -33.69 17.24 53.29
C TYR C 390 -32.43 17.95 53.79
N ASP C 391 -32.60 19.17 54.29
CA ASP C 391 -31.44 19.97 54.69
C ASP C 391 -30.82 19.46 55.99
N ILE C 392 -31.65 19.10 56.97
CA ILE C 392 -31.13 18.59 58.24
C ILE C 392 -30.30 17.35 57.99
N PHE C 393 -30.77 16.48 57.10
CA PHE C 393 -30.05 15.26 56.81
C PHE C 393 -28.77 15.56 56.06
N PHE C 394 -28.79 16.58 55.19
CA PHE C 394 -27.54 17.03 54.59
C PHE C 394 -26.58 17.55 55.64
N ASP C 395 -27.11 18.17 56.69
CA ASP C 395 -26.27 18.66 57.77
C ASP C 395 -25.65 17.50 58.53
N GLN C 396 -26.45 16.46 58.75
CA GLN C 396 -25.91 15.22 59.30
C GLN C 396 -24.79 14.70 58.41
N VAL C 397 -25.00 14.76 57.09
CA VAL C 397 -23.99 14.36 56.12
C VAL C 397 -22.71 15.14 56.34
N GLN C 398 -22.81 16.47 56.38
CA GLN C 398 -21.63 17.30 56.54
C GLN C 398 -20.95 17.04 57.86
N HIS C 399 -21.74 16.81 58.91
CA HIS C 399 -21.16 16.55 60.22
C HIS C 399 -20.35 15.26 60.22
N LEU C 400 -20.92 14.18 59.68
CA LEU C 400 -20.18 12.92 59.62
C LEU C 400 -19.02 13.01 58.65
N VAL C 401 -19.13 13.86 57.63
CA VAL C 401 -17.97 14.21 56.83
C VAL C 401 -16.88 14.79 57.72
N GLN C 402 -17.29 15.64 58.67
CA GLN C 402 -16.33 16.20 59.61
C GLN C 402 -16.06 15.26 60.76
N ALA C 403 -17.11 14.76 61.42
CA ALA C 403 -16.95 13.89 62.58
C ALA C 403 -16.22 12.60 62.24
N GLN C 404 -16.28 12.15 60.99
CA GLN C 404 -15.49 11.02 60.54
C GLN C 404 -14.48 11.50 59.50
N HIS C 405 -13.75 10.54 58.94
CA HIS C 405 -12.77 10.83 57.87
C HIS C 405 -13.22 10.08 56.63
N LEU C 406 -14.01 10.75 55.81
CA LEU C 406 -14.67 10.06 54.72
C LEU C 406 -13.81 10.06 53.47
N PRO C 407 -13.60 8.88 52.89
CA PRO C 407 -13.06 8.83 51.52
C PRO C 407 -14.01 9.55 50.57
N ILE C 408 -13.43 10.27 49.61
CA ILE C 408 -14.23 11.00 48.63
C ILE C 408 -15.20 10.05 47.93
N GLN C 409 -14.74 8.84 47.62
CA GLN C 409 -15.60 7.86 46.97
C GLN C 409 -16.84 7.56 47.79
N ASP C 410 -16.65 7.14 49.05
CA ASP C 410 -17.78 6.89 49.93
C ASP C 410 -18.71 8.09 49.97
N THR C 411 -18.13 9.28 50.17
CA THR C 411 -18.92 10.49 50.20
C THR C 411 -19.81 10.61 48.97
N ILE C 412 -19.22 10.49 47.79
CA ILE C 412 -19.97 10.76 46.56
C ILE C 412 -21.01 9.69 46.33
N ALA C 413 -20.75 8.45 46.77
CA ALA C 413 -21.77 7.42 46.65
C ALA C 413 -22.96 7.72 47.56
N LEU C 414 -22.67 8.07 48.81
CA LEU C 414 -23.71 8.56 49.69
C LEU C 414 -24.47 9.69 49.04
N CYS C 415 -23.77 10.56 48.30
CA CYS C 415 -24.42 11.67 47.65
C CYS C 415 -25.29 11.21 46.48
N CYS C 416 -24.86 10.17 45.78
CA CYS C 416 -25.74 9.54 44.81
C CYS C 416 -27.07 9.20 45.44
N SER C 417 -27.00 8.47 46.55
CA SER C 417 -28.21 8.04 47.23
C SER C 417 -29.01 9.25 47.74
N LEU C 418 -28.32 10.27 48.22
CA LEU C 418 -28.99 11.48 48.69
C LEU C 418 -29.73 12.17 47.56
N ALA C 419 -29.08 12.30 46.41
CA ALA C 419 -29.72 12.96 45.27
C ALA C 419 -30.95 12.18 44.83
N ASN C 420 -30.83 10.85 44.78
CA ASN C 420 -31.99 10.03 44.50
C ASN C 420 -33.12 10.33 45.48
N LEU C 421 -32.80 10.29 46.77
CA LEU C 421 -33.82 10.51 47.80
C LEU C 421 -34.45 11.90 47.66
N SER C 422 -33.63 12.90 47.39
CA SER C 422 -34.13 14.27 47.35
C SER C 422 -34.99 14.51 46.13
N LEU C 423 -34.58 14.00 44.97
CA LEU C 423 -35.42 14.11 43.80
C LEU C 423 -36.59 13.15 43.87
N ASN C 424 -36.62 12.31 44.90
CA ASN C 424 -37.89 11.76 45.29
C ASN C 424 -38.68 12.78 46.10
N ILE C 425 -37.98 13.57 46.91
CA ILE C 425 -38.65 14.48 47.83
C ILE C 425 -39.14 15.74 47.13
N TYR C 426 -38.22 16.55 46.59
CA TYR C 426 -38.57 17.82 45.96
C TYR C 426 -38.16 17.83 44.50
N PRO C 427 -38.88 17.12 43.63
CA PRO C 427 -38.84 17.49 42.21
C PRO C 427 -39.69 18.72 41.95
N GLU C 428 -40.13 19.36 43.02
CA GLU C 428 -41.35 20.17 42.97
C GLU C 428 -41.02 21.65 42.81
N ARG C 429 -40.40 22.25 43.83
CA ARG C 429 -39.48 23.37 43.62
C ARG C 429 -38.13 22.80 43.99
N LEU C 430 -37.49 22.18 43.01
CA LEU C 430 -36.22 21.50 43.23
C LEU C 430 -35.12 22.47 43.62
N ASP C 431 -35.37 23.78 43.48
CA ASP C 431 -34.35 24.78 43.78
C ASP C 431 -33.65 24.48 45.09
N TYR C 432 -34.39 24.05 46.10
CA TYR C 432 -33.77 23.51 47.31
C TYR C 432 -32.78 22.41 46.97
N VAL C 433 -33.25 21.42 46.21
CA VAL C 433 -32.47 20.22 45.98
C VAL C 433 -31.21 20.56 45.21
N ASP C 434 -31.35 21.25 44.08
CA ASP C 434 -30.19 21.67 43.31
C ASP C 434 -29.26 22.54 44.15
N GLY C 435 -29.83 23.37 45.04
CA GLY C 435 -29.01 24.04 46.01
C GLY C 435 -28.06 23.10 46.70
N ILE C 436 -28.59 22.19 47.51
CA ILE C 436 -27.69 21.32 48.27
C ILE C 436 -26.80 20.50 47.35
N LEU C 437 -27.35 19.99 46.26
CA LEU C 437 -26.57 19.11 45.41
C LEU C 437 -25.44 19.85 44.70
N ALA C 438 -25.77 20.73 43.76
CA ALA C 438 -24.72 21.42 43.04
C ALA C 438 -24.09 22.47 43.95
N TYR C 439 -24.90 23.39 44.44
CA TYR C 439 -24.42 24.55 45.15
C TYR C 439 -23.81 24.19 46.48
N ALA C 440 -24.11 23.03 47.04
CA ALA C 440 -23.48 22.59 48.28
C ALA C 440 -22.74 21.27 48.15
N LEU C 441 -23.40 20.22 47.65
CA LEU C 441 -22.75 18.92 47.63
C LEU C 441 -21.70 18.85 46.52
N ALA C 442 -22.02 19.36 45.34
CA ALA C 442 -21.01 19.42 44.29
C ALA C 442 -19.84 20.28 44.73
N LYS C 443 -20.12 21.28 45.57
CA LYS C 443 -19.04 22.10 46.10
C LYS C 443 -18.23 21.34 47.14
N VAL C 444 -18.89 20.48 47.91
CA VAL C 444 -18.18 19.54 48.76
C VAL C 444 -17.24 18.70 47.91
N LYS C 445 -17.67 18.36 46.69
CA LYS C 445 -16.79 17.64 45.78
C LYS C 445 -15.59 18.49 45.36
N GLU C 446 -15.84 19.65 44.75
CA GLU C 446 -14.70 20.44 44.26
C GLU C 446 -13.75 20.75 45.40
N HIS C 447 -14.28 20.89 46.61
CA HIS C 447 -13.44 20.81 47.80
C HIS C 447 -12.60 19.55 47.80
N ALA C 448 -13.25 18.38 47.71
CA ALA C 448 -12.52 17.13 47.70
C ALA C 448 -11.76 17.03 46.38
N ASN C 449 -10.54 17.60 46.36
CA ASN C 449 -9.76 17.63 45.15
C ASN C 449 -9.27 16.23 44.85
N SER C 450 -10.16 15.41 44.30
CA SER C 450 -9.90 14.00 44.05
C SER C 450 -8.73 13.84 43.09
N ALA C 451 -7.87 12.87 43.38
CA ALA C 451 -6.85 12.48 42.43
C ALA C 451 -7.50 11.85 41.19
N ASP C 452 -6.66 11.50 40.23
CA ASP C 452 -7.12 10.87 39.00
C ASP C 452 -8.10 9.73 39.31
N LEU C 453 -9.26 9.79 38.66
CA LEU C 453 -10.34 8.89 39.03
C LEU C 453 -11.18 8.56 37.80
N HIS C 454 -10.91 7.41 37.20
CA HIS C 454 -11.91 6.74 36.39
C HIS C 454 -12.10 5.33 36.92
N SER C 455 -10.98 4.61 37.07
CA SER C 455 -11.01 3.35 37.79
C SER C 455 -11.24 3.56 39.27
N GLN C 456 -10.89 4.72 39.80
CA GLN C 456 -11.25 5.05 41.17
C GLN C 456 -12.76 4.97 41.33
N PRO C 457 -13.26 4.19 42.28
CA PRO C 457 -14.70 4.16 42.51
C PRO C 457 -15.27 5.50 42.89
N ALA C 458 -14.41 6.44 43.31
CA ALA C 458 -14.85 7.82 43.45
C ALA C 458 -15.45 8.32 42.14
N GLN C 459 -14.87 7.92 41.00
CA GLN C 459 -15.43 8.30 39.71
C GLN C 459 -16.79 7.63 39.47
N GLN C 460 -16.94 6.39 39.91
CA GLN C 460 -18.21 5.70 39.69
C GLN C 460 -19.32 6.33 40.53
N SER C 461 -19.02 6.62 41.78
CA SER C 461 -19.93 7.42 42.60
C SER C 461 -20.18 8.78 41.96
N LEU C 462 -19.14 9.39 41.40
CA LEU C 462 -19.32 10.63 40.65
C LEU C 462 -20.41 10.48 39.61
N LEU C 463 -20.21 9.58 38.65
CA LEU C 463 -21.13 9.46 37.53
C LEU C 463 -22.53 9.11 38.00
N SER C 464 -22.63 8.21 38.98
CA SER C 464 -23.94 7.82 39.48
C SER C 464 -24.66 9.01 40.08
N LEU C 465 -23.98 9.75 40.95
CA LEU C 465 -24.54 10.96 41.51
C LEU C 465 -24.99 11.91 40.41
N LEU C 466 -24.16 12.09 39.39
CA LEU C 466 -24.45 13.11 38.39
C LEU C 466 -25.68 12.73 37.58
N GLN C 467 -25.77 11.47 37.16
CA GLN C 467 -26.93 11.05 36.39
C GLN C 467 -28.16 10.92 37.28
N SER C 468 -27.96 10.84 38.59
CA SER C 468 -29.08 10.67 39.51
C SER C 468 -30.20 11.67 39.24
N PRO C 469 -29.96 12.99 39.22
CA PRO C 469 -31.03 13.90 38.82
C PRO C 469 -31.48 13.65 37.40
N LEU C 470 -30.53 13.33 36.53
CA LEU C 470 -30.81 13.25 35.10
C LEU C 470 -31.77 12.11 34.79
N ARG C 471 -31.49 10.94 35.35
CA ARG C 471 -32.40 9.83 35.16
C ARG C 471 -33.65 9.98 36.01
N ARG C 472 -33.53 10.59 37.18
CA ARG C 472 -34.70 10.82 38.01
C ARG C 472 -35.64 11.83 37.37
N TYR C 473 -35.11 12.68 36.49
CA TYR C 473 -35.94 13.67 35.82
C TYR C 473 -36.98 13.01 34.93
N VAL C 474 -38.20 13.56 34.95
CA VAL C 474 -39.20 13.16 33.97
C VAL C 474 -39.33 14.24 32.90
N SER C 475 -39.03 15.48 33.26
CA SER C 475 -39.00 16.59 32.33
C SER C 475 -37.61 17.23 32.39
N ILE C 476 -37.16 17.78 31.25
CA ILE C 476 -35.77 18.18 31.11
C ILE C 476 -35.50 19.58 31.64
N PHE C 477 -36.45 20.50 31.48
CA PHE C 477 -36.20 21.87 31.89
C PHE C 477 -35.98 21.97 33.39
N THR C 478 -36.21 20.88 34.11
CA THR C 478 -35.57 20.71 35.39
C THR C 478 -34.06 20.81 35.26
N ALA C 479 -33.46 19.95 34.46
CA ALA C 479 -32.04 20.10 34.17
C ALA C 479 -31.76 21.39 33.44
N LEU C 480 -32.53 21.69 32.40
CA LEU C 480 -32.33 22.91 31.64
C LEU C 480 -32.42 24.15 32.51
N SER C 481 -32.97 24.01 33.72
CA SER C 481 -32.93 25.05 34.71
C SER C 481 -31.63 25.03 35.51
N LEU C 482 -30.85 23.97 35.41
CA LEU C 482 -29.59 23.89 36.14
C LEU C 482 -28.50 24.58 35.34
N PRO C 483 -28.15 25.82 35.68
CA PRO C 483 -27.20 26.54 34.85
C PRO C 483 -25.76 26.32 35.27
N THR C 484 -25.55 25.84 36.49
CA THR C 484 -24.25 25.82 37.12
C THR C 484 -23.52 24.50 36.92
N TYR C 485 -24.19 23.51 36.34
CA TYR C 485 -23.49 22.27 36.03
C TYR C 485 -22.43 22.50 34.98
N VAL C 486 -22.53 23.59 34.23
CA VAL C 486 -21.47 23.92 33.29
C VAL C 486 -20.13 23.97 33.99
N SER C 487 -20.10 24.48 35.23
CA SER C 487 -18.93 24.31 36.06
C SER C 487 -18.78 22.85 36.47
N LEU C 488 -19.87 22.22 36.87
CA LEU C 488 -19.81 20.80 37.18
C LEU C 488 -19.33 20.01 35.99
N PHE C 489 -19.83 20.32 34.79
CA PHE C 489 -19.19 19.85 33.59
C PHE C 489 -17.68 19.91 33.67
N GLN C 490 -17.12 21.07 34.01
CA GLN C 490 -15.68 21.14 34.23
C GLN C 490 -15.30 20.31 35.45
N ALA C 491 -16.12 20.33 36.49
CA ALA C 491 -15.88 19.50 37.65
C ALA C 491 -16.12 18.02 37.36
N GLN C 492 -16.69 17.70 36.22
CA GLN C 492 -16.80 16.30 35.81
C GLN C 492 -15.60 15.92 34.96
N THR C 493 -15.18 14.67 35.08
CA THR C 493 -13.96 14.29 34.43
C THR C 493 -14.23 13.89 32.97
N TYR C 494 -13.15 13.95 32.21
CA TYR C 494 -13.14 13.88 30.76
C TYR C 494 -14.04 12.79 30.17
N PRO C 495 -13.83 11.51 30.44
CA PRO C 495 -14.72 10.51 29.82
C PRO C 495 -16.15 10.60 30.33
N THR C 496 -16.32 10.78 31.64
CA THR C 496 -17.64 11.05 32.18
C THR C 496 -18.24 12.31 31.60
N ARG C 497 -17.42 13.32 31.34
CA ARG C 497 -17.91 14.47 30.58
C ARG C 497 -18.62 13.99 29.32
N ARG C 498 -17.91 13.21 28.49
CA ARG C 498 -18.53 12.76 27.24
C ARG C 498 -19.78 11.94 27.50
N ALA C 499 -19.70 11.01 28.45
CA ALA C 499 -20.82 10.11 28.72
C ALA C 499 -22.07 10.88 29.08
N ILE C 500 -21.97 11.72 30.11
CA ILE C 500 -23.12 12.47 30.59
C ILE C 500 -23.61 13.43 29.53
N ALA C 501 -22.71 14.01 28.75
CA ALA C 501 -23.13 14.97 27.73
C ALA C 501 -23.95 14.29 26.65
N GLY C 502 -23.41 13.21 26.07
CA GLY C 502 -24.18 12.45 25.12
C GLY C 502 -25.52 12.02 25.69
N GLU C 503 -25.50 11.55 26.94
CA GLU C 503 -26.73 11.21 27.65
C GLU C 503 -27.74 12.33 27.57
N ILE C 504 -27.42 13.48 28.16
CA ILE C 504 -28.39 14.57 28.30
C ILE C 504 -28.84 15.07 26.93
N VAL C 505 -27.90 15.15 25.99
CA VAL C 505 -28.24 15.69 24.70
C VAL C 505 -29.24 14.78 24.00
N ARG C 506 -28.90 13.50 23.83
CA ARG C 506 -29.86 12.64 23.13
C ARG C 506 -31.15 12.49 23.89
N THR C 507 -31.12 12.62 25.23
CA THR C 507 -32.39 12.64 25.94
C THR C 507 -33.25 13.80 25.47
N LEU C 508 -32.68 15.00 25.43
CA LEU C 508 -33.37 16.12 24.78
C LEU C 508 -33.82 15.76 23.37
N LEU C 509 -33.02 14.99 22.64
CA LEU C 509 -33.22 14.79 21.21
C LEU C 509 -34.33 13.80 20.87
N LYS C 510 -34.58 12.80 21.72
CA LYS C 510 -35.52 11.75 21.37
C LYS C 510 -36.90 12.29 21.04
N ASN C 511 -37.17 13.55 21.40
CA ASN C 511 -38.40 14.22 21.02
C ASN C 511 -38.12 15.71 20.88
N GLN C 512 -39.16 16.48 20.62
CA GLN C 512 -39.01 17.89 20.36
C GLN C 512 -38.42 18.61 21.57
N THR C 513 -37.41 19.44 21.33
CA THR C 513 -36.93 20.37 22.34
C THR C 513 -37.69 21.68 22.18
N LEU C 514 -37.45 22.62 23.08
CA LEU C 514 -38.21 23.86 23.09
C LEU C 514 -37.29 25.03 22.74
N ILE C 515 -37.86 26.23 22.70
CA ILE C 515 -37.08 27.43 22.48
C ILE C 515 -35.98 27.50 23.53
N SER C 516 -34.85 28.06 23.14
CA SER C 516 -33.73 28.19 24.06
C SER C 516 -33.65 29.62 24.57
N THR C 517 -33.93 29.80 25.84
CA THR C 517 -33.72 31.10 26.44
C THR C 517 -32.25 31.45 26.34
N PRO C 518 -31.89 32.72 26.55
CA PRO C 518 -30.46 33.06 26.60
C PRO C 518 -29.67 32.07 27.41
N ALA C 519 -29.96 31.97 28.71
CA ALA C 519 -29.25 31.02 29.56
C ALA C 519 -29.24 29.64 28.95
N HIS C 520 -30.40 29.18 28.47
CA HIS C 520 -30.45 27.91 27.75
C HIS C 520 -29.49 27.90 26.58
N LEU C 521 -29.51 28.97 25.78
CA LEU C 521 -28.56 29.07 24.68
C LEU C 521 -27.15 28.82 25.18
N GLU C 522 -26.62 29.73 26.00
CA GLU C 522 -25.20 29.63 26.33
C GLU C 522 -24.91 28.34 27.09
N ASN C 523 -25.91 27.75 27.72
CA ASN C 523 -25.69 26.47 28.37
C ASN C 523 -25.43 25.38 27.35
N VAL C 524 -26.28 25.28 26.33
CA VAL C 524 -26.05 24.27 25.31
C VAL C 524 -24.81 24.62 24.51
N LEU C 525 -24.53 25.92 24.37
CA LEU C 525 -23.31 26.35 23.72
C LEU C 525 -22.09 25.89 24.51
N GLU C 526 -22.19 25.96 25.83
CA GLU C 526 -21.13 25.44 26.69
C GLU C 526 -20.98 23.94 26.49
N ILE C 527 -22.10 23.23 26.47
CA ILE C 527 -22.07 21.80 26.17
C ILE C 527 -21.28 21.55 24.90
N LEU C 528 -21.63 22.27 23.83
CA LEU C 528 -20.99 22.07 22.55
C LEU C 528 -19.50 22.36 22.60
N LYS C 529 -19.13 23.55 23.12
CA LYS C 529 -17.74 23.95 23.15
C LYS C 529 -16.97 23.18 24.20
N VAL C 530 -17.64 22.30 24.94
CA VAL C 530 -16.90 21.26 25.63
C VAL C 530 -16.76 20.04 24.75
N LEU C 531 -17.75 19.77 23.92
CA LEU C 531 -17.78 18.51 23.19
C LEU C 531 -16.86 18.54 21.97
N ILE C 532 -17.20 19.34 20.97
CA ILE C 532 -16.41 19.32 19.74
C ILE C 532 -15.18 20.20 19.90
N LYS C 533 -15.39 21.50 20.02
CA LYS C 533 -14.58 22.25 20.95
C LYS C 533 -14.95 21.62 22.28
N GLU C 534 -13.97 21.57 23.21
CA GLU C 534 -12.65 22.27 23.08
C GLU C 534 -11.74 21.52 22.13
N GLY C 535 -11.39 20.32 22.54
CA GLY C 535 -10.65 19.40 21.72
C GLY C 535 -10.15 18.31 22.61
N GLU C 554 -12.42 6.18 11.56
CA GLU C 554 -13.75 5.64 11.34
C GLU C 554 -14.74 6.50 12.12
N THR C 555 -15.85 6.86 11.48
CA THR C 555 -16.86 7.68 12.14
C THR C 555 -17.84 6.78 12.89
N ASP C 556 -17.26 5.86 13.66
CA ASP C 556 -18.04 5.01 14.57
C ASP C 556 -18.66 5.80 15.69
N GLU C 557 -18.25 7.06 15.85
CA GLU C 557 -18.97 8.06 16.63
C GLU C 557 -19.35 9.26 15.80
N THR C 558 -18.84 9.36 14.56
CA THR C 558 -18.96 10.55 13.72
C THR C 558 -18.46 11.75 14.51
N MET C 559 -17.30 11.54 15.13
CA MET C 559 -17.06 12.09 16.45
C MET C 559 -17.47 13.54 16.54
N GLU C 560 -18.57 13.77 17.25
CA GLU C 560 -19.47 12.67 17.57
C GLU C 560 -20.86 13.04 17.06
N GLU C 561 -20.95 14.28 16.60
CA GLU C 561 -22.21 15.00 16.61
C GLU C 561 -22.94 14.99 15.27
N GLN C 562 -22.72 14.01 14.41
CA GLN C 562 -23.37 14.06 13.10
C GLN C 562 -24.89 14.23 13.24
N GLY C 563 -25.56 13.20 13.77
CA GLY C 563 -26.95 13.37 14.09
C GLY C 563 -27.17 14.42 15.15
N TRP C 564 -26.20 14.62 16.03
CA TRP C 564 -26.37 15.57 17.13
C TRP C 564 -26.44 16.99 16.58
N LEU C 565 -25.52 17.36 15.69
CA LEU C 565 -25.61 18.67 15.07
C LEU C 565 -26.80 18.77 14.12
N ALA C 566 -27.15 17.68 13.44
CA ALA C 566 -28.37 17.71 12.63
C ALA C 566 -29.58 18.10 13.47
N ARG C 567 -29.82 17.36 14.54
CA ARG C 567 -30.93 17.67 15.43
C ARG C 567 -30.75 19.05 16.05
N LEU C 568 -29.51 19.44 16.31
CA LEU C 568 -29.25 20.76 16.86
C LEU C 568 -29.77 21.84 15.93
N VAL C 569 -29.26 21.85 14.70
CA VAL C 569 -29.61 22.88 13.75
C VAL C 569 -31.09 22.84 13.44
N HIS C 570 -31.71 21.66 13.55
CA HIS C 570 -33.13 21.58 13.25
C HIS C 570 -33.96 22.18 14.39
N LEU C 571 -33.66 21.80 15.63
CA LEU C 571 -34.39 22.37 16.76
C LEU C 571 -34.13 23.85 16.88
N ILE C 572 -33.05 24.35 16.27
CA ILE C 572 -32.88 25.79 16.17
C ILE C 572 -34.16 26.42 15.67
N HIS C 573 -34.81 25.78 14.69
CA HIS C 573 -36.12 26.23 14.25
C HIS C 573 -37.17 26.12 15.34
N SER C 574 -37.03 25.14 16.23
CA SER C 574 -38.03 24.95 17.26
C SER C 574 -38.16 26.17 18.17
N ASP C 575 -37.20 27.08 18.11
CA ASP C 575 -37.21 28.24 18.98
C ASP C 575 -38.11 29.34 18.42
N ASP C 576 -38.08 30.49 19.09
CA ASP C 576 -39.05 31.55 18.82
C ASP C 576 -38.68 32.33 17.56
N ASN C 577 -39.71 32.63 16.77
CA ASN C 577 -39.51 33.08 15.39
C ASN C 577 -38.56 34.28 15.31
N ASP C 578 -38.90 35.37 16.01
CA ASP C 578 -38.14 36.61 15.86
C ASP C 578 -36.70 36.45 16.35
N THR C 579 -36.53 35.92 17.56
CA THR C 579 -35.19 35.84 18.14
C THR C 579 -34.28 34.93 17.30
N GLN C 580 -34.89 34.03 16.51
CA GLN C 580 -34.14 33.07 15.72
C GLN C 580 -32.95 33.70 15.02
N PHE C 581 -33.06 34.97 14.63
CA PHE C 581 -31.93 35.64 14.02
C PHE C 581 -30.78 35.78 15.01
N ARG C 582 -31.03 36.43 16.14
CA ARG C 582 -29.99 36.59 17.14
C ARG C 582 -29.46 35.24 17.58
N LEU C 583 -30.32 34.22 17.51
CA LEU C 583 -29.89 32.87 17.77
C LEU C 583 -28.91 32.40 16.70
N LEU C 584 -29.19 32.72 15.44
CA LEU C 584 -28.23 32.46 14.37
C LEU C 584 -26.88 33.03 14.73
N GLN C 585 -26.88 34.27 15.21
CA GLN C 585 -25.61 34.92 15.48
C GLN C 585 -24.91 34.29 16.67
N MET C 586 -25.64 34.03 17.74
CA MET C 586 -25.07 33.36 18.90
C MET C 586 -24.49 32.02 18.51
N THR C 587 -25.12 31.35 17.55
CA THR C 587 -24.67 30.02 17.18
C THR C 587 -23.47 30.09 16.25
N ARG C 588 -23.47 31.01 15.31
CA ARG C 588 -22.29 31.17 14.47
C ARG C 588 -21.09 31.57 15.32
N LYS C 589 -21.33 32.30 16.39
CA LYS C 589 -20.33 32.40 17.43
C LYS C 589 -19.98 31.01 17.96
N ALA C 590 -21.00 30.27 18.40
CA ALA C 590 -20.80 28.89 18.77
C ALA C 590 -20.33 28.06 17.58
N TYR C 591 -20.53 28.56 16.37
CA TYR C 591 -19.94 27.92 15.20
C TYR C 591 -18.59 28.56 14.90
N ALA C 592 -17.78 28.60 15.95
CA ALA C 592 -16.36 28.88 15.85
C ALA C 592 -15.53 27.70 16.34
N GLU C 593 -16.01 26.47 16.13
CA GLU C 593 -15.38 25.29 16.70
C GLU C 593 -13.93 25.15 16.28
N GLY C 594 -13.48 25.92 15.30
CA GLY C 594 -12.15 25.82 14.76
C GLY C 594 -12.21 25.50 13.28
N ASN C 595 -11.15 25.88 12.58
CA ASN C 595 -11.05 25.74 11.14
C ASN C 595 -11.22 24.31 10.65
N GLU C 596 -11.23 23.33 11.56
CA GLU C 596 -11.16 21.93 11.17
C GLU C 596 -12.28 21.09 11.77
N ARG C 597 -13.41 21.70 12.09
CA ARG C 597 -14.42 20.97 12.84
C ARG C 597 -15.79 20.95 12.18
N ILE C 598 -16.26 22.09 11.68
CA ILE C 598 -17.60 22.16 11.15
C ILE C 598 -17.60 21.79 9.68
N ARG C 599 -16.48 21.20 9.23
CA ARG C 599 -16.14 21.04 7.82
C ARG C 599 -17.35 20.73 6.95
N THR C 600 -18.12 19.73 7.33
CA THR C 600 -19.24 19.31 6.52
C THR C 600 -20.56 19.52 7.21
N THR C 601 -20.54 20.02 8.43
CA THR C 601 -21.75 20.34 9.17
C THR C 601 -22.06 21.82 9.21
N THR C 602 -21.42 22.61 8.37
CA THR C 602 -21.92 23.94 8.07
C THR C 602 -23.21 23.94 7.24
N PRO C 603 -23.41 23.03 6.29
CA PRO C 603 -24.65 23.05 5.51
C PRO C 603 -25.89 23.10 6.39
N PRO C 604 -25.87 22.49 7.58
CA PRO C 604 -26.90 22.82 8.56
C PRO C 604 -27.13 24.31 8.75
N LEU C 605 -26.11 25.07 9.11
CA LEU C 605 -26.35 26.49 9.33
C LEU C 605 -26.77 27.18 8.04
N ILE C 606 -26.33 26.65 6.90
CA ILE C 606 -26.87 27.10 5.62
C ILE C 606 -28.38 26.98 5.62
N THR C 607 -28.87 25.80 5.95
CA THR C 607 -30.30 25.57 6.02
C THR C 607 -30.97 26.56 6.95
N ALA C 608 -30.37 26.79 8.11
CA ALA C 608 -30.97 27.69 9.09
C ALA C 608 -31.16 29.08 8.49
N GLY C 609 -30.08 29.66 7.98
CA GLY C 609 -30.20 30.96 7.34
C GLY C 609 -31.21 30.97 6.22
N LEU C 610 -31.22 29.91 5.40
CA LEU C 610 -32.09 29.90 4.23
C LEU C 610 -33.55 29.87 4.63
N LYS C 611 -33.91 29.00 5.57
CA LYS C 611 -35.30 28.94 5.99
C LYS C 611 -35.71 30.24 6.67
N LEU C 612 -34.84 30.77 7.53
CA LEU C 612 -35.16 32.01 8.21
C LEU C 612 -35.34 33.15 7.22
N ALA C 613 -34.65 33.09 6.09
CA ALA C 613 -34.81 34.12 5.07
C ALA C 613 -36.28 34.30 4.71
N ARG C 614 -36.92 33.24 4.23
CA ARG C 614 -38.31 33.35 3.82
C ARG C 614 -39.24 33.51 5.03
N ARG C 615 -38.89 32.87 6.15
CA ARG C 615 -39.73 33.03 7.33
C ARG C 615 -39.85 34.49 7.72
N PHE C 616 -38.73 35.22 7.79
CA PHE C 616 -38.78 36.62 8.16
C PHE C 616 -39.26 37.50 7.01
N LYS C 617 -39.06 37.02 5.78
CA LYS C 617 -39.70 37.69 4.66
C LYS C 617 -41.21 37.73 4.84
N ALA C 618 -41.76 36.70 5.49
CA ALA C 618 -43.21 36.58 5.59
C ALA C 618 -43.83 37.55 6.59
N ARG C 619 -43.08 38.59 7.01
CA ARG C 619 -43.59 39.55 7.97
C ARG C 619 -43.65 40.98 7.42
N GLU C 620 -43.78 41.13 6.09
CA GLU C 620 -43.72 42.46 5.49
C GLU C 620 -44.96 43.30 5.77
N HIS C 621 -46.11 42.68 6.02
CA HIS C 621 -47.34 43.41 6.26
C HIS C 621 -47.34 44.11 7.60
N TYR C 622 -46.29 43.93 8.40
CA TYR C 622 -46.28 44.41 9.77
C TYR C 622 -44.98 45.08 10.16
N ASP C 623 -43.91 44.88 9.38
CA ASP C 623 -42.65 45.54 9.65
C ASP C 623 -41.83 45.56 8.37
N ASP C 624 -41.51 46.75 7.87
CA ASP C 624 -40.76 46.88 6.63
C ASP C 624 -39.28 46.56 6.81
N ASN C 625 -38.82 46.39 8.06
CA ASN C 625 -37.45 46.00 8.33
C ASN C 625 -37.14 44.61 7.79
N TRP C 626 -38.17 43.84 7.43
CA TRP C 626 -37.96 42.57 6.75
C TRP C 626 -37.05 42.75 5.55
N SER C 627 -37.17 43.89 4.86
CA SER C 627 -36.26 44.18 3.76
C SER C 627 -34.89 44.55 4.26
N SER C 628 -34.82 45.51 5.19
CA SER C 628 -33.54 45.93 5.73
C SER C 628 -32.85 44.80 6.46
N GLN C 629 -33.53 44.22 7.45
CA GLN C 629 -32.93 43.12 8.19
C GLN C 629 -32.78 41.89 7.32
N SER C 630 -33.53 41.81 6.22
CA SER C 630 -33.30 40.74 5.26
C SER C 630 -31.96 40.92 4.57
N SER C 631 -31.69 42.12 4.09
CA SER C 631 -30.37 42.44 3.56
C SER C 631 -29.30 42.14 4.59
N SER C 632 -29.56 42.52 5.84
CA SER C 632 -28.61 42.27 6.92
C SER C 632 -28.34 40.77 7.06
N LEU C 633 -29.40 39.97 7.02
CA LEU C 633 -29.24 38.53 6.95
C LEU C 633 -28.32 38.16 5.81
N PHE C 634 -28.74 38.49 4.58
CA PHE C 634 -27.92 38.21 3.39
C PHE C 634 -26.45 38.46 3.65
N LYS C 635 -26.14 39.57 4.31
CA LYS C 635 -24.76 39.88 4.64
C LYS C 635 -24.18 38.85 5.60
N PHE C 636 -24.86 38.61 6.72
CA PHE C 636 -24.38 37.61 7.68
C PHE C 636 -24.20 36.25 7.02
N LEU C 637 -25.16 35.88 6.19
CA LEU C 637 -25.05 34.63 5.43
C LEU C 637 -23.79 34.62 4.60
N HIS C 638 -23.70 35.50 3.61
CA HIS C 638 -22.54 35.53 2.73
C HIS C 638 -21.25 35.52 3.54
N SER C 639 -21.25 36.18 4.69
CA SER C 639 -20.15 36.07 5.62
C SER C 639 -19.87 34.61 5.92
N ALA C 640 -20.87 33.91 6.46
CA ALA C 640 -20.70 32.52 6.82
C ALA C 640 -20.30 31.68 5.61
N ILE C 641 -20.75 32.07 4.43
CA ILE C 641 -20.56 31.23 3.26
C ILE C 641 -19.14 31.35 2.76
N SER C 642 -18.72 32.59 2.47
CA SER C 642 -17.32 32.87 2.25
C SER C 642 -16.44 32.19 3.29
N THR C 643 -16.87 32.22 4.55
CA THR C 643 -16.13 31.54 5.61
C THR C 643 -15.80 30.10 5.22
N LEU C 644 -16.72 29.44 4.54
CA LEU C 644 -16.48 28.06 4.20
C LEU C 644 -15.78 27.95 2.87
N TYR C 645 -16.03 28.89 1.96
CA TYR C 645 -15.00 29.17 0.98
C TYR C 645 -13.68 29.39 1.67
N THR C 646 -13.67 30.28 2.66
CA THR C 646 -12.45 30.54 3.41
C THR C 646 -11.91 29.26 4.02
N ARG C 647 -12.76 28.26 4.18
CA ARG C 647 -12.27 26.90 4.31
C ARG C 647 -11.85 26.39 2.94
N VAL C 648 -10.95 27.15 2.33
CA VAL C 648 -10.28 26.76 1.11
C VAL C 648 -9.65 25.39 1.26
N ASN C 649 -9.35 24.99 2.48
CA ASN C 649 -8.70 23.72 2.76
C ASN C 649 -9.55 22.50 2.45
N GLY C 650 -10.69 22.66 1.77
CA GLY C 650 -11.43 21.54 1.26
C GLY C 650 -10.85 21.01 -0.04
N PRO C 651 -10.59 19.72 -0.09
CA PRO C 651 -9.82 19.18 -1.23
C PRO C 651 -10.66 19.21 -2.50
N GLY C 652 -10.67 20.37 -3.15
CA GLY C 652 -11.53 20.58 -4.28
C GLY C 652 -12.98 20.25 -4.02
N VAL C 653 -13.37 20.13 -2.75
CA VAL C 653 -14.64 19.53 -2.41
C VAL C 653 -15.72 20.60 -2.31
N ALA C 654 -15.40 21.82 -2.73
CA ALA C 654 -16.18 22.99 -2.32
C ALA C 654 -17.49 23.11 -3.08
N ASP C 655 -17.84 22.07 -3.85
CA ASP C 655 -19.15 22.07 -4.50
C ASP C 655 -20.25 22.38 -3.51
N LEU C 656 -20.06 21.98 -2.26
CA LEU C 656 -21.04 22.32 -1.24
C LEU C 656 -21.24 23.81 -1.15
N CYS C 657 -20.21 24.53 -0.67
CA CYS C 657 -20.31 25.98 -0.55
C CYS C 657 -20.87 26.59 -1.81
N LEU C 658 -20.49 26.05 -2.96
CA LEU C 658 -21.15 26.46 -4.19
C LEU C 658 -22.65 26.29 -4.07
N ARG C 659 -23.09 25.07 -3.78
CA ARG C 659 -24.52 24.78 -3.69
C ARG C 659 -25.19 25.67 -2.67
N LEU C 660 -24.45 26.06 -1.65
CA LEU C 660 -25.06 26.80 -0.56
C LEU C 660 -25.27 28.25 -0.98
N PHE C 661 -24.23 28.91 -1.49
CA PHE C 661 -24.41 30.20 -2.14
C PHE C 661 -25.55 30.15 -3.15
N CYS C 662 -25.66 29.04 -3.89
CA CYS C 662 -26.68 28.95 -4.92
C CYS C 662 -28.07 28.94 -4.34
N SER C 663 -28.32 27.99 -3.44
CA SER C 663 -29.54 27.99 -2.66
C SER C 663 -29.88 29.40 -2.20
N CYS C 664 -28.89 30.07 -1.61
CA CYS C 664 -29.14 31.38 -1.03
C CYS C 664 -29.56 32.39 -2.09
N GLY C 665 -28.74 32.58 -3.11
CA GLY C 665 -29.05 33.58 -4.12
C GLY C 665 -30.35 33.27 -4.84
N GLN C 666 -30.60 31.99 -5.08
CA GLN C 666 -31.84 31.58 -5.73
C GLN C 666 -33.04 31.98 -4.89
N VAL C 667 -32.96 31.75 -3.58
CA VAL C 667 -34.03 32.19 -2.69
C VAL C 667 -34.13 33.71 -2.66
N ALA C 668 -32.97 34.39 -2.67
CA ALA C 668 -32.97 35.85 -2.65
C ALA C 668 -33.76 36.41 -3.81
N ASP C 669 -33.49 35.91 -5.01
CA ASP C 669 -34.30 36.29 -6.15
C ASP C 669 -35.74 35.81 -5.99
N MET C 670 -35.93 34.67 -5.29
CA MET C 670 -37.29 34.23 -5.01
C MET C 670 -37.90 35.04 -3.89
N THR C 671 -37.11 35.37 -2.86
CA THR C 671 -37.52 36.43 -1.98
C THR C 671 -37.42 37.78 -2.66
N GLU C 672 -37.07 37.78 -3.95
CA GLU C 672 -37.14 38.93 -4.83
C GLU C 672 -36.10 39.98 -4.46
N PHE C 673 -35.00 39.56 -3.86
CA PHE C 673 -33.91 40.46 -3.50
C PHE C 673 -32.83 40.40 -4.58
N GLU C 674 -33.22 40.79 -5.79
CA GLU C 674 -32.30 40.80 -6.93
C GLU C 674 -31.00 41.54 -6.62
N GLU C 675 -31.08 42.58 -5.78
CA GLU C 675 -29.93 43.42 -5.52
C GLU C 675 -28.70 42.60 -5.13
N VAL C 676 -28.80 41.86 -4.04
CA VAL C 676 -27.68 41.00 -3.69
C VAL C 676 -27.84 39.68 -4.42
N ALA C 677 -29.06 39.35 -4.85
CA ALA C 677 -29.19 38.17 -5.70
C ALA C 677 -28.30 38.30 -6.92
N TYR C 678 -28.40 39.43 -7.63
CA TYR C 678 -27.43 39.69 -8.68
C TYR C 678 -26.01 39.63 -8.13
N GLU C 679 -25.78 40.29 -7.01
CA GLU C 679 -24.47 40.29 -6.37
C GLU C 679 -24.02 38.87 -6.03
N PHE C 680 -24.87 38.10 -5.35
CA PHE C 680 -24.41 36.84 -4.82
C PHE C 680 -24.27 35.80 -5.92
N PHE C 681 -25.03 35.94 -7.01
CA PHE C 681 -24.77 35.07 -8.15
C PHE C 681 -23.50 35.48 -8.87
N ALA C 682 -23.18 36.78 -8.87
CA ALA C 682 -21.84 37.16 -9.30
C ALA C 682 -20.79 36.47 -8.44
N GLN C 683 -21.04 36.40 -7.14
CA GLN C 683 -20.11 35.71 -6.24
C GLN C 683 -20.01 34.26 -6.61
N ALA C 684 -21.16 33.66 -6.94
CA ALA C 684 -21.18 32.29 -7.41
C ALA C 684 -20.32 32.12 -8.64
N PHE C 685 -20.50 33.00 -9.63
CA PHE C 685 -19.58 33.07 -10.75
C PHE C 685 -18.15 32.98 -10.27
N THR C 686 -17.75 33.95 -9.44
CA THR C 686 -16.37 34.04 -8.97
C THR C 686 -15.88 32.72 -8.42
N VAL C 687 -16.48 32.30 -7.31
CA VAL C 687 -16.01 31.10 -6.63
C VAL C 687 -16.04 29.91 -7.57
N TYR C 688 -17.08 29.84 -8.40
CA TYR C 688 -17.13 28.86 -9.48
C TYR C 688 -15.83 28.80 -10.23
N GLU C 689 -15.41 29.91 -10.85
CA GLU C 689 -14.16 29.86 -11.58
C GLU C 689 -13.03 29.47 -10.65
N GLU C 690 -13.06 30.01 -9.44
CA GLU C 690 -12.06 29.66 -8.44
C GLU C 690 -12.13 28.18 -8.14
N SER C 691 -13.31 27.59 -8.26
CA SER C 691 -13.53 26.22 -7.85
C SER C 691 -13.70 25.26 -9.01
N ILE C 692 -13.81 25.77 -10.23
CA ILE C 692 -14.25 24.95 -11.35
C ILE C 692 -13.15 23.94 -11.63
N SER C 693 -13.36 22.69 -11.20
CA SER C 693 -12.27 21.75 -10.98
C SER C 693 -12.23 20.48 -11.83
N ASP C 694 -13.23 19.61 -11.75
CA ASP C 694 -13.10 18.31 -12.40
C ASP C 694 -14.13 18.14 -13.50
N SER C 695 -13.67 17.58 -14.63
CA SER C 695 -14.49 17.47 -15.82
C SER C 695 -15.91 17.06 -15.49
N LYS C 696 -16.07 15.83 -15.04
CA LYS C 696 -17.34 15.36 -14.51
C LYS C 696 -17.92 16.34 -13.49
N ALA C 697 -17.12 16.72 -12.50
CA ALA C 697 -17.60 17.68 -11.52
C ALA C 697 -18.01 18.97 -12.17
N GLN C 698 -17.05 19.65 -12.80
CA GLN C 698 -17.33 20.88 -13.53
C GLN C 698 -18.66 20.81 -14.25
N PHE C 699 -18.90 19.70 -14.94
CA PHE C 699 -20.20 19.45 -15.53
C PHE C 699 -21.31 19.62 -14.51
N GLN C 700 -21.31 18.80 -13.47
CA GLN C 700 -22.46 18.84 -12.57
C GLN C 700 -22.66 20.22 -12.00
N ALA C 701 -21.56 20.88 -11.65
CA ALA C 701 -21.64 22.15 -10.94
C ALA C 701 -22.17 23.24 -11.84
N VAL C 702 -21.74 23.27 -13.10
CA VAL C 702 -22.30 24.28 -13.98
C VAL C 702 -23.77 23.98 -14.22
N CYS C 703 -24.15 22.70 -14.20
CA CYS C 703 -25.57 22.40 -14.20
C CYS C 703 -26.25 23.04 -13.00
N VAL C 704 -25.60 22.98 -11.85
CA VAL C 704 -26.16 23.60 -10.66
C VAL C 704 -26.35 25.08 -10.89
N ILE C 705 -25.34 25.72 -11.47
CA ILE C 705 -25.42 27.15 -11.76
C ILE C 705 -26.59 27.41 -12.70
N ALA C 706 -26.76 26.55 -13.69
CA ALA C 706 -27.88 26.64 -14.60
C ALA C 706 -29.19 26.67 -13.83
N SER C 707 -29.40 25.67 -12.98
CA SER C 707 -30.64 25.61 -12.19
C SER C 707 -30.80 26.87 -11.36
N ALA C 708 -29.71 27.34 -10.75
CA ALA C 708 -29.71 28.60 -10.02
C ALA C 708 -30.36 29.69 -10.85
N LEU C 709 -29.97 29.79 -12.11
CA LEU C 709 -30.71 30.68 -13.02
C LEU C 709 -32.15 30.21 -13.18
N HIS C 710 -32.34 28.92 -13.40
CA HIS C 710 -33.57 28.34 -13.92
C HIS C 710 -34.77 28.73 -13.09
N ARG C 711 -34.62 28.65 -11.77
CA ARG C 711 -35.80 28.76 -10.93
C ARG C 711 -36.33 30.19 -10.78
N THR C 712 -35.66 31.19 -11.36
CA THR C 712 -36.06 32.58 -11.16
C THR C 712 -37.31 32.84 -12.00
N ARG C 713 -38.02 33.92 -11.66
CA ARG C 713 -39.14 34.37 -12.47
C ARG C 713 -39.16 35.88 -12.68
N ASN C 714 -38.74 36.67 -11.69
CA ASN C 714 -39.04 38.10 -11.71
C ASN C 714 -37.79 38.96 -11.82
N PHE C 715 -36.61 38.34 -11.81
CA PHE C 715 -35.35 39.06 -11.82
C PHE C 715 -35.26 40.07 -12.97
N GLY C 716 -34.54 41.17 -12.76
CA GLY C 716 -34.40 42.20 -13.77
C GLY C 716 -33.70 41.73 -15.03
N ARG C 717 -34.21 42.16 -16.19
CA ARG C 717 -33.66 41.70 -17.45
C ARG C 717 -32.29 42.30 -17.74
N GLU C 718 -32.08 43.55 -17.30
CA GLU C 718 -30.79 44.19 -17.48
C GLU C 718 -29.67 43.31 -16.92
N ASN C 719 -29.92 42.72 -15.76
CA ASN C 719 -28.95 41.75 -15.23
C ASN C 719 -29.14 40.39 -15.87
N TYR C 720 -30.38 40.04 -16.21
CA TYR C 720 -30.69 38.72 -16.74
C TYR C 720 -29.87 38.39 -17.97
N ASP C 721 -29.90 39.25 -18.98
CA ASP C 721 -29.23 38.94 -20.23
C ASP C 721 -27.72 38.97 -20.07
N THR C 722 -27.22 39.85 -19.22
CA THR C 722 -25.79 39.81 -18.89
C THR C 722 -25.44 38.46 -18.29
N LEU C 723 -26.26 37.98 -17.37
CA LEU C 723 -26.06 36.65 -16.81
C LEU C 723 -26.10 35.60 -17.89
N ILE C 724 -27.02 35.75 -18.83
CA ILE C 724 -27.08 34.85 -19.99
C ILE C 724 -25.73 34.80 -20.68
N THR C 725 -25.15 35.97 -20.92
CA THR C 725 -23.86 36.06 -21.59
C THR C 725 -22.77 35.36 -20.77
N LYS C 726 -22.68 35.71 -19.49
CA LYS C 726 -21.66 35.09 -18.64
C LYS C 726 -21.81 33.58 -18.64
N CYS C 727 -23.05 33.10 -18.53
CA CYS C 727 -23.31 31.67 -18.57
C CYS C 727 -22.76 31.07 -19.84
N ALA C 728 -23.35 31.42 -20.99
CA ALA C 728 -22.91 30.87 -22.26
C ALA C 728 -21.38 30.88 -22.35
N GLN C 729 -20.76 31.97 -21.92
CA GLN C 729 -19.31 32.02 -21.87
C GLN C 729 -18.74 30.86 -21.07
N HIS C 730 -19.07 30.79 -19.80
CA HIS C 730 -18.44 29.83 -18.93
C HIS C 730 -18.80 28.41 -19.31
N ALA C 731 -20.03 28.20 -19.78
CA ALA C 731 -20.39 26.96 -20.42
C ALA C 731 -19.38 26.60 -21.49
N SER C 732 -19.18 27.49 -22.44
CA SER C 732 -18.13 27.31 -23.44
C SER C 732 -16.76 27.17 -22.80
N LYS C 733 -16.64 27.49 -21.52
CA LYS C 733 -15.38 27.31 -20.81
C LYS C 733 -15.28 25.96 -20.13
N LEU C 734 -15.90 24.93 -20.70
CA LEU C 734 -15.64 23.58 -20.23
C LEU C 734 -14.76 22.84 -21.24
N LEU C 735 -14.27 21.65 -20.86
CA LEU C 735 -13.17 21.08 -21.63
C LEU C 735 -13.61 20.03 -22.63
N ARG C 736 -14.12 18.90 -22.17
CA ARG C 736 -14.06 17.68 -22.98
C ARG C 736 -15.22 17.63 -23.95
N LYS C 737 -14.94 17.06 -25.12
CA LYS C 737 -15.84 17.19 -26.27
C LYS C 737 -17.25 16.67 -26.03
N PRO C 738 -17.48 15.37 -25.79
CA PRO C 738 -18.88 14.89 -25.79
C PRO C 738 -19.71 15.52 -24.71
N ASP C 739 -19.25 15.39 -23.48
CA ASP C 739 -19.77 16.18 -22.38
C ASP C 739 -19.87 17.66 -22.74
N GLN C 740 -18.97 18.17 -23.57
CA GLN C 740 -19.08 19.59 -23.93
C GLN C 740 -20.36 19.85 -24.70
N CYS C 741 -20.63 19.04 -25.73
CA CYS C 741 -21.84 19.27 -26.50
C CYS C 741 -23.06 19.01 -25.64
N ARG C 742 -22.93 18.14 -24.65
CA ARG C 742 -23.96 18.05 -23.64
C ARG C 742 -24.21 19.42 -23.03
N ALA C 743 -23.14 20.04 -22.53
CA ALA C 743 -23.23 21.38 -22.00
C ALA C 743 -23.85 22.32 -23.01
N VAL C 744 -23.48 22.18 -24.28
CA VAL C 744 -23.98 23.10 -25.29
C VAL C 744 -25.49 23.02 -25.36
N TYR C 745 -26.03 21.81 -25.57
CA TYR C 745 -27.47 21.76 -25.73
C TYR C 745 -28.20 22.19 -24.48
N LEU C 746 -27.59 22.05 -23.30
CA LEU C 746 -28.32 22.62 -22.19
C LEU C 746 -28.12 24.13 -22.11
N ALA C 747 -27.06 24.65 -22.71
CA ALA C 747 -26.79 26.07 -22.60
C ALA C 747 -27.77 26.92 -23.39
N SER C 748 -28.37 26.38 -24.44
CA SER C 748 -29.28 27.20 -25.25
C SER C 748 -30.54 27.54 -24.48
N HIS C 749 -30.75 26.90 -23.33
CA HIS C 749 -31.90 27.25 -22.51
C HIS C 749 -31.80 28.65 -21.93
N LEU C 750 -30.68 29.35 -22.18
CA LEU C 750 -30.57 30.74 -21.80
C LEU C 750 -31.51 31.62 -22.61
N TRP C 751 -32.01 31.11 -23.74
CA TRP C 751 -32.78 31.91 -24.68
C TRP C 751 -34.17 31.37 -24.95
N TRP C 752 -34.31 30.04 -24.99
CA TRP C 752 -35.46 29.36 -25.53
C TRP C 752 -36.71 29.64 -24.71
N ALA C 753 -37.83 29.11 -25.18
CA ALA C 753 -39.06 29.06 -24.40
C ALA C 753 -38.85 28.04 -23.28
N THR C 754 -37.84 28.31 -22.48
CA THR C 754 -37.41 27.56 -21.30
C THR C 754 -36.26 28.35 -20.66
N PRO C 755 -36.06 28.28 -19.33
CA PRO C 755 -36.73 27.61 -18.21
C PRO C 755 -37.74 28.48 -17.46
N ILE C 756 -38.11 28.04 -16.26
CA ILE C 756 -38.91 28.84 -15.32
C ILE C 756 -38.29 30.22 -15.22
N ALA C 757 -36.96 30.27 -15.30
CA ALA C 757 -36.27 31.55 -15.45
C ALA C 757 -36.83 32.37 -16.60
N ALA C 758 -37.11 31.73 -17.73
CA ALA C 758 -37.45 32.42 -18.96
C ALA C 758 -38.95 32.49 -19.22
N ARG C 759 -39.81 32.08 -18.28
CA ARG C 759 -41.24 32.08 -18.51
C ARG C 759 -41.79 33.46 -18.20
N GLY C 760 -42.12 34.21 -19.25
CA GLY C 760 -42.79 35.49 -19.12
C GLY C 760 -44.26 35.38 -19.45
N GLU C 761 -45.08 36.06 -18.67
CA GLU C 761 -46.52 36.02 -18.89
C GLU C 761 -46.86 36.98 -20.03
N THR C 762 -45.86 37.69 -20.54
CA THR C 762 -45.99 38.43 -21.78
C THR C 762 -45.78 37.56 -23.00
N GLU C 763 -45.29 36.35 -22.80
CA GLU C 763 -45.11 35.38 -23.87
C GLU C 763 -46.38 34.57 -24.11
N ASP C 764 -47.52 35.04 -23.61
CA ASP C 764 -48.79 34.30 -23.61
C ASP C 764 -48.60 32.95 -22.91
N THR C 765 -48.12 33.05 -21.67
CA THR C 765 -47.92 31.93 -20.76
C THR C 765 -46.76 31.06 -21.25
N GLU C 766 -46.23 31.36 -22.43
CA GLU C 766 -45.04 30.71 -22.92
C GLU C 766 -43.81 31.36 -22.28
N LEU C 767 -42.64 30.97 -22.76
CA LEU C 767 -41.41 31.39 -22.12
C LEU C 767 -40.61 32.27 -23.09
N TYR C 768 -39.38 32.61 -22.71
CA TYR C 768 -38.69 33.74 -23.33
C TYR C 768 -38.49 33.54 -24.82
N ARG C 769 -38.12 32.32 -25.25
CA ARG C 769 -38.12 31.96 -26.67
C ARG C 769 -37.24 32.89 -27.51
N ASP C 770 -35.93 32.85 -27.31
CA ASP C 770 -35.01 33.49 -28.25
C ASP C 770 -34.41 32.39 -29.13
N GLY C 771 -35.31 31.69 -29.83
CA GLY C 771 -34.91 30.51 -30.59
C GLY C 771 -33.85 30.76 -31.63
N LYS C 772 -33.56 32.04 -31.91
CA LYS C 772 -32.56 32.36 -32.93
C LYS C 772 -31.16 32.05 -32.43
N ARG C 773 -30.77 32.65 -31.30
CA ARG C 773 -29.48 32.32 -30.72
C ARG C 773 -29.44 30.86 -30.28
N VAL C 774 -30.60 30.31 -29.90
CA VAL C 774 -30.70 28.87 -29.67
C VAL C 774 -30.22 28.10 -30.87
N LEU C 775 -30.77 28.39 -32.05
CA LEU C 775 -30.36 27.69 -33.26
C LEU C 775 -28.90 28.00 -33.60
N GLU C 776 -28.44 29.19 -33.23
CA GLU C 776 -27.03 29.51 -33.38
C GLU C 776 -26.14 28.54 -32.61
N CYS C 777 -26.37 28.43 -31.31
CA CYS C 777 -25.61 27.47 -30.52
C CYS C 777 -25.88 26.05 -30.99
N LEU C 778 -27.02 25.82 -31.62
CA LEU C 778 -27.29 24.52 -32.21
C LEU C 778 -26.31 24.25 -33.34
N GLN C 779 -26.10 25.22 -34.21
CA GLN C 779 -25.06 25.11 -35.23
C GLN C 779 -23.70 24.92 -34.60
N ARG C 780 -23.44 25.61 -33.49
CA ARG C 780 -22.15 25.45 -32.83
C ARG C 780 -21.94 24.01 -32.39
N ALA C 781 -22.86 23.48 -31.59
CA ALA C 781 -22.77 22.10 -31.15
C ALA C 781 -22.70 21.15 -32.33
N LEU C 782 -23.42 21.47 -33.42
CA LEU C 782 -23.31 20.68 -34.63
C LEU C 782 -21.88 20.59 -35.11
N ARG C 783 -21.28 21.75 -35.36
CA ARG C 783 -19.86 21.81 -35.71
C ARG C 783 -19.03 20.96 -34.75
N VAL C 784 -19.21 21.17 -33.45
CA VAL C 784 -18.38 20.49 -32.48
C VAL C 784 -18.54 18.98 -32.62
N ALA C 785 -19.77 18.50 -32.70
CA ALA C 785 -20.02 17.08 -32.83
C ALA C 785 -19.47 16.54 -34.13
N ASP C 786 -19.33 17.40 -35.14
CA ASP C 786 -18.70 16.99 -36.38
C ASP C 786 -17.22 16.70 -36.19
N SER C 787 -16.69 16.92 -34.99
CA SER C 787 -15.25 16.88 -34.79
C SER C 787 -14.81 16.13 -33.53
N CYS C 788 -15.72 15.40 -32.88
CA CYS C 788 -15.34 14.74 -31.63
C CYS C 788 -14.36 13.61 -31.88
N MET C 789 -14.27 13.15 -33.13
CA MET C 789 -13.40 12.03 -33.51
C MET C 789 -13.83 10.74 -32.80
N GLU C 790 -15.15 10.56 -32.68
CA GLU C 790 -15.72 9.30 -32.26
C GLU C 790 -17.00 9.08 -33.03
N THR C 791 -17.13 7.90 -33.64
CA THR C 791 -18.29 7.61 -34.46
C THR C 791 -19.59 7.59 -33.65
N ALA C 792 -19.73 6.60 -32.78
CA ALA C 792 -21.06 6.25 -32.27
C ALA C 792 -21.59 7.32 -31.32
N THR C 793 -20.71 7.83 -30.45
CA THR C 793 -21.11 8.93 -29.59
C THR C 793 -21.62 10.09 -30.41
N SER C 794 -20.84 10.51 -31.41
CA SER C 794 -21.29 11.59 -32.27
C SER C 794 -22.64 11.28 -32.87
N ILE C 795 -22.86 10.04 -33.28
CA ILE C 795 -24.13 9.67 -33.87
C ILE C 795 -25.27 9.88 -32.88
N GLU C 796 -25.15 9.28 -31.70
CA GLU C 796 -26.21 9.42 -30.71
C GLU C 796 -26.45 10.89 -30.39
N LEU C 797 -25.38 11.67 -30.41
CA LEU C 797 -25.53 13.10 -30.14
C LEU C 797 -26.29 13.78 -31.26
N PHE C 798 -26.02 13.39 -32.50
CA PHE C 798 -26.79 13.89 -33.62
C PHE C 798 -28.26 13.58 -33.41
N VAL C 799 -28.55 12.38 -32.91
CA VAL C 799 -29.93 12.04 -32.58
C VAL C 799 -30.48 13.02 -31.54
N GLU C 800 -29.68 13.30 -30.52
CA GLU C 800 -30.14 14.22 -29.47
C GLU C 800 -30.48 15.57 -30.06
N ILE C 801 -29.61 16.07 -30.92
CA ILE C 801 -29.83 17.36 -31.57
C ILE C 801 -31.08 17.32 -32.42
N LEU C 802 -31.27 16.22 -33.15
CA LEU C 802 -32.53 15.99 -33.84
C LEU C 802 -33.70 16.18 -32.89
N ASP C 803 -33.58 15.62 -31.68
CA ASP C 803 -34.68 15.67 -30.74
C ASP C 803 -34.93 17.09 -30.27
N ARG C 804 -33.86 17.83 -29.99
CA ARG C 804 -34.00 19.25 -29.71
C ARG C 804 -34.79 19.93 -30.81
N TYR C 805 -34.31 19.81 -32.05
CA TYR C 805 -34.88 20.54 -33.17
C TYR C 805 -36.34 20.16 -33.37
N VAL C 806 -36.67 18.88 -33.25
CA VAL C 806 -38.04 18.45 -33.53
C VAL C 806 -38.97 18.86 -32.39
N TYR C 807 -38.46 18.90 -31.16
CA TYR C 807 -39.28 19.45 -30.09
C TYR C 807 -39.58 20.91 -30.36
N TYR C 808 -38.56 21.67 -30.77
CA TYR C 808 -38.79 23.07 -31.07
C TYR C 808 -39.78 23.23 -32.21
N PHE C 809 -39.71 22.34 -33.20
CA PHE C 809 -40.72 22.29 -34.25
C PHE C 809 -42.11 22.10 -33.66
N ASP C 810 -42.28 21.06 -32.84
CA ASP C 810 -43.53 20.87 -32.11
C ASP C 810 -43.75 21.96 -31.08
N GLN C 811 -42.68 22.55 -30.54
CA GLN C 811 -42.80 23.75 -29.72
C GLN C 811 -42.89 25.00 -30.58
N ARG C 812 -42.82 24.84 -31.91
CA ARG C 812 -42.91 25.95 -32.86
C ARG C 812 -41.82 26.99 -32.61
N ASN C 813 -40.57 26.58 -32.75
CA ASN C 813 -39.47 27.54 -32.84
C ASN C 813 -39.56 28.22 -34.19
N GLU C 814 -39.71 29.53 -34.19
CA GLU C 814 -39.84 30.27 -35.45
C GLU C 814 -38.55 30.17 -36.27
N SER C 815 -37.44 29.76 -35.65
CA SER C 815 -36.20 29.61 -36.39
C SER C 815 -35.96 28.18 -36.89
N VAL C 816 -36.76 27.22 -36.43
CA VAL C 816 -36.59 25.82 -36.84
C VAL C 816 -37.00 25.75 -38.31
N THR C 817 -36.02 25.53 -39.17
CA THR C 817 -36.29 25.38 -40.59
C THR C 817 -36.38 23.91 -40.95
N THR C 818 -37.43 23.56 -41.68
CA THR C 818 -37.60 22.19 -42.14
C THR C 818 -36.48 21.79 -43.10
N LYS C 819 -35.80 22.77 -43.69
CA LYS C 819 -34.62 22.45 -44.48
C LYS C 819 -33.52 21.86 -43.61
N TYR C 820 -33.36 22.39 -42.39
CA TYR C 820 -32.39 21.82 -41.47
C TYR C 820 -32.83 20.43 -41.03
N LEU C 821 -34.12 20.29 -40.70
CA LEU C 821 -34.71 18.96 -40.50
C LEU C 821 -34.24 18.00 -41.58
N ASN C 822 -34.57 18.32 -42.84
CA ASN C 822 -34.35 17.39 -43.93
C ASN C 822 -32.87 17.12 -44.14
N GLY C 823 -32.06 18.16 -44.17
CA GLY C 823 -30.63 17.97 -44.35
C GLY C 823 -30.03 17.07 -43.30
N LEU C 824 -30.32 17.35 -42.03
CA LEU C 824 -29.72 16.54 -40.97
C LEU C 824 -30.25 15.12 -41.00
N ILE C 825 -31.55 14.94 -41.21
CA ILE C 825 -32.11 13.60 -41.16
C ILE C 825 -31.62 12.77 -42.33
N GLU C 826 -31.41 13.40 -43.48
CA GLU C 826 -30.90 12.65 -44.62
C GLU C 826 -29.43 12.32 -44.44
N LEU C 827 -28.64 13.29 -43.96
CA LEU C 827 -27.27 13.00 -43.56
C LEU C 827 -27.20 11.80 -42.64
N ILE C 828 -28.03 11.80 -41.58
CA ILE C 828 -27.97 10.77 -40.57
C ILE C 828 -28.47 9.44 -41.13
N HIS C 829 -29.58 9.48 -41.87
CA HIS C 829 -30.13 8.28 -42.47
C HIS C 829 -29.12 7.64 -43.42
N SER C 830 -28.36 8.47 -44.14
CA SER C 830 -27.31 7.94 -45.00
C SER C 830 -26.19 7.32 -44.20
N ASN C 831 -25.73 8.02 -43.16
CA ASN C 831 -24.62 7.50 -42.35
C ASN C 831 -24.99 6.18 -41.68
N LEU C 832 -26.14 6.14 -41.00
CA LEU C 832 -26.59 4.91 -40.36
C LEU C 832 -26.76 3.80 -41.39
N ALA C 833 -27.12 4.17 -42.62
CA ALA C 833 -27.27 3.17 -43.67
C ALA C 833 -25.93 2.81 -44.29
N GLY C 834 -25.05 3.80 -44.49
CA GLY C 834 -23.81 3.54 -45.18
C GLY C 834 -22.63 3.20 -44.32
N ASN C 835 -22.45 3.88 -43.19
CA ASN C 835 -21.17 3.79 -42.50
C ASN C 835 -21.26 3.41 -41.03
N GLN C 836 -22.41 3.01 -40.52
CA GLN C 836 -22.58 2.73 -39.11
C GLN C 836 -22.06 1.33 -38.79
N GLN C 837 -21.08 1.24 -37.88
CA GLN C 837 -20.51 -0.06 -37.53
C GLN C 837 -21.38 -0.79 -36.52
N ASP C 838 -21.43 -2.11 -36.66
CA ASP C 838 -22.32 -2.93 -35.84
C ASP C 838 -22.05 -2.74 -34.34
N SER C 839 -23.11 -2.40 -33.61
CA SER C 839 -23.07 -2.30 -32.16
C SER C 839 -24.50 -2.11 -31.66
N ALA C 840 -24.70 -2.34 -30.36
CA ALA C 840 -26.03 -2.24 -29.79
C ALA C 840 -26.53 -0.79 -29.78
N SER C 841 -25.66 0.14 -29.40
CA SER C 841 -26.04 1.54 -29.39
C SER C 841 -26.47 1.98 -30.79
N VAL C 842 -25.95 1.33 -31.82
CA VAL C 842 -26.45 1.57 -33.17
C VAL C 842 -27.93 1.23 -33.27
N GLU C 843 -28.33 0.10 -32.68
CA GLU C 843 -29.74 -0.26 -32.68
C GLU C 843 -30.54 0.75 -31.87
N ALA C 844 -29.99 1.21 -30.74
CA ALA C 844 -30.66 2.25 -29.98
C ALA C 844 -30.87 3.49 -30.83
N SER C 845 -29.86 3.86 -31.62
CA SER C 845 -29.97 4.98 -32.53
C SER C 845 -31.09 4.77 -33.53
N ARG C 846 -31.14 3.59 -34.15
CA ARG C 846 -32.18 3.33 -35.14
C ARG C 846 -33.57 3.43 -34.53
N LYS C 847 -33.78 2.77 -33.40
CA LYS C 847 -35.12 2.72 -32.83
C LYS C 847 -35.54 4.09 -32.33
N HIS C 848 -34.63 4.85 -31.73
CA HIS C 848 -35.02 6.16 -31.22
C HIS C 848 -35.17 7.15 -32.37
N PHE C 849 -34.42 6.95 -33.45
CA PHE C 849 -34.66 7.66 -34.68
C PHE C 849 -36.06 7.38 -35.20
N ILE C 850 -36.51 6.13 -35.06
CA ILE C 850 -37.88 5.78 -35.39
C ILE C 850 -38.86 6.55 -34.53
N GLN C 851 -38.60 6.60 -33.23
CA GLN C 851 -39.46 7.36 -32.32
C GLN C 851 -39.54 8.82 -32.76
N THR C 852 -38.39 9.41 -33.04
CA THR C 852 -38.36 10.79 -33.51
C THR C 852 -39.19 10.94 -34.78
N LEU C 853 -39.06 10.00 -35.71
CA LEU C 853 -39.85 10.04 -36.93
C LEU C 853 -41.34 10.04 -36.64
N GLU C 854 -41.76 9.18 -35.71
CA GLU C 854 -43.16 9.22 -35.27
C GLU C 854 -43.51 10.58 -34.71
N MET C 855 -42.54 11.24 -34.07
CA MET C 855 -42.82 12.50 -33.39
C MET C 855 -42.79 13.69 -34.33
N ILE C 856 -42.29 13.50 -35.56
CA ILE C 856 -42.14 14.64 -36.46
C ILE C 856 -43.47 15.30 -36.80
N GLN C 857 -44.59 14.60 -36.62
CA GLN C 857 -45.90 15.11 -37.00
C GLN C 857 -45.91 15.62 -38.44
N SER D 1 -46.72 -9.17 -4.21
CA SER D 1 -46.16 -10.43 -3.76
C SER D 1 -45.51 -10.29 -2.39
N MET D 2 -45.29 -9.04 -1.99
CA MET D 2 -44.59 -8.69 -0.75
C MET D 2 -43.12 -9.10 -0.80
N ALA D 3 -42.74 -9.82 -1.86
CA ALA D 3 -41.33 -9.93 -2.23
C ALA D 3 -40.95 -8.83 -3.19
N PHE D 4 -41.94 -8.06 -3.65
CA PHE D 4 -41.75 -6.88 -4.47
C PHE D 4 -42.48 -5.74 -3.77
N LEU D 5 -41.83 -5.13 -2.78
CA LEU D 5 -42.34 -3.91 -2.19
C LEU D 5 -41.57 -2.74 -2.78
N ILE D 6 -41.86 -2.43 -4.03
CA ILE D 6 -41.14 -1.44 -4.82
C ILE D 6 -41.65 -0.06 -4.42
N LEU D 7 -40.79 0.73 -3.79
CA LEU D 7 -41.24 1.97 -3.17
C LEU D 7 -40.32 3.13 -3.50
N VAL D 8 -40.91 4.23 -3.95
CA VAL D 8 -40.22 5.50 -4.11
C VAL D 8 -40.63 6.40 -2.95
N ILE D 9 -39.67 6.72 -2.08
CA ILE D 9 -39.96 7.30 -0.78
C ILE D 9 -38.66 7.89 -0.23
N GLY D 10 -38.79 8.78 0.75
CA GLY D 10 -37.64 9.24 1.50
C GLY D 10 -37.41 10.71 1.24
N ASN D 11 -36.15 11.03 0.96
CA ASN D 11 -35.79 12.33 0.42
C ASN D 11 -36.14 13.46 1.38
N LEU D 12 -35.50 13.42 2.55
CA LEU D 12 -35.81 14.39 3.60
C LEU D 12 -34.70 15.43 3.74
N HIS D 13 -33.73 15.43 2.84
CA HIS D 13 -32.68 16.45 2.82
C HIS D 13 -31.75 16.31 4.02
N ILE D 14 -31.46 15.07 4.40
CA ILE D 14 -30.90 14.75 5.72
C ILE D 14 -29.39 14.63 5.58
N PRO D 15 -28.60 14.84 6.66
CA PRO D 15 -28.95 15.37 7.99
C PRO D 15 -29.06 16.87 7.98
N ASP D 16 -28.74 17.45 6.82
CA ASP D 16 -28.71 18.89 6.71
C ASP D 16 -30.07 19.51 7.00
N ARG D 17 -31.08 19.11 6.25
CA ARG D 17 -32.29 19.92 6.18
C ARG D 17 -33.52 19.21 6.73
N ALA D 18 -33.33 18.15 7.52
CA ALA D 18 -34.36 17.61 8.38
C ALA D 18 -33.71 17.16 9.68
N LEU D 19 -34.49 16.46 10.50
CA LEU D 19 -33.93 15.74 11.63
C LEU D 19 -34.02 14.23 11.48
N ASP D 20 -35.23 13.69 11.29
CA ASP D 20 -35.41 12.27 11.06
C ASP D 20 -36.87 11.98 10.79
N ILE D 21 -37.10 10.81 10.23
CA ILE D 21 -38.47 10.34 10.02
C ILE D 21 -39.11 10.05 11.37
N PRO D 22 -40.35 10.46 11.59
CA PRO D 22 -41.05 10.14 12.84
C PRO D 22 -41.26 8.64 12.98
N PRO D 23 -41.62 8.15 14.17
CA PRO D 23 -41.77 6.70 14.36
C PRO D 23 -42.78 6.05 13.43
N LYS D 24 -43.68 6.83 12.84
CA LYS D 24 -44.73 6.27 11.99
C LYS D 24 -44.14 5.47 10.84
N PHE D 25 -43.42 6.11 9.93
CA PHE D 25 -42.76 5.37 8.87
C PHE D 25 -41.69 4.46 9.43
N LYS D 26 -40.96 4.93 10.45
CA LYS D 26 -39.88 4.14 11.01
C LYS D 26 -40.33 2.72 11.30
N LYS D 27 -41.46 2.57 11.99
CA LYS D 27 -42.03 1.26 12.17
C LYS D 27 -42.68 0.76 10.88
N LEU D 28 -43.26 1.67 10.09
CA LEU D 28 -43.81 1.29 8.80
C LEU D 28 -42.72 0.88 7.83
N LEU D 29 -41.52 1.40 8.00
CA LEU D 29 -40.37 1.07 7.17
C LEU D 29 -39.28 0.38 7.97
N SER D 30 -39.64 -0.49 8.91
CA SER D 30 -38.67 -1.24 9.67
C SER D 30 -38.41 -2.60 9.01
N PRO D 31 -37.32 -3.29 9.37
CA PRO D 31 -37.05 -4.60 8.79
C PRO D 31 -38.18 -5.60 9.04
N GLY D 32 -38.24 -6.61 8.19
CA GLY D 32 -39.22 -7.67 8.32
C GLY D 32 -40.32 -7.65 7.29
N LYS D 33 -40.48 -6.55 6.55
CA LYS D 33 -41.52 -6.46 5.53
C LYS D 33 -40.96 -6.50 4.12
N ILE D 34 -40.05 -5.61 3.83
CA ILE D 34 -39.62 -5.35 2.47
C ILE D 34 -38.42 -6.22 2.15
N SER D 35 -38.49 -6.90 1.01
CA SER D 35 -37.37 -7.66 0.50
C SER D 35 -36.65 -6.93 -0.62
N GLN D 36 -37.29 -5.93 -1.21
CA GLN D 36 -36.74 -5.20 -2.33
C GLN D 36 -37.09 -3.72 -2.18
N THR D 37 -36.10 -2.93 -1.76
CA THR D 37 -36.29 -1.51 -1.51
C THR D 37 -35.76 -0.72 -2.70
N LEU D 38 -36.48 0.31 -3.10
CA LEU D 38 -36.11 1.11 -4.25
C LEU D 38 -35.58 2.45 -3.76
N CYS D 39 -34.27 2.62 -3.86
CA CYS D 39 -33.58 3.78 -3.31
C CYS D 39 -33.65 4.95 -4.27
N LEU D 40 -33.78 6.16 -3.71
CA LEU D 40 -33.80 7.39 -4.46
C LEU D 40 -32.56 8.24 -4.20
N GLY D 41 -31.62 7.73 -3.40
CA GLY D 41 -30.35 8.38 -3.18
C GLY D 41 -30.47 9.75 -2.54
N ASN D 42 -29.33 10.44 -2.54
CA ASN D 42 -29.19 11.77 -1.96
C ASN D 42 -29.78 11.84 -0.56
N LEU D 43 -29.18 11.09 0.36
CA LEU D 43 -29.82 10.90 1.66
C LEU D 43 -29.72 12.16 2.52
N THR D 44 -28.52 12.59 2.92
CA THR D 44 -27.23 12.26 2.30
C THR D 44 -26.17 11.61 3.22
N ASP D 45 -26.51 11.26 4.45
CA ASP D 45 -25.49 10.70 5.33
C ASP D 45 -25.42 9.17 5.20
N ARG D 46 -24.57 8.58 6.03
CA ARG D 46 -24.23 7.17 5.89
C ARG D 46 -25.13 6.28 6.73
N ALA D 47 -25.53 6.75 7.91
CA ALA D 47 -26.32 5.92 8.81
C ALA D 47 -27.65 5.53 8.18
N THR D 48 -28.27 6.46 7.46
CA THR D 48 -29.51 6.14 6.77
C THR D 48 -29.28 5.14 5.65
N TYR D 49 -28.14 5.24 4.95
CA TYR D 49 -27.78 4.19 4.02
C TYR D 49 -27.73 2.84 4.71
N ASP D 50 -27.09 2.80 5.88
CA ASP D 50 -27.06 1.56 6.65
C ASP D 50 -28.48 1.08 6.90
N TYR D 51 -29.34 1.97 7.37
CA TYR D 51 -30.69 1.58 7.73
C TYR D 51 -31.44 1.07 6.51
N LEU D 52 -31.16 1.63 5.34
CA LEU D 52 -31.91 1.24 4.17
C LEU D 52 -31.40 -0.07 3.61
N ARG D 53 -30.08 -0.26 3.64
CA ARG D 53 -29.55 -1.59 3.39
C ARG D 53 -30.17 -2.60 4.35
N SER D 54 -30.49 -2.16 5.56
CA SER D 54 -31.18 -3.02 6.50
C SER D 54 -32.64 -3.27 6.10
N ILE D 55 -33.26 -2.31 5.41
CA ILE D 55 -34.67 -2.50 5.04
C ILE D 55 -34.84 -3.67 4.09
N SER D 56 -33.89 -3.87 3.19
CA SER D 56 -33.94 -4.99 2.27
C SER D 56 -32.55 -5.22 1.72
N PRO D 57 -32.21 -6.46 1.37
CA PRO D 57 -30.96 -6.70 0.63
C PRO D 57 -31.03 -6.31 -0.83
N ASP D 58 -32.09 -5.60 -1.25
CA ASP D 58 -32.26 -5.22 -2.66
C ASP D 58 -32.57 -3.72 -2.69
N LEU D 59 -31.58 -2.93 -3.08
CA LEU D 59 -31.69 -1.47 -3.12
C LEU D 59 -31.07 -0.97 -4.42
N LYS D 60 -31.23 0.32 -4.70
CA LYS D 60 -30.54 0.95 -5.82
C LYS D 60 -30.11 2.36 -5.42
N ILE D 61 -28.90 2.49 -4.88
CA ILE D 61 -28.39 3.75 -4.36
C ILE D 61 -27.85 4.58 -5.52
N VAL D 62 -28.08 5.89 -5.45
CA VAL D 62 -27.67 6.81 -6.49
C VAL D 62 -27.04 8.05 -5.88
N ARG D 63 -26.10 8.65 -6.62
CA ARG D 63 -25.53 9.92 -6.21
C ARG D 63 -26.47 11.05 -6.61
N GLY D 64 -26.65 12.02 -5.70
CA GLY D 64 -27.52 13.15 -5.94
C GLY D 64 -26.79 14.48 -5.86
N ARG D 65 -27.55 15.55 -6.09
CA ARG D 65 -26.97 16.89 -6.13
C ARG D 65 -26.26 17.24 -4.83
N MET D 66 -26.70 16.70 -3.71
CA MET D 66 -26.01 16.88 -2.44
C MET D 66 -25.03 15.77 -2.13
N ASP D 67 -24.78 14.88 -3.08
CA ASP D 67 -23.89 13.75 -2.86
C ASP D 67 -22.53 14.00 -3.53
N VAL D 68 -21.56 14.36 -2.69
CA VAL D 68 -20.22 14.67 -3.19
C VAL D 68 -19.20 13.55 -3.02
N GLU D 69 -19.02 13.04 -1.80
CA GLU D 69 -17.86 12.22 -1.47
C GLU D 69 -17.68 11.02 -2.38
N ALA D 70 -18.68 10.15 -2.47
CA ALA D 70 -18.62 9.02 -3.39
C ALA D 70 -18.76 9.52 -4.82
N THR D 71 -17.69 10.17 -5.27
CA THR D 71 -17.61 10.63 -6.64
C THR D 71 -17.88 9.51 -7.64
N SER D 72 -17.73 8.25 -7.23
CA SER D 72 -17.80 7.13 -8.16
C SER D 72 -19.22 6.77 -8.59
N LEU D 73 -20.19 6.85 -7.69
CA LEU D 73 -21.51 6.28 -8.00
C LEU D 73 -22.21 7.10 -9.07
N PRO D 74 -22.31 6.59 -10.30
CA PRO D 74 -22.97 7.35 -11.36
C PRO D 74 -24.43 7.59 -11.02
N LEU D 75 -25.10 8.30 -11.93
CA LEU D 75 -26.41 8.81 -11.58
C LEU D 75 -27.55 8.00 -12.17
N MET D 76 -27.29 7.15 -13.16
CA MET D 76 -28.38 6.45 -13.81
C MET D 76 -28.15 4.95 -13.66
N GLN D 77 -29.26 4.21 -13.61
CA GLN D 77 -29.21 2.76 -13.59
C GLN D 77 -30.58 2.24 -13.98
N VAL D 78 -30.59 1.13 -14.72
CA VAL D 78 -31.80 0.50 -15.19
C VAL D 78 -31.83 -0.93 -14.66
N VAL D 79 -33.01 -1.38 -14.25
CA VAL D 79 -33.23 -2.78 -13.90
C VAL D 79 -34.48 -3.25 -14.62
N THR D 80 -34.60 -4.57 -14.75
CA THR D 80 -35.69 -5.18 -15.52
C THR D 80 -36.30 -6.33 -14.73
N HIS D 81 -37.60 -6.28 -14.54
CA HIS D 81 -38.37 -7.39 -13.97
C HIS D 81 -39.34 -7.88 -15.04
N GLY D 82 -39.04 -9.03 -15.62
CA GLY D 82 -39.84 -9.56 -16.71
C GLY D 82 -39.69 -8.71 -17.96
N SER D 83 -40.79 -8.09 -18.39
CA SER D 83 -40.76 -7.21 -19.55
C SER D 83 -40.72 -5.73 -19.18
N LEU D 84 -40.69 -5.40 -17.89
CA LEU D 84 -40.58 -4.02 -17.44
C LEU D 84 -39.12 -3.66 -17.20
N ARG D 85 -38.71 -2.52 -17.73
CA ARG D 85 -37.35 -2.02 -17.60
C ARG D 85 -37.37 -0.75 -16.76
N ILE D 86 -36.84 -0.84 -15.55
CA ILE D 86 -36.95 0.23 -14.57
C ILE D 86 -35.70 1.08 -14.65
N GLY D 87 -35.77 2.16 -15.40
CA GLY D 87 -34.68 3.11 -15.52
C GLY D 87 -34.90 4.28 -14.59
N PHE D 88 -33.80 4.88 -14.15
CA PHE D 88 -33.88 5.92 -13.14
C PHE D 88 -32.55 6.67 -13.05
N LEU D 89 -32.65 7.96 -12.71
CA LEU D 89 -31.49 8.82 -12.59
C LEU D 89 -31.90 10.14 -11.96
N GLU D 90 -30.94 11.07 -11.91
CA GLU D 90 -31.18 12.39 -11.33
C GLU D 90 -32.16 13.22 -12.14
N GLY D 91 -31.83 13.52 -13.39
CA GLY D 91 -32.61 14.44 -14.21
C GLY D 91 -31.92 15.78 -14.45
N PHE D 92 -30.76 15.98 -13.85
CA PHE D 92 -29.93 17.16 -14.06
C PHE D 92 -29.95 17.68 -15.49
N THR D 93 -29.89 16.80 -16.48
CA THR D 93 -30.01 17.21 -17.87
C THR D 93 -31.22 18.08 -18.13
N LEU D 94 -32.24 18.00 -17.30
CA LEU D 94 -33.48 18.70 -17.59
C LEU D 94 -33.37 20.17 -17.17
N VAL D 95 -33.83 21.03 -18.08
CA VAL D 95 -34.09 22.42 -17.73
C VAL D 95 -35.55 22.63 -17.35
N SER D 96 -36.42 21.75 -17.84
CA SER D 96 -37.81 21.67 -17.42
C SER D 96 -38.30 20.27 -17.78
N GLU D 97 -39.38 19.84 -17.14
CA GLU D 97 -39.88 18.47 -17.27
C GLU D 97 -40.57 18.26 -18.59
N GLU D 98 -39.93 18.69 -19.67
CA GLU D 98 -40.55 18.61 -20.97
C GLU D 98 -40.67 17.16 -21.42
N PRO D 99 -41.90 16.68 -21.61
CA PRO D 99 -42.11 15.26 -21.95
C PRO D 99 -41.24 14.78 -23.10
N ASP D 100 -40.93 15.65 -24.05
CA ASP D 100 -40.02 15.23 -25.11
C ASP D 100 -38.68 14.79 -24.54
N VAL D 101 -38.08 15.61 -23.67
CA VAL D 101 -36.79 15.25 -23.12
C VAL D 101 -36.91 14.01 -22.25
N LEU D 102 -38.02 13.93 -21.51
CA LEU D 102 -38.24 12.78 -20.65
C LEU D 102 -38.27 11.48 -21.44
N LEU D 103 -39.19 11.38 -22.41
CA LEU D 103 -39.30 10.17 -23.21
C LEU D 103 -38.04 9.93 -24.03
N ALA D 104 -37.35 11.00 -24.43
CA ALA D 104 -36.13 10.84 -25.21
C ALA D 104 -35.05 10.17 -24.38
N GLU D 105 -34.83 10.66 -23.17
CA GLU D 105 -33.85 10.02 -22.32
C GLU D 105 -34.29 8.61 -21.98
N ALA D 106 -35.60 8.40 -21.80
CA ALA D 106 -36.10 7.05 -21.56
C ALA D 106 -35.71 6.13 -22.70
N ASN D 107 -35.82 6.61 -23.95
CA ASN D 107 -35.42 5.80 -25.09
C ASN D 107 -33.92 5.57 -25.11
N LYS D 108 -33.15 6.58 -24.75
CA LYS D 108 -31.73 6.36 -24.50
C LYS D 108 -31.55 5.22 -23.50
N LEU D 109 -32.46 5.12 -22.54
CA LEU D 109 -32.44 4.09 -21.53
C LEU D 109 -33.23 2.86 -21.93
N ASP D 110 -34.18 3.00 -22.84
CA ASP D 110 -35.12 1.93 -23.18
C ASP D 110 -35.93 1.53 -21.95
N VAL D 111 -36.58 2.53 -21.35
CA VAL D 111 -37.35 2.33 -20.13
C VAL D 111 -38.66 3.11 -20.21
N ASP D 112 -39.63 2.68 -19.41
CA ASP D 112 -40.90 3.39 -19.26
C ASP D 112 -41.12 3.86 -17.83
N VAL D 113 -40.18 3.59 -16.94
CA VAL D 113 -40.32 3.90 -15.52
C VAL D 113 -39.70 5.27 -15.27
N LEU D 114 -40.29 6.03 -14.35
CA LEU D 114 -39.94 7.42 -14.13
C LEU D 114 -39.55 7.66 -12.67
N CYS D 115 -38.31 8.07 -12.47
CA CYS D 115 -37.75 8.37 -11.17
C CYS D 115 -36.64 9.39 -11.32
N TRP D 116 -36.67 10.43 -10.49
CA TRP D 116 -35.74 11.53 -10.60
C TRP D 116 -35.84 12.46 -9.41
N ALA D 117 -35.08 13.56 -9.47
CA ALA D 117 -35.18 14.63 -8.49
C ALA D 117 -35.07 15.95 -9.25
N GLY D 118 -36.20 16.62 -9.41
CA GLY D 118 -36.27 17.88 -10.11
C GLY D 118 -36.01 19.06 -9.20
N GLY D 119 -37.06 19.88 -9.00
CA GLY D 119 -36.89 21.07 -8.20
C GLY D 119 -37.99 21.36 -7.20
N SER D 120 -39.13 20.65 -7.24
CA SER D 120 -40.33 21.24 -6.65
C SER D 120 -41.10 20.33 -5.69
N HIS D 121 -41.06 19.00 -5.87
CA HIS D 121 -42.03 18.09 -5.23
C HIS D 121 -43.46 18.44 -5.66
N ARG D 122 -43.76 18.19 -6.93
CA ARG D 122 -45.12 18.35 -7.43
C ARG D 122 -45.48 17.17 -8.31
N PHE D 123 -46.48 16.40 -7.88
CA PHE D 123 -46.91 15.24 -8.64
C PHE D 123 -47.98 15.58 -9.67
N GLU D 124 -47.92 14.89 -10.80
CA GLU D 124 -49.06 14.75 -11.70
C GLU D 124 -48.86 13.47 -12.48
N CYS D 125 -49.95 12.97 -13.06
CA CYS D 125 -49.89 11.74 -13.82
C CYS D 125 -50.90 11.79 -14.95
N PHE D 126 -50.52 11.18 -16.07
CA PHE D 126 -51.37 11.08 -17.25
C PHE D 126 -50.63 10.25 -18.28
N GLU D 127 -51.33 9.92 -19.36
CA GLU D 127 -50.76 9.20 -20.49
C GLU D 127 -50.52 10.15 -21.65
N TYR D 128 -49.38 9.99 -22.32
CA TYR D 128 -49.12 10.71 -23.55
C TYR D 128 -47.97 10.04 -24.28
N MET D 129 -48.21 9.66 -25.54
CA MET D 129 -47.19 9.06 -26.40
C MET D 129 -46.60 7.81 -25.76
N ASP D 130 -47.45 6.81 -25.54
CA ASP D 130 -47.06 5.44 -25.18
C ASP D 130 -46.43 5.33 -23.79
N LYS D 131 -46.23 6.45 -23.09
CA LYS D 131 -45.60 6.37 -21.78
C LYS D 131 -46.45 7.08 -20.74
N PHE D 132 -46.30 6.62 -19.50
CA PHE D 132 -46.97 7.16 -18.34
C PHE D 132 -45.94 7.91 -17.52
N PHE D 133 -46.40 8.89 -16.73
CA PHE D 133 -45.48 9.84 -16.12
C PHE D 133 -45.74 9.92 -14.63
N VAL D 134 -44.84 9.34 -13.85
CA VAL D 134 -45.01 9.15 -12.41
C VAL D 134 -43.86 9.82 -11.67
N ASN D 135 -44.20 10.67 -10.71
CA ASN D 135 -43.23 11.39 -9.88
C ASN D 135 -42.76 10.50 -8.73
N PRO D 136 -41.46 10.29 -8.55
CA PRO D 136 -40.99 9.48 -7.42
C PRO D 136 -41.23 10.08 -6.06
N GLY D 137 -41.46 11.40 -5.96
CA GLY D 137 -41.81 12.04 -4.70
C GLY D 137 -40.80 11.80 -3.58
N SER D 138 -41.25 12.04 -2.35
CA SER D 138 -40.43 11.94 -1.16
C SER D 138 -41.13 11.04 -0.15
N ALA D 139 -40.63 10.99 1.08
CA ALA D 139 -41.31 10.22 2.11
C ALA D 139 -42.68 10.78 2.42
N THR D 140 -42.74 12.03 2.90
CA THR D 140 -44.00 12.71 3.09
C THR D 140 -44.08 13.97 2.22
N GLY D 141 -43.17 14.13 1.26
CA GLY D 141 -43.16 15.33 0.47
C GLY D 141 -42.36 16.46 1.05
N ALA D 142 -41.06 16.24 1.27
CA ALA D 142 -40.20 17.28 1.81
C ALA D 142 -40.12 18.47 0.85
N PHE D 143 -39.33 19.47 1.20
CA PHE D 143 -39.43 20.73 0.47
C PHE D 143 -38.86 20.62 -0.95
N THR D 144 -38.79 21.77 -1.61
CA THR D 144 -38.73 21.90 -3.06
C THR D 144 -37.38 21.44 -3.63
N THR D 145 -37.38 20.19 -4.11
CA THR D 145 -36.21 19.69 -4.83
C THR D 145 -36.55 18.67 -5.92
N ASP D 146 -37.82 18.41 -6.21
CA ASP D 146 -38.10 17.36 -7.20
C ASP D 146 -39.40 17.60 -7.97
N TRP D 147 -39.27 18.11 -9.20
CA TRP D 147 -40.41 18.12 -10.13
C TRP D 147 -41.08 16.76 -10.24
N VAL D 154 -46.17 17.95 -4.01
CA VAL D 154 -45.96 17.61 -2.60
C VAL D 154 -46.88 16.45 -2.24
N VAL D 155 -46.44 15.24 -2.54
CA VAL D 155 -47.16 14.03 -2.18
C VAL D 155 -46.28 13.19 -1.26
N PRO D 156 -46.82 12.62 -0.19
CA PRO D 156 -46.09 11.55 0.49
C PRO D 156 -46.00 10.36 -0.44
N SER D 157 -44.80 10.10 -0.94
CA SER D 157 -44.63 9.11 -1.99
C SER D 157 -44.20 7.80 -1.35
N PHE D 158 -45.08 6.80 -1.49
CA PHE D 158 -44.78 5.43 -1.13
C PHE D 158 -45.96 4.56 -1.57
N CYS D 159 -45.62 3.44 -2.22
CA CYS D 159 -46.60 2.59 -2.85
C CYS D 159 -46.12 1.15 -2.80
N LEU D 160 -46.97 0.27 -2.29
CA LEU D 160 -46.68 -1.15 -2.29
C LEU D 160 -46.80 -1.64 -3.72
N MET D 161 -45.67 -1.68 -4.41
CA MET D 161 -45.64 -1.90 -5.85
C MET D 161 -44.98 -3.24 -6.17
N ASP D 162 -45.78 -4.16 -6.70
CA ASP D 162 -45.27 -5.40 -7.26
C ASP D 162 -45.23 -5.22 -8.77
N VAL D 163 -44.10 -5.57 -9.38
CA VAL D 163 -43.95 -5.54 -10.83
C VAL D 163 -44.25 -6.93 -11.38
N GLN D 164 -45.19 -7.00 -12.32
CA GLN D 164 -45.52 -8.24 -13.00
C GLN D 164 -45.64 -7.96 -14.49
N GLY D 165 -44.87 -8.69 -15.28
CA GLY D 165 -44.93 -8.52 -16.73
C GLY D 165 -44.68 -7.07 -17.11
N ILE D 166 -45.74 -6.41 -17.54
CA ILE D 166 -45.70 -4.99 -17.91
C ILE D 166 -46.39 -4.16 -16.84
N SER D 167 -46.94 -4.83 -15.83
CA SER D 167 -47.75 -4.17 -14.83
C SER D 167 -46.95 -3.88 -13.56
N LEU D 168 -47.26 -2.74 -12.96
CA LEU D 168 -46.83 -2.39 -11.61
C LEU D 168 -48.06 -1.99 -10.82
N THR D 169 -48.33 -2.70 -9.73
CA THR D 169 -49.44 -2.40 -8.86
C THR D 169 -49.08 -1.21 -7.98
N LEU D 170 -49.47 -0.02 -8.40
CA LEU D 170 -49.16 1.21 -7.67
C LEU D 170 -50.22 1.43 -6.60
N TYR D 171 -49.83 1.24 -5.34
CA TYR D 171 -50.71 1.48 -4.21
C TYR D 171 -50.45 2.87 -3.66
N VAL D 172 -51.19 3.85 -4.16
CA VAL D 172 -50.96 5.25 -3.83
C VAL D 172 -51.26 5.46 -2.35
N TYR D 173 -50.19 5.59 -1.57
CA TYR D 173 -50.28 5.74 -0.14
C TYR D 173 -49.64 7.08 0.24
N GLN D 174 -50.25 7.79 1.17
CA GLN D 174 -49.70 9.06 1.65
C GLN D 174 -49.82 9.17 3.15
N LEU D 175 -48.93 9.97 3.74
CA LEU D 175 -49.01 10.37 5.15
C LEU D 175 -49.38 11.84 5.16
N ARG D 176 -50.68 12.10 5.08
CA ARG D 176 -51.18 13.46 4.89
C ARG D 176 -51.53 14.11 6.23
N LYS D 177 -51.15 15.38 6.36
CA LYS D 177 -51.39 16.17 7.56
C LYS D 177 -52.82 16.68 7.55
N ASP D 178 -53.44 16.73 8.73
CA ASP D 178 -54.74 17.38 8.89
C ASP D 178 -55.04 17.66 10.37
N THR D 182 -51.94 17.00 11.18
CA THR D 182 -52.04 15.63 11.67
C THR D 182 -51.77 14.62 10.56
N GLU D 183 -50.52 14.21 10.44
CA GLU D 183 -50.11 13.24 9.42
C GLU D 183 -50.81 11.92 9.69
N ASN D 184 -51.42 11.36 8.66
CA ASN D 184 -52.22 10.15 8.78
C ASN D 184 -51.95 9.24 7.59
N VAL D 185 -51.85 7.94 7.85
CA VAL D 185 -51.49 6.97 6.82
C VAL D 185 -52.67 6.77 5.86
N ALA D 186 -52.37 6.56 4.59
CA ALA D 186 -53.38 6.37 3.56
C ALA D 186 -53.19 5.02 2.88
N VAL D 187 -54.31 4.34 2.62
CA VAL D 187 -54.32 3.10 1.86
C VAL D 187 -55.22 3.29 0.64
N GLU D 188 -54.59 3.61 -0.49
CA GLU D 188 -55.29 3.80 -1.76
C GLU D 188 -54.41 3.25 -2.86
N LYS D 189 -54.99 3.04 -4.04
CA LYS D 189 -54.28 2.44 -5.16
C LYS D 189 -54.65 3.11 -6.47
N VAL D 190 -53.64 3.52 -7.23
CA VAL D 190 -53.82 4.00 -8.60
C VAL D 190 -52.75 3.32 -9.47
N THR D 191 -53.12 2.19 -10.06
CA THR D 191 -52.18 1.27 -10.69
C THR D 191 -52.01 1.59 -12.17
N TYR D 192 -50.79 1.40 -12.66
CA TYR D 192 -50.47 1.57 -14.07
C TYR D 192 -49.70 0.36 -14.57
N THR D 193 -50.01 -0.08 -15.79
CA THR D 193 -49.29 -1.17 -16.45
C THR D 193 -48.80 -0.66 -17.79
N LYS D 194 -47.61 -1.09 -18.19
CA LYS D 194 -47.00 -0.59 -19.41
C LYS D 194 -47.88 -0.91 -20.61
N PRO D 195 -48.22 0.08 -21.44
CA PRO D 195 -48.80 -0.23 -22.76
C PRO D 195 -47.72 -0.70 -23.71
N VAL D 196 -47.97 -1.84 -24.34
CA VAL D 196 -47.02 -2.41 -25.29
C VAL D 196 -47.74 -3.29 -26.29
#